data_4YZ2
#
_entry.id   4YZ2
#
_cell.length_a   73.300
_cell.length_b   136.710
_cell.length_c   150.790
_cell.angle_alpha   90.000
_cell.angle_beta   90.000
_cell.angle_gamma   90.000
#
_symmetry.space_group_name_H-M   'P 21 21 21'
#
loop_
_entity.id
_entity.type
_entity.pdbx_description
1 polymer 'Sialidase NanC'
2 non-polymer '2-DEOXY-2,3-DEHYDRO-N-ACETYL-NEURAMINIC ACID'
3 non-polymer 'SULFATE ION'
4 water water
#
_entity_poly.entity_id   1
_entity_poly.type   'polypeptide(L)'
_entity_poly.pdbx_seq_one_letter_code
;MAHHHHHHSSGLEVLFQGPNTPVLEKNNVTLTGGGENVTKELKDKFTSGDFTVVIKYNQSSEKGLQALFGISNSKPGQQN
SYVDVFLRDNGELGMEARDTSSNKNNLVSRPASVWGKYKQEAVTNTVAVVADSVKKTYSLYANGTKVVEKKVDNFLNIKD
IKGIDYYMLGGVKRAGKTAFGFNGTLENIKFFNSALDEETVKKMTTNAVTGHLIYTANDTTGSNYFRIPVLYTFSNGRVF
SSIDARYGGTHDFLNKINIATSYSDDNGKTWTKPKLTLAFDDFAPVPLEWPREVGGRDLQISGGATYIDSVIVEKKNKQV
LMFADVMPAGVSFREATRKDSGYKQIDGNYYLKLRKQGDTDYNYTIRENGTVYDDRTNRPTEFSVDKNFGIKQNGNYLTV
EQYSVSFENNKKTEYRNGTKVHMNIFYKDALFKVVPTNYIAYISSNDHGESWSAPTLLPPIMGLNRNAPYLGPGRGIIES
STGRILIPSYTGKESAFIYSDDNGASWKVKVVPLPSSWSAEAQFVELSPGVIQAYMRTNNGKIAYLTSKDAGTTWSAPEY
LKFVSNPSYGTQLSIINYSQLIDGKKAVILSTPNSTNGRKHGQIWIGLINDDNTIDWRYHHDVDYSNYGYSYSTLTELPN
HEIGLMFEKFDSWSRNELHMKNVVPYITFKIEDLKKN
;
_entity_poly.pdbx_strand_id   A,B
#
loop_
_chem_comp.id
_chem_comp.type
_chem_comp.name
_chem_comp.formula
DAN D-saccharide '2-DEOXY-2,3-DEHYDRO-N-ACETYL-NEURAMINIC ACID' 'C11 H17 N O8'
SO4 non-polymer 'SULFATE ION' 'O4 S -2'
#
# COMPACT_ATOMS: atom_id res chain seq x y z
N THR A 21 7.88 51.77 43.32
CA THR A 21 8.33 50.75 44.39
C THR A 21 7.34 50.24 45.46
N PRO A 22 7.50 48.97 45.87
CA PRO A 22 6.50 48.42 46.83
C PRO A 22 6.54 49.01 48.22
N VAL A 23 5.37 49.13 48.85
CA VAL A 23 5.31 49.48 50.30
C VAL A 23 5.48 48.27 51.20
N LEU A 24 5.20 47.08 50.66
CA LEU A 24 5.48 45.82 51.33
C LEU A 24 5.77 44.80 50.30
N GLU A 25 6.80 44.00 50.55
CA GLU A 25 7.11 42.82 49.74
C GLU A 25 7.45 41.66 50.68
N LYS A 26 6.76 40.55 50.51
CA LYS A 26 7.00 39.35 51.29
C LYS A 26 7.26 38.18 50.35
N ASN A 27 7.91 37.15 50.89
CA ASN A 27 8.32 35.99 50.13
C ASN A 27 8.22 34.66 50.82
N ASN A 28 8.03 33.62 50.01
N ASN A 28 8.05 33.61 50.00
CA ASN A 28 7.93 32.23 50.46
CA ASN A 28 7.90 32.23 50.44
C ASN A 28 7.05 32.07 51.70
C ASN A 28 7.05 32.06 51.68
N VAL A 29 5.81 32.53 51.58
CA VAL A 29 4.83 32.44 52.66
C VAL A 29 4.04 31.21 52.37
N THR A 30 4.29 30.13 53.12
CA THR A 30 3.59 28.86 52.93
C THR A 30 2.41 28.77 53.91
N LEU A 31 1.24 28.39 53.39
CA LEU A 31 0.02 28.50 54.16
C LEU A 31 -0.90 27.38 53.88
N THR A 32 -1.63 26.95 54.92
CA THR A 32 -2.63 25.94 54.80
C THR A 32 -3.84 26.49 55.45
N GLY A 33 -4.42 27.47 54.78
CA GLY A 33 -5.67 28.05 55.22
C GLY A 33 -5.65 29.03 56.36
N GLY A 34 -4.53 29.18 57.07
CA GLY A 34 -4.49 29.95 58.30
C GLY A 34 -4.15 31.44 58.17
N GLY A 35 -3.53 31.82 57.06
CA GLY A 35 -3.26 33.22 56.76
C GLY A 35 -2.07 33.82 57.50
N GLU A 36 -1.67 35.02 57.12
CA GLU A 36 -0.64 35.74 57.88
C GLU A 36 -1.00 37.23 58.03
N ASN A 37 -0.90 37.69 59.26
CA ASN A 37 -1.22 39.06 59.58
C ASN A 37 -0.10 40.03 59.18
N VAL A 38 -0.41 40.97 58.29
CA VAL A 38 0.54 42.02 57.92
C VAL A 38 -0.02 43.43 58.24
N THR A 39 -0.84 43.57 59.27
CA THR A 39 -1.51 44.82 59.60
C THR A 39 -0.51 45.92 59.96
N LYS A 40 0.37 45.62 60.90
CA LYS A 40 1.45 46.56 61.26
C LYS A 40 2.19 47.11 60.01
N GLU A 41 2.47 46.24 59.03
CA GLU A 41 3.29 46.59 57.85
C GLU A 41 2.60 47.50 56.85
N LEU A 42 1.27 47.41 56.80
CA LEU A 42 0.48 48.12 55.77
C LEU A 42 -0.52 49.22 56.24
N LYS A 43 -0.95 49.17 57.50
CA LYS A 43 -1.92 50.18 57.96
C LYS A 43 -1.23 51.52 57.76
N ASP A 44 -1.87 52.54 57.20
CA ASP A 44 -1.10 53.82 57.04
C ASP A 44 -0.21 53.88 55.80
N LYS A 45 -0.14 52.82 54.98
CA LYS A 45 0.67 52.90 53.75
C LYS A 45 -0.17 53.44 52.59
N PHE A 46 -1.50 53.32 52.65
CA PHE A 46 -2.34 53.60 51.48
C PHE A 46 -3.01 54.98 51.54
N THR A 47 -2.23 56.02 51.25
CA THR A 47 -2.67 57.38 51.47
C THR A 47 -3.78 57.82 50.48
N SER A 48 -3.62 57.65 49.17
CA SER A 48 -4.75 57.87 48.23
C SER A 48 -5.90 56.83 48.35
N GLY A 49 -5.55 55.59 48.73
CA GLY A 49 -6.50 54.49 48.72
C GLY A 49 -6.44 53.64 47.48
N ASP A 50 -5.85 54.14 46.40
CA ASP A 50 -5.58 53.29 45.23
C ASP A 50 -4.50 52.22 45.55
N PHE A 51 -4.49 51.15 44.75
CA PHE A 51 -3.55 50.07 45.02
C PHE A 51 -3.31 49.20 43.81
N THR A 52 -2.14 48.56 43.83
CA THR A 52 -1.80 47.48 42.95
C THR A 52 -1.21 46.38 43.82
N VAL A 53 -1.65 45.13 43.60
CA VAL A 53 -1.04 44.02 44.31
C VAL A 53 -0.66 43.01 43.28
N VAL A 54 0.60 42.56 43.31
CA VAL A 54 1.16 41.55 42.36
C VAL A 54 1.55 40.31 43.16
N ILE A 55 0.96 39.19 42.77
CA ILE A 55 1.09 37.92 43.53
C ILE A 55 1.59 36.77 42.65
N LYS A 56 2.75 36.28 43.03
CA LYS A 56 3.31 35.05 42.43
C LYS A 56 3.10 33.96 43.46
N TYR A 57 2.38 32.92 43.04
CA TYR A 57 1.90 31.91 43.97
C TYR A 57 1.81 30.59 43.27
N ASN A 58 1.70 29.54 44.06
CA ASN A 58 1.22 28.24 43.56
C ASN A 58 0.31 27.63 44.64
N GLN A 59 -0.78 27.00 44.21
CA GLN A 59 -1.67 26.38 45.18
C GLN A 59 -1.32 24.94 45.49
N SER A 60 -1.41 24.55 46.75
CA SER A 60 -1.18 23.15 47.19
C SER A 60 -2.48 22.33 47.12
N SER A 61 -3.60 23.05 47.16
CA SER A 61 -4.92 22.49 47.03
C SER A 61 -5.78 23.58 46.40
N GLU A 62 -6.58 23.21 45.44
CA GLU A 62 -7.43 24.15 44.71
C GLU A 62 -8.87 24.28 45.22
N LYS A 63 -9.26 23.46 46.20
CA LYS A 63 -10.66 23.36 46.60
C LYS A 63 -11.10 24.62 47.32
N GLY A 64 -12.30 25.08 46.99
CA GLY A 64 -12.94 26.17 47.71
C GLY A 64 -12.49 27.53 47.19
N LEU A 65 -13.12 28.57 47.71
CA LEU A 65 -12.82 29.91 47.31
C LEU A 65 -11.64 30.38 48.17
N GLN A 66 -10.55 30.82 47.54
CA GLN A 66 -9.32 31.23 48.28
C GLN A 66 -8.81 32.66 47.92
N ALA A 67 -8.63 33.47 48.96
CA ALA A 67 -8.12 34.84 48.86
C ALA A 67 -6.61 34.87 48.95
N LEU A 68 -5.96 35.53 47.99
CA LEU A 68 -4.50 35.68 48.03
C LEU A 68 -4.09 36.70 49.11
N PHE A 69 -4.94 37.70 49.32
CA PHE A 69 -4.76 38.66 50.40
C PHE A 69 -6.13 39.29 50.69
N GLY A 70 -6.23 39.96 51.82
CA GLY A 70 -7.47 40.53 52.21
C GLY A 70 -7.25 41.75 53.06
N ILE A 71 -7.96 42.83 52.70
CA ILE A 71 -7.87 44.09 53.43
C ILE A 71 -9.29 44.34 53.91
N SER A 72 -9.47 44.34 55.21
CA SER A 72 -10.80 44.32 55.79
C SER A 72 -10.94 45.19 57.02
N ASN A 73 -12.21 45.48 57.30
CA ASN A 73 -12.64 45.88 58.66
C ASN A 73 -13.06 44.60 59.36
N SER A 74 -12.30 44.21 60.37
CA SER A 74 -12.43 42.90 60.99
C SER A 74 -13.41 42.84 62.17
N LYS A 75 -14.02 43.98 62.53
CA LYS A 75 -14.83 44.03 63.73
C LYS A 75 -16.19 43.36 63.50
N PRO A 76 -16.83 42.92 64.61
CA PRO A 76 -18.24 42.43 64.49
C PRO A 76 -19.18 43.41 63.73
N GLY A 77 -20.08 42.88 62.91
CA GLY A 77 -20.98 43.68 62.07
C GLY A 77 -20.41 44.18 60.74
N GLN A 78 -19.08 44.14 60.58
CA GLN A 78 -18.38 44.69 59.39
C GLN A 78 -17.81 43.64 58.41
N GLN A 79 -18.40 42.45 58.40
CA GLN A 79 -17.97 41.32 57.58
C GLN A 79 -18.12 41.57 56.06
N ASN A 80 -18.92 42.53 55.64
CA ASN A 80 -19.00 42.90 54.25
C ASN A 80 -18.21 44.20 53.92
N SER A 81 -17.13 44.45 54.66
CA SER A 81 -16.24 45.58 54.42
C SER A 81 -14.81 45.04 54.16
N TYR A 82 -14.54 44.71 52.90
CA TYR A 82 -13.22 44.25 52.54
C TYR A 82 -12.92 44.36 51.06
N VAL A 83 -11.63 44.20 50.79
CA VAL A 83 -11.07 44.05 49.47
C VAL A 83 -10.25 42.75 49.44
N ASP A 84 -10.39 42.00 48.35
CA ASP A 84 -9.58 40.82 48.14
C ASP A 84 -9.35 40.50 46.69
N VAL A 85 -8.37 39.66 46.46
CA VAL A 85 -8.28 38.96 45.21
C VAL A 85 -8.42 37.46 45.51
N PHE A 86 -9.20 36.76 44.70
CA PHE A 86 -9.55 35.35 44.96
C PHE A 86 -9.40 34.43 43.76
N LEU A 87 -9.26 33.14 44.09
CA LEU A 87 -9.17 32.06 43.12
C LEU A 87 -10.27 31.06 43.42
N ARG A 88 -10.80 30.50 42.36
CA ARG A 88 -11.80 29.45 42.48
C ARG A 88 -11.17 28.14 42.03
N ASP A 89 -11.81 27.02 42.37
CA ASP A 89 -11.38 25.70 41.94
C ASP A 89 -11.60 25.37 40.43
N ASN A 90 -12.13 26.33 39.65
CA ASN A 90 -12.20 26.25 38.19
C ASN A 90 -11.20 27.16 37.44
N GLY A 91 -10.29 27.81 38.13
CA GLY A 91 -9.27 28.61 37.50
C GLY A 91 -9.69 30.04 37.35
N GLU A 92 -10.88 30.41 37.83
CA GLU A 92 -11.33 31.79 37.73
C GLU A 92 -10.48 32.63 38.67
N LEU A 93 -10.07 33.79 38.19
CA LEU A 93 -9.48 34.83 39.05
C LEU A 93 -10.49 36.00 39.16
N GLY A 94 -10.69 36.48 40.38
CA GLY A 94 -11.59 37.61 40.63
C GLY A 94 -11.09 38.51 41.76
N MET A 95 -11.81 39.59 41.95
CA MET A 95 -11.60 40.49 43.11
C MET A 95 -12.91 41.00 43.62
N GLU A 96 -12.99 41.20 44.93
CA GLU A 96 -14.13 41.89 45.53
C GLU A 96 -13.67 43.18 46.20
N ALA A 97 -14.56 44.15 46.20
CA ALA A 97 -14.38 45.38 46.99
C ALA A 97 -15.76 45.76 47.52
N ARG A 98 -15.92 45.66 48.83
CA ARG A 98 -17.22 45.77 49.48
C ARG A 98 -17.19 46.67 50.71
N ASP A 99 -18.31 47.39 50.94
CA ASP A 99 -18.51 48.22 52.11
C ASP A 99 -19.89 47.97 52.72
N THR A 100 -19.87 47.62 54.00
CA THR A 100 -21.02 47.17 54.72
C THR A 100 -22.09 48.28 54.80
N SER A 101 -21.76 49.41 55.42
CA SER A 101 -22.77 50.39 55.79
C SER A 101 -23.42 51.07 54.56
N SER A 102 -22.72 51.13 53.43
CA SER A 102 -23.34 51.65 52.20
C SER A 102 -23.91 50.53 51.30
N ASN A 103 -23.88 49.28 51.75
CA ASN A 103 -24.26 48.14 50.92
C ASN A 103 -23.75 48.20 49.47
N LYS A 104 -22.46 48.55 49.32
CA LYS A 104 -21.79 48.51 48.03
C LYS A 104 -20.92 47.23 47.87
N ASN A 105 -21.17 46.50 46.78
CA ASN A 105 -20.58 45.18 46.54
C ASN A 105 -20.06 45.05 45.13
N ASN A 106 -18.78 45.35 44.92
CA ASN A 106 -18.13 45.20 43.61
C ASN A 106 -17.46 43.81 43.44
N LEU A 107 -17.68 43.20 42.27
CA LEU A 107 -17.05 41.93 41.92
C LEU A 107 -16.61 42.01 40.50
N VAL A 108 -15.32 41.76 40.26
CA VAL A 108 -14.79 41.75 38.89
C VAL A 108 -14.02 40.43 38.78
N SER A 109 -14.14 39.72 37.65
CA SER A 109 -13.48 38.43 37.48
C SER A 109 -13.37 38.02 36.03
N ARG A 110 -12.48 37.04 35.74
CA ARG A 110 -12.61 36.32 34.52
C ARG A 110 -12.39 34.86 34.76
N PRO A 111 -13.30 34.05 34.25
CA PRO A 111 -13.03 32.61 34.16
C PRO A 111 -11.73 32.22 33.49
N ALA A 112 -11.24 31.04 33.88
CA ALA A 112 -10.16 30.36 33.16
C ALA A 112 -8.88 31.20 33.07
N SER A 113 -8.56 31.82 34.22
CA SER A 113 -7.48 32.79 34.31
C SER A 113 -6.15 32.23 34.76
N VAL A 114 -6.15 31.19 35.58
CA VAL A 114 -4.89 30.59 36.05
C VAL A 114 -4.77 29.08 35.70
N TRP A 115 -3.60 28.51 35.95
CA TRP A 115 -3.38 27.09 35.89
C TRP A 115 -3.31 26.50 37.30
N GLY A 116 -3.63 25.23 37.43
CA GLY A 116 -3.64 24.53 38.74
C GLY A 116 -2.39 23.70 38.90
N LYS A 117 -2.35 22.59 38.18
CA LYS A 117 -1.21 21.68 38.18
C LYS A 117 -0.85 21.34 36.73
N TYR A 118 0.34 20.75 36.65
CA TYR A 118 1.02 20.39 35.40
C TYR A 118 2.03 19.31 35.72
N LYS A 119 1.83 18.12 35.17
CA LYS A 119 2.75 17.00 35.37
C LYS A 119 3.12 16.79 36.83
N GLN A 120 2.10 16.71 37.68
CA GLN A 120 2.23 16.37 39.13
C GLN A 120 2.72 17.52 40.04
N GLU A 121 2.96 18.72 39.52
CA GLU A 121 3.46 19.88 40.31
C GLU A 121 2.48 21.04 40.29
N ALA A 122 2.33 21.71 41.43
CA ALA A 122 1.56 22.96 41.48
C ALA A 122 2.15 23.97 40.52
N VAL A 123 1.33 24.65 39.71
CA VAL A 123 1.86 25.65 38.78
C VAL A 123 2.02 27.00 39.43
N THR A 124 3.17 27.63 39.17
CA THR A 124 3.39 28.98 39.55
C THR A 124 2.62 29.89 38.61
N ASN A 125 1.72 30.72 39.15
CA ASN A 125 1.10 31.80 38.40
C ASN A 125 1.48 33.17 38.95
N THR A 126 1.29 34.20 38.14
CA THR A 126 1.48 35.55 38.58
C THR A 126 0.28 36.36 38.19
N VAL A 127 -0.41 36.88 39.20
CA VAL A 127 -1.67 37.60 38.96
C VAL A 127 -1.55 38.95 39.61
N ALA A 128 -2.39 39.88 39.18
CA ALA A 128 -2.36 41.23 39.72
C ALA A 128 -3.73 41.87 39.65
N VAL A 129 -4.00 42.75 40.61
CA VAL A 129 -5.16 43.65 40.59
C VAL A 129 -4.65 45.11 40.62
N VAL A 130 -5.33 45.97 39.87
CA VAL A 130 -5.13 47.40 39.90
C VAL A 130 -6.47 48.11 40.14
N ALA A 131 -6.55 48.87 41.22
CA ALA A 131 -7.68 49.74 41.50
C ALA A 131 -7.25 51.20 41.24
N ASP A 132 -7.97 51.84 40.31
CA ASP A 132 -7.69 53.22 39.86
C ASP A 132 -8.94 54.09 40.07
N SER A 133 -9.00 54.83 41.17
CA SER A 133 -10.15 55.68 41.48
C SER A 133 -10.39 56.83 40.51
N VAL A 134 -9.37 57.31 39.81
CA VAL A 134 -9.55 58.35 38.81
C VAL A 134 -10.36 57.81 37.65
N LYS A 135 -9.96 56.65 37.11
CA LYS A 135 -10.76 55.96 36.08
C LYS A 135 -11.97 55.16 36.61
N LYS A 136 -12.12 55.05 37.93
CA LYS A 136 -13.14 54.18 38.59
C LYS A 136 -13.14 52.74 38.04
N THR A 137 -11.94 52.21 37.79
CA THR A 137 -11.81 50.84 37.27
C THR A 137 -11.00 49.90 38.19
N TYR A 138 -11.40 48.63 38.14
CA TYR A 138 -10.58 47.53 38.63
C TYR A 138 -10.11 46.75 37.42
N SER A 139 -8.83 46.38 37.42
CA SER A 139 -8.27 45.51 36.39
C SER A 139 -7.55 44.33 37.01
N LEU A 140 -7.65 43.19 36.34
CA LEU A 140 -7.01 41.95 36.80
C LEU A 140 -6.09 41.41 35.69
N TYR A 141 -4.94 40.94 36.10
CA TYR A 141 -3.95 40.35 35.19
C TYR A 141 -3.60 38.93 35.65
N ALA A 142 -3.25 38.09 34.69
CA ALA A 142 -2.82 36.72 34.98
C ALA A 142 -1.87 36.27 33.92
N ASN A 143 -0.67 35.96 34.35
CA ASN A 143 0.33 35.34 33.47
C ASN A 143 0.57 36.10 32.18
N GLY A 144 0.58 37.45 32.29
CA GLY A 144 0.92 38.34 31.15
C GLY A 144 -0.24 38.85 30.33
N THR A 145 -1.45 38.46 30.67
CA THR A 145 -2.63 38.99 30.01
C THR A 145 -3.50 39.79 30.98
N LYS A 146 -4.07 40.89 30.50
CA LYS A 146 -5.07 41.62 31.27
C LYS A 146 -6.35 40.86 31.00
N VAL A 147 -6.74 40.04 31.94
CA VAL A 147 -7.91 39.19 31.76
C VAL A 147 -9.19 40.00 31.91
N VAL A 148 -9.18 41.06 32.70
CA VAL A 148 -10.39 41.89 32.78
C VAL A 148 -10.09 43.30 33.25
N GLU A 149 -10.86 44.24 32.70
CA GLU A 149 -10.90 45.64 33.15
C GLU A 149 -12.34 46.13 33.15
N LYS A 150 -12.80 46.66 34.29
CA LYS A 150 -14.20 46.95 34.49
C LYS A 150 -14.35 48.31 35.19
N LYS A 151 -14.96 49.27 34.49
CA LYS A 151 -15.42 50.52 35.09
C LYS A 151 -16.66 50.25 35.91
N VAL A 152 -16.68 50.70 37.17
CA VAL A 152 -17.86 50.50 38.04
C VAL A 152 -18.32 51.83 38.67
N ASP A 153 -19.63 52.05 38.67
CA ASP A 153 -20.20 53.28 39.23
C ASP A 153 -20.05 53.30 40.75
N ASN A 154 -20.29 52.17 41.41
CA ASN A 154 -20.05 52.06 42.87
C ASN A 154 -18.60 51.80 43.31
N PHE A 155 -17.64 52.50 42.72
CA PHE A 155 -16.21 52.24 42.95
C PHE A 155 -15.83 52.40 44.40
N LEU A 156 -15.00 51.49 44.87
CA LEU A 156 -14.47 51.55 46.21
C LEU A 156 -12.96 51.32 46.18
N ASN A 157 -12.22 52.21 46.81
CA ASN A 157 -10.84 51.92 47.11
C ASN A 157 -10.70 51.69 48.60
N ILE A 158 -9.46 51.49 49.08
CA ILE A 158 -9.27 51.10 50.47
C ILE A 158 -9.81 52.17 51.42
N LYS A 159 -9.59 53.43 51.06
CA LYS A 159 -10.02 54.57 51.85
C LYS A 159 -11.54 54.80 51.86
N ASP A 160 -12.24 54.32 50.83
CA ASP A 160 -13.71 54.43 50.79
C ASP A 160 -14.44 53.46 51.73
N ILE A 161 -13.75 52.42 52.18
CA ILE A 161 -14.39 51.38 52.99
C ILE A 161 -14.16 51.78 54.42
N LYS A 162 -15.23 51.74 55.20
CA LYS A 162 -15.23 52.34 56.53
C LYS A 162 -14.54 51.41 57.54
N GLY A 163 -13.59 51.97 58.27
CA GLY A 163 -12.95 51.30 59.39
C GLY A 163 -12.01 50.13 59.02
N ILE A 164 -11.35 50.22 57.88
CA ILE A 164 -10.35 49.19 57.52
C ILE A 164 -9.32 49.18 58.63
N ASP A 165 -9.07 48.01 59.22
CA ASP A 165 -8.10 47.87 60.31
C ASP A 165 -7.32 46.54 60.29
N TYR A 166 -7.44 45.75 59.22
CA TYR A 166 -6.81 44.45 59.17
C TYR A 166 -6.38 44.14 57.75
N TYR A 167 -5.13 43.67 57.64
CA TYR A 167 -4.43 43.44 56.38
C TYR A 167 -3.78 42.10 56.55
N MET A 168 -4.17 41.20 55.67
CA MET A 168 -3.86 39.79 55.77
C MET A 168 -3.35 39.20 54.47
N LEU A 169 -2.36 38.30 54.55
CA LEU A 169 -2.02 37.45 53.41
C LEU A 169 -2.72 36.11 53.52
N GLY A 170 -3.30 35.67 52.42
CA GLY A 170 -3.86 34.33 52.34
C GLY A 170 -5.20 34.12 53.03
N GLY A 171 -5.99 35.19 53.14
CA GLY A 171 -7.31 35.17 53.76
C GLY A 171 -7.92 36.55 53.89
N VAL A 172 -9.15 36.61 54.38
CA VAL A 172 -9.82 37.87 54.66
C VAL A 172 -10.35 37.76 56.08
N LYS A 173 -9.99 38.72 56.94
CA LYS A 173 -10.47 38.69 58.32
C LYS A 173 -11.87 39.33 58.37
N ARG A 174 -12.86 38.50 58.68
CA ARG A 174 -14.25 38.87 58.74
C ARG A 174 -14.80 38.51 60.08
N ALA A 175 -15.26 39.49 60.82
CA ALA A 175 -15.80 39.35 62.21
C ALA A 175 -14.85 38.56 63.14
N GLY A 176 -13.58 38.90 63.10
CA GLY A 176 -12.60 38.22 63.98
C GLY A 176 -12.17 36.82 63.50
N LYS A 177 -12.59 36.41 62.30
CA LYS A 177 -12.33 35.04 61.82
C LYS A 177 -11.77 35.04 60.42
N THR A 178 -10.93 34.05 60.11
CA THR A 178 -10.28 33.97 58.80
C THR A 178 -11.19 33.33 57.80
N ALA A 179 -11.50 34.06 56.75
CA ALA A 179 -12.31 33.52 55.65
C ALA A 179 -11.47 33.33 54.41
N PHE A 180 -11.90 32.45 53.50
CA PHE A 180 -11.31 32.23 52.18
C PHE A 180 -9.84 31.87 52.26
N GLY A 181 -9.50 31.06 53.25
CA GLY A 181 -8.12 30.70 53.57
C GLY A 181 -7.41 30.05 52.38
N PHE A 182 -6.26 30.60 52.01
CA PHE A 182 -5.43 30.15 50.87
C PHE A 182 -4.57 28.94 51.27
N ASN A 183 -4.48 27.97 50.38
CA ASN A 183 -3.62 26.76 50.54
C ASN A 183 -2.53 26.67 49.46
N GLY A 184 -1.28 26.92 49.85
CA GLY A 184 -0.20 27.08 48.89
C GLY A 184 0.95 27.92 49.43
N THR A 185 1.78 28.34 48.51
CA THR A 185 2.85 29.26 48.77
C THR A 185 2.66 30.53 47.99
N LEU A 186 2.65 31.62 48.71
CA LEU A 186 2.85 32.94 48.10
C LEU A 186 4.35 33.11 47.92
N GLU A 187 4.81 32.92 46.69
CA GLU A 187 6.26 32.96 46.38
C GLU A 187 6.84 34.38 46.52
N ASN A 188 6.08 35.33 45.98
CA ASN A 188 6.36 36.74 46.19
C ASN A 188 5.06 37.52 46.12
N ILE A 189 4.88 38.48 47.03
CA ILE A 189 3.73 39.38 46.92
C ILE A 189 4.22 40.80 47.15
N LYS A 190 3.84 41.70 46.25
CA LYS A 190 4.15 43.13 46.33
C LYS A 190 2.87 43.97 46.37
N PHE A 191 2.82 44.88 47.34
CA PHE A 191 1.75 45.84 47.51
C PHE A 191 2.30 47.22 47.12
N PHE A 192 1.55 47.92 46.26
CA PHE A 192 1.87 49.31 45.90
C PHE A 192 0.68 50.17 46.31
N ASN A 193 0.96 51.38 46.78
CA ASN A 193 -0.09 52.33 47.15
C ASN A 193 -0.52 53.27 46.01
N SER A 194 -0.36 52.82 44.76
CA SER A 194 -0.88 53.51 43.61
C SER A 194 -1.30 52.49 42.55
N ALA A 195 -1.93 53.00 41.49
CA ALA A 195 -2.38 52.18 40.35
C ALA A 195 -1.27 52.12 39.34
N LEU A 196 -0.65 50.98 39.10
CA LEU A 196 0.45 50.92 38.12
C LEU A 196 -0.15 50.82 36.74
N ASP A 197 0.58 51.21 35.71
CA ASP A 197 0.04 51.21 34.33
C ASP A 197 -0.02 49.79 33.70
N GLU A 198 -0.87 49.68 32.70
CA GLU A 198 -1.11 48.42 32.04
C GLU A 198 0.15 47.63 31.63
N GLU A 199 1.09 48.30 30.96
CA GLU A 199 2.23 47.59 30.36
C GLU A 199 3.17 47.07 31.39
N THR A 200 3.35 47.83 32.45
CA THR A 200 4.17 47.38 33.59
C THR A 200 3.63 46.11 34.24
N VAL A 201 2.32 46.05 34.48
CA VAL A 201 1.74 44.93 35.21
C VAL A 201 1.70 43.67 34.30
N LYS A 202 1.32 43.84 33.04
CA LYS A 202 1.48 42.76 32.09
C LYS A 202 2.86 42.15 32.16
N LYS A 203 3.89 42.99 32.08
CA LYS A 203 5.27 42.55 32.18
C LYS A 203 5.62 41.86 33.52
N MET A 204 5.21 42.46 34.66
CA MET A 204 5.46 41.81 35.96
C MET A 204 4.79 40.43 36.11
N THR A 205 3.67 40.22 35.41
CA THR A 205 2.94 38.94 35.53
C THR A 205 3.35 37.88 34.47
N THR A 206 4.23 38.25 33.51
CA THR A 206 4.81 37.30 32.52
C THR A 206 5.64 36.22 33.22
N ASN A 207 5.43 34.97 32.86
CA ASN A 207 6.17 33.87 33.48
C ASN A 207 6.19 32.68 32.53
N ALA A 208 6.60 31.51 32.98
CA ALA A 208 6.57 30.30 32.12
C ALA A 208 5.19 30.01 31.47
N VAL A 209 4.08 30.28 32.14
CA VAL A 209 2.75 29.95 31.58
C VAL A 209 2.55 30.78 30.31
N THR A 210 2.95 32.05 30.34
CA THR A 210 2.91 32.94 29.15
C THR A 210 3.50 32.31 27.87
N GLY A 211 4.59 31.58 28.02
CA GLY A 211 5.28 30.95 26.91
C GLY A 211 4.60 29.73 26.28
N HIS A 212 3.47 29.29 26.79
CA HIS A 212 2.77 28.13 26.21
C HIS A 212 1.77 28.46 25.08
N LEU A 213 1.74 29.71 24.62
CA LEU A 213 0.84 30.10 23.56
C LEU A 213 1.57 30.07 22.25
N ILE A 214 0.99 29.43 21.25
CA ILE A 214 1.46 29.55 19.86
C ILE A 214 0.77 30.74 19.20
N TYR A 215 -0.55 30.82 19.40
CA TYR A 215 -1.38 31.90 18.85
C TYR A 215 -1.73 32.81 20.01
N THR A 216 -1.48 34.12 19.86
CA THR A 216 -1.82 35.11 20.92
C THR A 216 -2.71 36.24 20.36
N ALA A 217 -3.55 36.78 21.22
CA ALA A 217 -4.43 37.92 20.88
C ALA A 217 -3.64 39.04 20.20
N ASN A 218 -4.16 39.52 19.07
CA ASN A 218 -3.57 40.59 18.32
C ASN A 218 -2.12 40.32 17.93
N ASP A 219 -1.78 39.04 17.66
CA ASP A 219 -0.55 38.68 16.96
C ASP A 219 -0.64 39.00 15.43
N THR A 220 0.23 38.37 14.67
CA THR A 220 0.31 38.58 13.21
CA THR A 220 0.34 38.58 13.22
C THR A 220 -0.98 38.26 12.47
N THR A 221 -1.82 37.39 13.03
CA THR A 221 -3.12 37.12 12.41
C THR A 221 -4.11 38.29 12.50
N GLY A 222 -3.87 39.23 13.41
CA GLY A 222 -4.79 40.30 13.72
C GLY A 222 -6.02 39.93 14.53
N SER A 223 -6.19 38.64 14.84
CA SER A 223 -7.35 38.21 15.65
C SER A 223 -7.09 38.27 17.15
N ASN A 224 -8.12 38.66 17.91
CA ASN A 224 -8.06 38.58 19.35
C ASN A 224 -8.39 37.27 19.92
N TYR A 225 -9.01 36.38 19.11
CA TYR A 225 -9.57 35.11 19.60
C TYR A 225 -9.24 33.95 18.69
N PHE A 226 -9.12 32.78 19.31
CA PHE A 226 -8.84 31.54 18.60
C PHE A 226 -9.66 30.42 19.23
N ARG A 227 -10.05 29.45 18.39
CA ARG A 227 -10.66 28.17 18.76
C ARG A 227 -10.24 27.09 17.77
N ILE A 228 -10.54 25.85 18.13
CA ILE A 228 -10.32 24.68 17.24
C ILE A 228 -8.88 24.46 16.78
N PRO A 229 -7.96 24.17 17.72
CA PRO A 229 -6.57 23.85 17.39
C PRO A 229 -6.41 22.49 16.68
N VAL A 230 -5.46 22.39 15.80
CA VAL A 230 -5.05 21.15 15.20
C VAL A 230 -3.53 21.07 15.17
N LEU A 231 -3.00 19.93 15.62
CA LEU A 231 -1.56 19.63 15.56
C LEU A 231 -1.32 18.42 14.62
N TYR A 232 -0.27 18.45 13.80
CA TYR A 232 0.08 17.31 12.94
C TYR A 232 1.61 17.23 12.73
N THR A 233 2.23 16.05 12.74
CA THR A 233 3.71 15.96 12.54
C THR A 233 3.95 15.45 11.13
N PHE A 234 4.72 16.18 10.33
CA PHE A 234 5.02 15.75 8.99
C PHE A 234 6.19 14.82 9.01
N SER A 235 6.36 14.12 7.89
CA SER A 235 7.30 13.03 7.82
C SER A 235 8.71 13.55 7.89
N ASN A 236 8.90 14.80 7.51
CA ASN A 236 10.23 15.43 7.62
C ASN A 236 10.63 15.85 9.08
N GLY A 237 9.75 15.68 10.06
CA GLY A 237 9.98 16.15 11.44
C GLY A 237 9.41 17.54 11.79
N ARG A 238 8.93 18.28 10.83
CA ARG A 238 8.14 19.43 11.14
C ARG A 238 6.83 19.12 11.89
N VAL A 239 6.60 19.89 12.94
CA VAL A 239 5.32 19.85 13.69
C VAL A 239 4.52 21.07 13.23
N PHE A 240 3.33 20.81 12.72
CA PHE A 240 2.49 21.82 12.09
C PHE A 240 1.23 22.05 12.91
N SER A 241 0.82 23.33 13.07
CA SER A 241 -0.50 23.68 13.66
C SER A 241 -1.35 24.52 12.74
N SER A 242 -2.66 24.29 12.84
CA SER A 242 -3.66 25.20 12.33
C SER A 242 -4.69 25.51 13.42
N ILE A 243 -5.43 26.59 13.20
CA ILE A 243 -6.43 27.05 14.15
C ILE A 243 -7.42 27.95 13.49
N ASP A 244 -8.61 28.00 14.09
CA ASP A 244 -9.58 29.00 13.74
C ASP A 244 -9.16 30.38 14.44
N ALA A 245 -8.77 31.37 13.64
CA ALA A 245 -8.68 32.78 14.00
C ALA A 245 -10.08 33.42 13.83
N ARG A 246 -10.70 33.63 15.00
CA ARG A 246 -12.06 34.07 15.09
C ARG A 246 -12.03 35.51 15.56
N TYR A 247 -12.45 36.40 14.66
CA TYR A 247 -12.27 37.83 14.85
C TYR A 247 -13.36 38.49 15.68
N GLY A 248 -14.62 38.09 15.51
CA GLY A 248 -15.79 38.65 16.22
C GLY A 248 -16.19 37.87 17.44
N GLY A 249 -15.29 37.82 18.37
CA GLY A 249 -15.38 36.93 19.50
C GLY A 249 -15.19 35.49 19.13
N THR A 250 -15.50 34.58 20.07
CA THR A 250 -15.40 33.14 19.90
C THR A 250 -16.63 32.38 19.35
N HIS A 251 -17.72 33.10 19.05
CA HIS A 251 -18.91 32.46 18.42
C HIS A 251 -18.56 31.50 17.28
N ASP A 252 -19.12 30.31 17.35
CA ASP A 252 -19.07 29.38 16.18
C ASP A 252 -19.76 30.04 14.96
N PHE A 253 -20.83 30.80 15.25
CA PHE A 253 -21.56 31.49 14.24
C PHE A 253 -22.44 32.54 14.86
N LEU A 254 -22.85 33.58 14.15
CA LEU A 254 -22.23 34.01 12.89
C LEU A 254 -20.91 34.60 13.34
N ASN A 255 -19.91 34.59 12.45
CA ASN A 255 -18.57 35.14 12.78
C ASN A 255 -17.76 35.36 11.47
N LYS A 256 -16.64 36.07 11.60
CA LYS A 256 -15.64 36.23 10.58
C LYS A 256 -14.46 35.37 11.08
N ILE A 257 -14.15 34.32 10.33
CA ILE A 257 -13.17 33.31 10.71
C ILE A 257 -12.23 33.05 9.51
N ASN A 258 -10.92 33.05 9.83
CA ASN A 258 -9.80 32.64 8.96
C ASN A 258 -9.13 31.45 9.56
N ILE A 259 -8.48 30.68 8.73
CA ILE A 259 -7.63 29.64 9.28
C ILE A 259 -6.21 30.15 9.23
N ALA A 260 -5.55 30.10 10.40
CA ALA A 260 -4.16 30.46 10.60
C ALA A 260 -3.36 29.20 10.85
N THR A 261 -2.05 29.29 10.59
CA THR A 261 -1.12 28.20 10.78
C THR A 261 0.21 28.69 11.39
N SER A 262 0.97 27.75 11.97
CA SER A 262 2.21 27.98 12.60
C SER A 262 2.93 26.69 12.79
N TYR A 263 4.26 26.69 12.67
CA TYR A 263 4.98 25.44 12.66
C TYR A 263 6.25 25.50 13.44
N SER A 264 6.72 24.31 13.84
CA SER A 264 7.93 24.22 14.68
C SER A 264 8.88 23.26 13.98
N ASP A 265 10.12 23.66 13.85
CA ASP A 265 11.16 22.79 13.26
C ASP A 265 12.10 22.32 14.34
N ASP A 266 11.73 22.44 15.58
CA ASP A 266 12.55 21.89 16.66
C ASP A 266 11.73 21.13 17.72
N ASN A 267 10.91 20.15 17.31
CA ASN A 267 10.18 19.33 18.25
C ASN A 267 9.23 20.13 19.12
N GLY A 268 8.74 21.28 18.64
CA GLY A 268 7.78 22.10 19.41
C GLY A 268 8.33 23.13 20.40
N LYS A 269 9.66 23.28 20.48
CA LYS A 269 10.23 24.23 21.42
C LYS A 269 9.92 25.63 20.94
N THR A 270 10.03 25.88 19.64
CA THR A 270 9.72 27.22 19.13
C THR A 270 8.87 27.13 17.87
N TRP A 271 8.06 28.17 17.70
CA TRP A 271 7.01 28.19 16.70
C TRP A 271 7.13 29.44 15.83
N THR A 272 6.81 29.31 14.53
CA THR A 272 6.77 30.49 13.67
C THR A 272 5.66 31.45 14.03
N LYS A 273 5.85 32.74 13.76
CA LYS A 273 4.72 33.70 13.91
C LYS A 273 3.55 33.28 13.01
N PRO A 274 2.32 33.25 13.52
CA PRO A 274 1.25 32.75 12.67
C PRO A 274 1.09 33.50 11.35
N LYS A 275 0.70 32.73 10.34
CA LYS A 275 0.33 33.20 8.99
C LYS A 275 -1.14 32.89 8.73
N LEU A 276 -1.78 33.74 7.93
CA LEU A 276 -3.11 33.41 7.46
C LEU A 276 -3.00 32.44 6.26
N THR A 277 -3.69 31.31 6.35
CA THR A 277 -3.67 30.30 5.31
C THR A 277 -4.99 30.23 4.50
N LEU A 278 -6.14 30.42 5.15
CA LEU A 278 -7.40 30.50 4.42
C LEU A 278 -8.17 31.71 4.99
N ALA A 279 -8.54 32.61 4.13
CA ALA A 279 -9.13 33.85 4.57
C ALA A 279 -9.86 34.54 3.42
N PHE A 280 -10.91 35.27 3.77
CA PHE A 280 -11.71 36.07 2.86
C PHE A 280 -11.41 37.48 3.36
N ASP A 281 -11.49 38.45 2.47
CA ASP A 281 -11.14 39.84 2.81
C ASP A 281 -12.31 40.79 2.71
N ASP A 282 -13.51 40.22 2.68
CA ASP A 282 -14.75 41.08 2.77
C ASP A 282 -14.77 41.92 4.08
N PHE A 283 -14.13 41.39 5.11
CA PHE A 283 -13.73 42.05 6.33
C PHE A 283 -12.26 41.84 6.45
N ALA A 284 -11.55 42.83 6.97
CA ALA A 284 -10.09 42.76 7.27
C ALA A 284 -9.74 41.96 8.55
N PRO A 285 -8.52 41.46 8.62
CA PRO A 285 -8.09 40.65 9.76
C PRO A 285 -7.55 41.60 10.79
N VAL A 286 -8.49 42.17 11.60
CA VAL A 286 -8.17 43.25 12.55
C VAL A 286 -8.79 42.94 13.92
N PRO A 287 -8.17 43.48 14.99
CA PRO A 287 -8.51 43.01 16.31
C PRO A 287 -9.76 43.77 16.77
N LEU A 288 -10.74 43.05 17.36
CA LEU A 288 -12.00 43.66 17.85
C LEU A 288 -12.14 43.30 19.35
N GLU A 289 -12.57 44.25 20.16
CA GLU A 289 -12.75 44.04 21.60
C GLU A 289 -14.17 43.55 21.83
N TRP A 290 -14.40 42.25 21.79
CA TRP A 290 -15.76 41.73 21.75
C TRP A 290 -16.30 41.80 23.12
N PRO A 291 -17.48 42.39 23.28
CA PRO A 291 -18.03 42.58 24.66
C PRO A 291 -18.34 41.26 25.37
N ARG A 292 -17.96 41.12 26.64
CA ARG A 292 -18.20 39.95 27.44
C ARG A 292 -19.44 40.16 28.35
N GLU A 293 -19.96 41.37 28.51
CA GLU A 293 -21.14 41.58 29.34
C GLU A 293 -22.35 40.84 28.72
N VAL A 294 -23.32 40.51 29.55
CA VAL A 294 -24.50 39.80 29.11
C VAL A 294 -25.16 40.56 28.01
N GLY A 295 -25.22 41.88 28.19
CA GLY A 295 -25.82 42.76 27.17
C GLY A 295 -25.20 42.88 25.76
N GLY A 296 -23.96 42.43 25.57
CA GLY A 296 -23.23 42.55 24.31
C GLY A 296 -22.70 41.23 23.78
N ARG A 297 -22.50 40.20 24.64
CA ARG A 297 -21.81 38.97 24.25
C ARG A 297 -22.52 38.16 23.18
N ASP A 298 -23.82 38.34 23.02
CA ASP A 298 -24.54 37.64 21.97
C ASP A 298 -24.35 38.25 20.60
N LEU A 299 -23.90 39.49 20.54
CA LEU A 299 -23.59 40.11 19.33
C LEU A 299 -22.63 39.25 18.50
N GLN A 300 -22.85 39.32 17.20
CA GLN A 300 -22.10 38.60 16.19
C GLN A 300 -21.78 39.49 14.99
N ILE A 301 -20.68 39.18 14.32
CA ILE A 301 -20.39 39.69 12.98
C ILE A 301 -21.21 38.80 12.02
N SER A 302 -22.08 39.42 11.25
CA SER A 302 -23.07 38.72 10.48
C SER A 302 -22.88 38.75 8.98
N GLY A 303 -22.09 39.68 8.47
CA GLY A 303 -22.06 39.91 6.97
C GLY A 303 -20.84 39.39 6.21
N GLY A 304 -20.05 38.53 6.85
CA GLY A 304 -18.70 38.16 6.40
C GLY A 304 -18.49 36.65 6.15
N ALA A 305 -17.89 36.30 5.01
CA ALA A 305 -17.59 34.88 4.64
C ALA A 305 -16.53 34.28 5.53
N THR A 306 -16.55 32.97 5.70
CA THR A 306 -15.65 32.31 6.64
C THR A 306 -15.16 30.96 6.26
N TYR A 307 -13.99 30.64 6.77
CA TYR A 307 -13.50 29.25 6.81
C TYR A 307 -13.47 28.78 8.24
N ILE A 308 -13.88 27.53 8.49
CA ILE A 308 -14.10 27.04 9.87
C ILE A 308 -13.88 25.53 9.91
N ASP A 309 -13.21 25.04 10.97
CA ASP A 309 -13.04 23.62 11.35
C ASP A 309 -12.10 22.88 10.36
N SER A 310 -10.80 22.92 10.66
CA SER A 310 -9.77 22.42 9.72
C SER A 310 -9.43 20.96 10.03
N VAL A 311 -9.04 20.27 8.94
CA VAL A 311 -8.54 18.92 8.94
C VAL A 311 -7.27 18.84 8.08
N ILE A 312 -6.24 18.24 8.65
CA ILE A 312 -4.90 18.09 8.03
C ILE A 312 -4.62 16.58 7.79
N VAL A 313 -4.10 16.24 6.62
CA VAL A 313 -3.49 14.98 6.43
C VAL A 313 -2.30 15.14 5.47
N GLU A 314 -1.28 14.31 5.72
CA GLU A 314 -0.13 14.14 4.81
C GLU A 314 -0.26 12.87 3.96
N LYS A 315 -0.22 13.04 2.64
CA LYS A 315 -0.22 11.90 1.69
C LYS A 315 1.08 11.11 1.68
N LYS A 316 1.05 9.93 1.06
CA LYS A 316 2.24 9.08 1.01
C LYS A 316 3.34 9.64 0.16
N ASN A 317 3.00 10.41 -0.86
CA ASN A 317 4.02 11.17 -1.62
C ASN A 317 4.52 12.45 -0.91
N LYS A 318 4.13 12.69 0.36
CA LYS A 318 4.57 13.84 1.19
C LYS A 318 3.91 15.16 0.88
N GLN A 319 3.00 15.19 -0.07
CA GLN A 319 2.11 16.34 -0.22
C GLN A 319 1.14 16.44 1.02
N VAL A 320 0.85 17.66 1.50
CA VAL A 320 -0.01 17.87 2.64
C VAL A 320 -1.33 18.40 2.16
N LEU A 321 -2.42 17.86 2.69
CA LEU A 321 -3.74 18.37 2.44
C LEU A 321 -4.31 19.01 3.67
N MET A 322 -5.00 20.14 3.44
CA MET A 322 -5.84 20.82 4.44
C MET A 322 -7.24 21.07 3.84
N PHE A 323 -8.22 20.53 4.56
CA PHE A 323 -9.66 20.79 4.35
C PHE A 323 -10.24 21.85 5.34
N ALA A 324 -11.31 22.51 4.94
CA ALA A 324 -12.03 23.38 5.83
C ALA A 324 -13.41 23.59 5.30
N ASP A 325 -14.32 23.94 6.20
CA ASP A 325 -15.63 24.24 5.82
C ASP A 325 -15.63 25.67 5.29
N VAL A 326 -16.48 25.91 4.32
CA VAL A 326 -16.58 27.23 3.72
C VAL A 326 -18.01 27.73 3.94
N MET A 327 -18.14 28.90 4.58
CA MET A 327 -19.45 29.52 4.82
C MET A 327 -19.54 30.85 4.08
N PRO A 328 -20.53 31.01 3.23
CA PRO A 328 -20.79 32.33 2.65
C PRO A 328 -21.32 33.24 3.77
N ALA A 329 -21.20 34.53 3.55
CA ALA A 329 -21.71 35.53 4.48
C ALA A 329 -23.13 35.25 4.77
N GLY A 330 -23.47 35.28 6.06
CA GLY A 330 -24.83 35.02 6.53
C GLY A 330 -25.19 33.53 6.69
N VAL A 331 -24.24 32.64 6.40
CA VAL A 331 -24.49 31.21 6.48
C VAL A 331 -23.70 30.59 7.62
N SER A 332 -24.28 29.57 8.23
CA SER A 332 -23.55 28.75 9.21
C SER A 332 -24.25 27.41 9.35
N PHE A 333 -23.81 26.62 10.32
CA PHE A 333 -24.48 25.35 10.65
C PHE A 333 -25.93 25.55 10.95
N ARG A 334 -26.26 26.70 11.54
CA ARG A 334 -27.64 27.00 11.92
C ARG A 334 -28.52 27.34 10.72
N GLU A 335 -27.99 28.08 9.76
CA GLU A 335 -28.81 28.75 8.75
C GLU A 335 -28.73 28.02 7.38
N ALA A 336 -27.72 27.23 7.14
CA ALA A 336 -27.52 26.58 5.81
C ALA A 336 -28.64 25.69 5.31
N THR A 337 -29.09 25.87 4.07
CA THR A 337 -30.07 24.95 3.51
C THR A 337 -29.48 23.53 3.40
N ARG A 338 -30.25 22.57 3.95
CA ARG A 338 -29.97 21.18 3.86
C ARG A 338 -30.43 20.55 2.56
N LYS A 339 -31.21 21.24 1.72
CA LYS A 339 -31.83 20.54 0.55
C LYS A 339 -31.31 21.01 -0.78
N ASP A 340 -30.13 21.64 -0.78
CA ASP A 340 -29.45 22.05 -2.00
C ASP A 340 -27.92 22.00 -1.79
N SER A 341 -27.22 21.33 -2.71
CA SER A 341 -25.78 21.24 -2.70
C SER A 341 -25.09 22.50 -3.19
N GLY A 342 -25.78 23.30 -4.00
CA GLY A 342 -25.20 24.49 -4.61
C GLY A 342 -24.62 24.17 -5.94
N TYR A 343 -24.85 22.91 -6.42
CA TYR A 343 -24.34 22.40 -7.72
C TYR A 343 -25.46 21.98 -8.65
N LYS A 344 -25.18 21.97 -9.93
CA LYS A 344 -26.15 21.53 -10.95
C LYS A 344 -25.42 20.49 -11.80
N GLN A 345 -26.11 19.52 -12.36
CA GLN A 345 -25.44 18.53 -13.23
C GLN A 345 -25.81 18.81 -14.62
N ILE A 346 -24.84 18.90 -15.49
CA ILE A 346 -25.12 19.26 -16.90
C ILE A 346 -24.22 18.38 -17.72
N ASP A 347 -24.84 17.60 -18.60
CA ASP A 347 -24.11 16.65 -19.41
C ASP A 347 -23.12 15.82 -18.56
N GLY A 348 -23.58 15.25 -17.45
CA GLY A 348 -22.69 14.47 -16.56
C GLY A 348 -21.60 15.18 -15.76
N ASN A 349 -21.40 16.49 -15.96
CA ASN A 349 -20.52 17.26 -15.11
C ASN A 349 -21.26 18.03 -14.01
N TYR A 350 -20.58 18.24 -12.91
CA TYR A 350 -21.14 19.01 -11.81
C TYR A 350 -20.54 20.40 -11.81
N TYR A 351 -21.40 21.43 -11.79
CA TYR A 351 -20.94 22.81 -11.83
C TYR A 351 -21.63 23.59 -10.74
N LEU A 352 -20.83 24.42 -10.07
CA LEU A 352 -21.31 25.30 -8.99
C LEU A 352 -22.31 26.30 -9.57
N LYS A 353 -23.49 26.42 -8.98
CA LYS A 353 -24.48 27.32 -9.57
C LYS A 353 -24.43 28.74 -8.95
N LEU A 354 -25.00 29.69 -9.66
CA LEU A 354 -24.96 31.08 -9.24
C LEU A 354 -26.28 31.78 -9.47
N ARG A 355 -26.67 32.64 -8.54
CA ARG A 355 -27.78 33.52 -8.74
C ARG A 355 -27.31 34.97 -8.91
N LYS A 356 -27.80 35.60 -9.96
CA LYS A 356 -27.45 37.00 -10.25
C LYS A 356 -28.40 37.95 -9.52
N GLN A 357 -27.85 39.06 -9.01
CA GLN A 357 -28.68 40.11 -8.36
C GLN A 357 -29.91 40.45 -9.20
N GLY A 358 -31.08 40.46 -8.56
CA GLY A 358 -32.34 40.77 -9.23
C GLY A 358 -33.06 39.55 -9.80
N ASP A 359 -32.40 38.39 -9.85
CA ASP A 359 -33.06 37.16 -10.25
C ASP A 359 -33.57 36.41 -9.02
N THR A 360 -34.65 35.66 -9.21
CA THR A 360 -35.09 34.76 -8.17
C THR A 360 -34.50 33.37 -8.36
N ASP A 361 -34.33 32.90 -9.60
CA ASP A 361 -33.69 31.58 -9.83
C ASP A 361 -32.17 31.66 -9.99
N TYR A 362 -31.52 30.49 -9.93
CA TYR A 362 -30.10 30.34 -10.10
C TYR A 362 -29.91 29.99 -11.58
N ASN A 363 -29.61 31.00 -12.39
CA ASN A 363 -29.63 30.87 -13.85
C ASN A 363 -28.26 30.64 -14.46
N TYR A 364 -27.25 30.52 -13.63
CA TYR A 364 -25.91 30.54 -14.09
C TYR A 364 -25.08 29.44 -13.45
N THR A 365 -24.05 28.99 -14.17
CA THR A 365 -23.09 28.00 -13.69
C THR A 365 -21.66 28.45 -13.97
N ILE A 366 -20.76 28.03 -13.09
CA ILE A 366 -19.34 28.19 -13.32
C ILE A 366 -18.86 26.95 -14.03
N ARG A 367 -18.36 27.08 -15.25
CA ARG A 367 -17.86 25.91 -16.00
C ARG A 367 -16.35 26.03 -16.26
N GLU A 368 -15.88 25.46 -17.38
CA GLU A 368 -14.45 25.34 -17.70
C GLU A 368 -13.76 26.71 -17.65
N ASN A 369 -12.54 26.72 -17.10
CA ASN A 369 -11.73 27.93 -16.94
C ASN A 369 -12.32 28.99 -16.02
N GLY A 370 -13.35 28.61 -15.26
CA GLY A 370 -14.10 29.54 -14.45
C GLY A 370 -15.07 30.41 -15.18
N THR A 371 -15.33 30.14 -16.47
CA THR A 371 -16.28 30.92 -17.29
C THR A 371 -17.70 30.73 -16.77
N VAL A 372 -18.38 31.84 -16.54
CA VAL A 372 -19.75 31.84 -16.06
C VAL A 372 -20.65 31.75 -17.27
N TYR A 373 -21.51 30.73 -17.24
CA TYR A 373 -22.44 30.39 -18.33
C TYR A 373 -23.83 30.75 -17.90
N ASP A 374 -24.58 31.37 -18.82
CA ASP A 374 -26.03 31.51 -18.65
C ASP A 374 -26.64 30.17 -19.05
N ASP A 375 -27.22 29.48 -18.08
CA ASP A 375 -27.82 28.16 -18.32
C ASP A 375 -29.03 28.21 -19.26
N ARG A 376 -29.73 29.34 -19.34
CA ARG A 376 -30.88 29.49 -20.18
C ARG A 376 -30.55 29.42 -21.67
N THR A 377 -29.44 29.99 -22.08
CA THR A 377 -29.03 30.00 -23.49
C THR A 377 -27.92 28.97 -23.68
N ASN A 378 -27.42 28.41 -22.60
CA ASN A 378 -26.25 27.54 -22.67
C ASN A 378 -25.06 28.21 -23.37
N ARG A 379 -24.87 29.50 -23.10
CA ARG A 379 -23.73 30.23 -23.66
C ARG A 379 -22.88 30.95 -22.59
N PRO A 380 -21.55 31.10 -22.83
CA PRO A 380 -20.70 31.79 -21.85
C PRO A 380 -21.07 33.25 -21.80
N THR A 381 -21.02 33.82 -20.62
CA THR A 381 -21.18 35.25 -20.46
C THR A 381 -19.76 35.86 -20.48
N GLU A 382 -19.70 37.18 -20.32
CA GLU A 382 -18.46 37.92 -20.18
C GLU A 382 -17.83 37.81 -18.76
N PHE A 383 -18.53 37.16 -17.82
CA PHE A 383 -18.06 37.02 -16.44
C PHE A 383 -17.28 35.74 -16.29
N SER A 384 -16.30 35.75 -15.37
CA SER A 384 -15.62 34.55 -14.95
C SER A 384 -15.29 34.62 -13.45
N VAL A 385 -14.97 33.46 -12.89
CA VAL A 385 -14.63 33.31 -11.46
C VAL A 385 -13.24 32.72 -11.39
N ASP A 386 -12.39 33.37 -10.61
CA ASP A 386 -10.99 33.00 -10.49
C ASP A 386 -10.83 31.88 -9.44
N LYS A 387 -9.60 31.42 -9.31
CA LYS A 387 -9.28 30.31 -8.43
C LYS A 387 -9.55 30.54 -6.92
N ASN A 388 -9.63 31.80 -6.49
CA ASN A 388 -10.05 32.20 -5.13
C ASN A 388 -11.51 32.66 -4.97
N PHE A 389 -12.33 32.34 -5.98
CA PHE A 389 -13.75 32.61 -6.03
C PHE A 389 -14.10 34.08 -6.24
N GLY A 390 -13.10 34.86 -6.70
CA GLY A 390 -13.27 36.25 -7.09
C GLY A 390 -13.91 36.39 -8.46
N ILE A 391 -14.68 37.46 -8.67
CA ILE A 391 -15.45 37.68 -9.92
C ILE A 391 -14.79 38.74 -10.80
N LYS A 392 -14.65 38.40 -12.07
CA LYS A 392 -14.17 39.29 -13.14
C LYS A 392 -15.24 39.50 -14.23
N GLN A 393 -15.11 40.63 -14.92
CA GLN A 393 -15.94 40.95 -16.06
C GLN A 393 -15.00 41.40 -17.16
N ASN A 394 -15.06 40.73 -18.31
CA ASN A 394 -14.12 40.92 -19.40
C ASN A 394 -12.67 40.92 -18.97
N GLY A 395 -12.31 40.01 -18.06
CA GLY A 395 -10.93 39.86 -17.62
C GLY A 395 -10.48 40.79 -16.50
N ASN A 396 -11.29 41.77 -16.08
CA ASN A 396 -10.99 42.70 -14.98
C ASN A 396 -11.84 42.45 -13.76
N TYR A 397 -11.23 42.46 -12.58
CA TYR A 397 -11.96 42.20 -11.34
C TYR A 397 -13.08 43.17 -11.10
N LEU A 398 -14.23 42.66 -10.67
CA LEU A 398 -15.22 43.50 -10.05
C LEU A 398 -14.78 43.67 -8.57
N THR A 399 -15.20 44.80 -7.99
CA THR A 399 -14.87 45.08 -6.61
C THR A 399 -16.10 45.40 -5.81
N VAL A 400 -15.94 45.27 -4.48
CA VAL A 400 -16.87 45.79 -3.50
C VAL A 400 -16.11 46.44 -2.38
N GLU A 401 -16.84 47.17 -1.55
CA GLU A 401 -16.26 47.81 -0.36
C GLU A 401 -16.18 46.79 0.77
N GLN A 402 -15.01 46.75 1.39
CA GLN A 402 -14.77 45.97 2.59
C GLN A 402 -15.57 46.57 3.76
N TYR A 403 -15.95 45.73 4.69
CA TYR A 403 -16.60 46.15 5.95
C TYR A 403 -15.61 46.22 7.09
N SER A 404 -15.86 47.15 8.01
CA SER A 404 -15.27 47.21 9.33
C SER A 404 -16.39 47.14 10.42
N VAL A 405 -15.98 46.87 11.66
CA VAL A 405 -16.90 46.80 12.77
C VAL A 405 -16.58 47.87 13.80
N SER A 406 -17.62 48.57 14.24
CA SER A 406 -17.51 49.63 15.24
C SER A 406 -18.46 49.34 16.41
N PHE A 407 -18.04 49.64 17.62
CA PHE A 407 -18.89 49.55 18.83
C PHE A 407 -19.08 50.94 19.42
N GLU A 408 -20.12 51.11 20.24
CA GLU A 408 -20.33 52.35 21.01
C GLU A 408 -21.00 52.11 22.38
N LYS A 411 -23.08 48.52 21.63
CA LYS A 411 -23.83 48.61 20.34
C LYS A 411 -23.03 48.61 19.01
N LYS A 412 -23.35 47.66 18.14
CA LYS A 412 -22.44 47.32 17.04
C LYS A 412 -22.92 47.76 15.66
N THR A 413 -21.99 48.26 14.84
CA THR A 413 -22.27 48.55 13.42
C THR A 413 -21.26 47.85 12.50
N GLU A 414 -21.74 47.28 11.41
CA GLU A 414 -20.89 46.78 10.35
C GLU A 414 -21.01 47.75 9.21
N TYR A 415 -19.91 48.42 8.83
CA TYR A 415 -20.02 49.52 7.86
C TYR A 415 -18.95 49.44 6.78
N ARG A 416 -19.30 49.94 5.61
CA ARG A 416 -18.36 50.03 4.49
C ARG A 416 -17.26 51.02 4.77
N ASN A 417 -16.02 50.57 4.69
CA ASN A 417 -14.85 51.38 5.09
C ASN A 417 -14.07 52.10 3.99
N GLY A 418 -14.53 52.02 2.74
CA GLY A 418 -13.82 52.72 1.64
C GLY A 418 -12.70 51.99 0.94
N THR A 419 -12.19 50.89 1.50
CA THR A 419 -11.22 50.01 0.82
C THR A 419 -11.94 49.06 -0.17
N LYS A 420 -11.36 48.86 -1.35
CA LYS A 420 -11.90 47.95 -2.39
C LYS A 420 -11.19 46.60 -2.34
N VAL A 421 -11.96 45.52 -2.31
CA VAL A 421 -11.46 44.15 -2.39
C VAL A 421 -12.19 43.51 -3.57
N HIS A 422 -11.74 42.33 -4.02
CA HIS A 422 -12.41 41.70 -5.14
C HIS A 422 -13.78 41.23 -4.73
N MET A 423 -14.74 41.48 -5.59
CA MET A 423 -16.06 40.89 -5.46
C MET A 423 -15.88 39.34 -5.51
N ASN A 424 -16.57 38.63 -4.63
CA ASN A 424 -16.40 37.19 -4.47
C ASN A 424 -17.82 36.58 -4.34
N ILE A 425 -18.01 35.40 -4.92
CA ILE A 425 -19.27 34.69 -4.91
C ILE A 425 -19.75 34.29 -3.54
N PHE A 426 -18.86 34.31 -2.56
CA PHE A 426 -19.20 34.02 -1.14
C PHE A 426 -19.60 35.26 -0.31
N TYR A 427 -19.63 36.42 -0.95
CA TYR A 427 -19.83 37.69 -0.21
C TYR A 427 -21.28 38.17 -0.21
N LYS A 428 -21.57 39.02 0.78
CA LYS A 428 -22.89 39.60 0.93
C LYS A 428 -23.22 40.47 -0.27
N ASP A 429 -22.23 41.21 -0.77
CA ASP A 429 -22.49 42.23 -1.78
C ASP A 429 -22.14 41.85 -3.20
N ALA A 430 -22.10 40.57 -3.48
CA ALA A 430 -21.74 40.08 -4.83
C ALA A 430 -22.85 40.20 -5.86
N LEU A 431 -22.42 40.38 -7.11
CA LEU A 431 -23.32 40.40 -8.27
C LEU A 431 -23.83 39.01 -8.59
N PHE A 432 -23.00 38.00 -8.34
CA PHE A 432 -23.37 36.60 -8.44
C PHE A 432 -23.10 35.92 -7.13
N LYS A 433 -24.06 35.15 -6.64
CA LYS A 433 -23.91 34.45 -5.37
C LYS A 433 -24.20 32.93 -5.43
N VAL A 434 -23.46 32.18 -4.61
CA VAL A 434 -23.67 30.76 -4.41
C VAL A 434 -24.91 30.57 -3.57
N VAL A 435 -25.43 29.33 -3.61
CA VAL A 435 -26.56 28.90 -2.77
C VAL A 435 -26.16 29.07 -1.30
N PRO A 436 -27.04 29.59 -0.44
CA PRO A 436 -26.68 29.89 0.93
C PRO A 436 -26.62 28.62 1.79
N THR A 437 -25.53 27.88 1.56
CA THR A 437 -25.30 26.65 2.25
C THR A 437 -23.83 26.52 2.50
N ASN A 438 -23.46 25.45 3.21
CA ASN A 438 -22.08 25.20 3.59
C ASN A 438 -21.41 24.32 2.56
N TYR A 439 -20.10 24.57 2.37
CA TYR A 439 -19.24 23.81 1.45
C TYR A 439 -17.99 23.31 2.20
N ILE A 440 -17.25 22.46 1.52
CA ILE A 440 -15.93 22.06 1.92
C ILE A 440 -14.95 22.41 0.81
N ALA A 441 -13.78 22.91 1.22
CA ALA A 441 -12.66 23.18 0.32
C ALA A 441 -11.42 22.53 0.83
N TYR A 442 -10.50 22.23 -0.10
CA TYR A 442 -9.19 21.73 0.25
C TYR A 442 -8.12 22.41 -0.52
N ILE A 443 -6.97 22.52 0.14
CA ILE A 443 -5.77 23.13 -0.41
C ILE A 443 -4.62 22.14 -0.19
N SER A 444 -3.59 22.22 -1.03
CA SER A 444 -2.47 21.28 -0.94
C SER A 444 -1.19 22.04 -0.92
N SER A 445 -0.19 21.41 -0.31
CA SER A 445 1.13 21.98 -0.16
C SER A 445 2.20 20.97 -0.55
N ASN A 446 3.14 21.40 -1.39
CA ASN A 446 4.27 20.58 -1.74
C ASN A 446 5.54 20.94 -0.95
N ASP A 447 5.46 21.89 -0.01
CA ASP A 447 6.65 22.28 0.79
C ASP A 447 6.35 22.25 2.29
N HIS A 448 5.61 21.23 2.71
CA HIS A 448 5.23 21.08 4.14
C HIS A 448 4.72 22.35 4.79
N GLY A 449 3.82 22.97 4.05
CA GLY A 449 2.99 24.00 4.60
C GLY A 449 3.58 25.33 4.56
N GLU A 450 4.70 25.57 3.83
CA GLU A 450 5.16 26.96 3.61
C GLU A 450 4.29 27.69 2.56
N SER A 451 3.77 26.94 1.61
CA SER A 451 2.92 27.49 0.59
C SER A 451 1.81 26.51 0.26
N TRP A 452 0.67 27.03 -0.25
CA TRP A 452 -0.54 26.25 -0.50
C TRP A 452 -1.13 26.58 -1.83
N SER A 453 -1.73 25.57 -2.50
CA SER A 453 -2.52 25.82 -3.72
C SER A 453 -3.75 26.70 -3.42
N ALA A 454 -4.38 27.22 -4.47
CA ALA A 454 -5.73 27.78 -4.35
C ALA A 454 -6.71 26.72 -3.87
N PRO A 455 -7.80 27.13 -3.24
CA PRO A 455 -8.76 26.13 -2.73
C PRO A 455 -9.55 25.43 -3.81
N THR A 456 -9.80 24.14 -3.64
CA THR A 456 -10.72 23.43 -4.54
C THR A 456 -11.99 23.16 -3.76
N LEU A 457 -13.16 23.52 -4.28
CA LEU A 457 -14.37 23.11 -3.59
C LEU A 457 -14.65 21.66 -3.88
N LEU A 458 -15.05 20.93 -2.85
CA LEU A 458 -15.46 19.54 -2.99
C LEU A 458 -16.74 19.47 -3.86
N PRO A 459 -16.79 18.49 -4.76
CA PRO A 459 -18.03 18.22 -5.53
C PRO A 459 -19.15 17.65 -4.66
N PRO A 460 -20.41 17.58 -5.20
CA PRO A 460 -21.60 17.35 -4.39
C PRO A 460 -21.75 15.86 -4.06
N ILE A 461 -20.83 15.40 -3.24
CA ILE A 461 -20.65 13.98 -2.91
C ILE A 461 -21.78 13.37 -2.09
N MET A 462 -22.42 14.22 -1.30
CA MET A 462 -23.67 13.85 -0.63
C MET A 462 -24.91 13.78 -1.55
N GLY A 463 -24.78 14.16 -2.83
CA GLY A 463 -25.91 14.28 -3.73
C GLY A 463 -26.21 15.76 -4.09
N LEU A 464 -26.91 15.95 -5.19
CA LEU A 464 -27.23 17.26 -5.63
C LEU A 464 -28.19 17.96 -4.73
N ASN A 465 -29.04 17.24 -4.01
CA ASN A 465 -30.08 17.85 -3.24
C ASN A 465 -29.86 17.80 -1.76
N ARG A 466 -28.58 17.79 -1.38
CA ARG A 466 -28.17 17.79 0.03
C ARG A 466 -26.97 18.67 0.14
N ASN A 467 -26.82 19.29 1.30
CA ASN A 467 -25.63 20.14 1.57
C ASN A 467 -24.42 19.29 1.88
N ALA A 468 -23.24 19.90 1.79
CA ALA A 468 -22.02 19.22 2.07
C ALA A 468 -22.04 18.83 3.53
N PRO A 469 -21.25 17.83 3.93
CA PRO A 469 -21.08 17.61 5.33
C PRO A 469 -20.18 18.68 6.01
N TYR A 470 -20.08 18.50 7.31
CA TYR A 470 -19.32 19.38 8.18
C TYR A 470 -18.15 18.58 8.66
N LEU A 471 -16.95 19.19 8.61
CA LEU A 471 -15.72 18.45 8.94
C LEU A 471 -15.63 18.17 10.41
N GLY A 472 -15.07 17.02 10.75
CA GLY A 472 -14.65 16.76 12.13
C GLY A 472 -13.20 17.26 12.34
N PRO A 473 -12.98 18.39 13.04
CA PRO A 473 -11.69 19.01 13.22
C PRO A 473 -10.64 18.07 13.82
N GLY A 474 -9.48 18.04 13.15
CA GLY A 474 -8.30 17.33 13.60
C GLY A 474 -7.51 16.91 12.41
N ARG A 475 -7.26 15.60 12.31
CA ARG A 475 -6.54 15.00 11.20
C ARG A 475 -7.35 13.97 10.46
N GLY A 476 -6.95 13.72 9.21
CA GLY A 476 -7.36 12.53 8.49
C GLY A 476 -6.29 11.47 8.63
N ILE A 477 -6.50 10.32 7.99
CA ILE A 477 -5.48 9.26 7.98
C ILE A 477 -5.34 8.63 6.59
N ILE A 478 -4.24 7.91 6.41
CA ILE A 478 -4.04 7.04 5.24
C ILE A 478 -4.12 5.65 5.80
N GLU A 479 -5.12 4.88 5.38
CA GLU A 479 -5.21 3.48 5.81
C GLU A 479 -4.08 2.68 5.14
N SER A 480 -3.34 1.92 5.95
CA SER A 480 -2.04 1.41 5.49
C SER A 480 -2.15 0.32 4.44
N SER A 481 -3.15 -0.55 4.54
CA SER A 481 -3.28 -1.67 3.59
C SER A 481 -3.80 -1.28 2.18
N THR A 482 -4.67 -0.28 2.10
CA THR A 482 -5.25 0.14 0.83
C THR A 482 -4.68 1.45 0.29
N GLY A 483 -4.05 2.25 1.14
CA GLY A 483 -3.62 3.59 0.75
C GLY A 483 -4.79 4.59 0.72
N ARG A 484 -5.96 4.18 1.19
CA ARG A 484 -7.12 5.02 1.15
C ARG A 484 -6.94 6.22 2.09
N ILE A 485 -7.29 7.40 1.58
CA ILE A 485 -7.32 8.63 2.39
C ILE A 485 -8.71 8.84 2.97
N LEU A 486 -8.80 8.94 4.30
CA LEU A 486 -10.07 9.12 4.98
C LEU A 486 -10.07 10.44 5.72
N ILE A 487 -11.16 11.18 5.54
CA ILE A 487 -11.38 12.51 6.12
C ILE A 487 -12.71 12.45 6.87
N PRO A 488 -12.72 12.78 8.17
CA PRO A 488 -13.96 12.64 8.95
C PRO A 488 -14.88 13.81 8.76
N SER A 489 -16.17 13.53 8.69
CA SER A 489 -17.20 14.57 8.68
C SER A 489 -18.56 13.98 9.17
N TYR A 490 -19.56 14.87 9.21
CA TYR A 490 -20.86 14.59 9.79
C TYR A 490 -21.92 15.54 9.25
N THR A 491 -23.17 15.10 9.35
CA THR A 491 -24.31 15.86 8.84
C THR A 491 -25.22 16.37 9.92
N GLY A 492 -25.06 15.93 11.15
CA GLY A 492 -26.04 16.13 12.25
C GLY A 492 -26.95 14.93 12.49
N LYS A 493 -27.06 14.04 11.47
CA LYS A 493 -27.79 12.78 11.51
C LYS A 493 -26.98 11.51 11.15
N GLU A 494 -25.84 11.68 10.49
CA GLU A 494 -25.03 10.57 9.96
C GLU A 494 -23.58 10.94 10.04
N SER A 495 -22.71 9.94 10.10
CA SER A 495 -21.32 10.12 9.82
C SER A 495 -21.14 10.14 8.27
N ALA A 496 -20.19 10.94 7.84
CA ALA A 496 -19.80 11.05 6.46
C ALA A 496 -18.29 10.93 6.41
N PHE A 497 -17.86 9.77 5.95
CA PHE A 497 -16.46 9.44 5.83
C PHE A 497 -16.06 9.66 4.39
N ILE A 498 -15.42 10.81 4.19
CA ILE A 498 -14.99 11.25 2.87
C ILE A 498 -13.68 10.53 2.63
N TYR A 499 -13.59 9.92 1.47
CA TYR A 499 -12.38 9.17 1.14
C TYR A 499 -11.96 9.30 -0.33
N SER A 500 -10.69 9.00 -0.58
CA SER A 500 -10.12 8.86 -1.92
C SER A 500 -9.34 7.56 -2.06
N ASP A 501 -9.59 6.87 -3.15
CA ASP A 501 -8.86 5.65 -3.51
C ASP A 501 -7.85 5.88 -4.67
N ASP A 502 -7.68 7.14 -5.08
CA ASP A 502 -6.72 7.46 -6.14
C ASP A 502 -5.76 8.52 -5.68
N ASN A 503 -5.29 8.38 -4.44
N ASN A 503 -5.31 8.37 -4.43
CA ASN A 503 -4.29 9.30 -3.84
CA ASN A 503 -4.30 9.26 -3.83
C ASN A 503 -4.68 10.75 -3.83
C ASN A 503 -4.67 10.74 -3.84
N GLY A 504 -5.97 11.02 -3.66
CA GLY A 504 -6.47 12.39 -3.54
C GLY A 504 -6.89 13.07 -4.85
N ALA A 505 -6.90 12.38 -5.98
CA ALA A 505 -7.36 13.03 -7.21
C ALA A 505 -8.88 13.12 -7.23
N SER A 506 -9.57 12.16 -6.65
CA SER A 506 -11.02 12.18 -6.60
C SER A 506 -11.53 11.74 -5.23
N TRP A 507 -12.76 12.20 -4.89
CA TRP A 507 -13.36 11.98 -3.54
C TRP A 507 -14.73 11.33 -3.67
N LYS A 508 -14.98 10.39 -2.77
CA LYS A 508 -16.27 9.78 -2.56
C LYS A 508 -16.60 9.86 -1.06
N VAL A 509 -17.79 9.39 -0.68
CA VAL A 509 -18.22 9.39 0.71
C VAL A 509 -18.99 8.11 1.12
N LYS A 510 -18.71 7.58 2.31
CA LYS A 510 -19.57 6.58 2.98
C LYS A 510 -20.38 7.26 4.05
N VAL A 511 -21.68 7.32 3.82
CA VAL A 511 -22.65 7.97 4.70
C VAL A 511 -23.19 6.86 5.62
N VAL A 512 -23.08 7.03 6.93
CA VAL A 512 -23.51 6.01 7.90
C VAL A 512 -24.55 6.62 8.83
N PRO A 513 -25.82 6.16 8.73
CA PRO A 513 -26.83 6.70 9.63
C PRO A 513 -26.48 6.39 11.09
N LEU A 514 -26.68 7.35 11.99
CA LEU A 514 -26.31 7.17 13.37
C LEU A 514 -27.56 6.94 14.19
N PRO A 515 -27.39 6.48 15.43
CA PRO A 515 -28.56 6.24 16.30
C PRO A 515 -29.46 7.46 16.64
N SER A 516 -28.88 8.65 16.62
CA SER A 516 -29.63 9.92 16.95
C SER A 516 -28.95 11.10 16.26
N SER A 517 -29.38 12.32 16.57
CA SER A 517 -28.83 13.51 15.94
C SER A 517 -27.49 13.94 16.56
N TRP A 518 -26.45 13.14 16.36
CA TRP A 518 -25.11 13.38 16.91
C TRP A 518 -24.41 14.47 16.12
N SER A 519 -23.77 15.38 16.83
CA SER A 519 -22.73 16.22 16.18
C SER A 519 -21.45 15.41 16.07
N ALA A 520 -21.41 14.51 15.09
CA ALA A 520 -20.42 13.34 15.03
C ALA A 520 -19.01 13.71 14.53
N GLU A 521 -18.46 14.76 15.16
CA GLU A 521 -17.03 15.11 15.07
C GLU A 521 -16.23 13.84 15.40
N ALA A 522 -15.52 13.33 14.43
CA ALA A 522 -14.80 12.09 14.54
C ALA A 522 -13.33 12.18 14.20
N GLN A 523 -12.59 11.21 14.73
CA GLN A 523 -11.18 10.99 14.41
C GLN A 523 -10.95 9.49 14.31
N PHE A 524 -10.04 9.10 13.40
CA PHE A 524 -9.75 7.69 13.11
C PHE A 524 -8.49 7.13 13.82
N VAL A 525 -8.51 5.85 14.17
CA VAL A 525 -7.25 5.12 14.35
C VAL A 525 -7.27 3.84 13.56
N GLU A 526 -6.07 3.35 13.20
CA GLU A 526 -5.92 2.05 12.57
C GLU A 526 -5.43 1.06 13.63
N LEU A 527 -6.14 -0.06 13.82
CA LEU A 527 -5.73 -1.06 14.84
C LEU A 527 -4.77 -2.08 14.27
N SER A 528 -5.00 -2.48 13.02
CA SER A 528 -4.21 -3.45 12.28
C SER A 528 -4.58 -3.26 10.81
N PRO A 529 -3.80 -3.84 9.90
CA PRO A 529 -4.07 -3.51 8.49
C PRO A 529 -5.52 -3.80 8.07
N GLY A 530 -6.17 -2.79 7.51
CA GLY A 530 -7.54 -2.93 7.05
C GLY A 530 -8.58 -2.68 8.14
N VAL A 531 -8.16 -2.54 9.39
CA VAL A 531 -9.06 -2.40 10.52
C VAL A 531 -8.95 -1.00 11.10
N ILE A 532 -10.01 -0.23 10.92
CA ILE A 532 -10.03 1.14 11.43
C ILE A 532 -11.20 1.38 12.41
N GLN A 533 -11.00 2.33 13.30
CA GLN A 533 -12.06 2.78 14.21
C GLN A 533 -12.26 4.27 14.14
N ALA A 534 -13.51 4.68 14.18
CA ALA A 534 -13.89 6.08 14.20
C ALA A 534 -14.45 6.35 15.57
N TYR A 535 -13.77 7.24 16.32
CA TYR A 535 -14.18 7.65 17.67
C TYR A 535 -14.89 8.96 17.51
N MET A 536 -16.07 9.15 18.09
CA MET A 536 -16.79 10.41 17.84
C MET A 536 -17.66 10.91 19.00
N ARG A 537 -17.93 12.20 18.92
CA ARG A 537 -18.94 12.89 19.74
C ARG A 537 -20.35 12.37 19.44
N THR A 538 -21.17 12.33 20.50
CA THR A 538 -22.59 12.01 20.44
C THR A 538 -23.48 13.06 21.10
N ASN A 539 -24.80 12.84 21.05
CA ASN A 539 -25.77 13.66 21.83
C ASN A 539 -26.31 12.90 23.10
N ASN A 540 -25.60 11.87 23.54
CA ASN A 540 -26.08 11.05 24.66
C ASN A 540 -25.16 11.03 25.88
N GLY A 541 -24.04 11.73 25.82
CA GLY A 541 -23.13 11.90 26.95
C GLY A 541 -21.87 11.05 26.85
N LYS A 542 -21.85 10.06 25.93
CA LYS A 542 -20.76 9.13 25.72
C LYS A 542 -19.94 9.40 24.43
N ILE A 543 -18.72 8.87 24.39
CA ILE A 543 -17.91 8.82 23.13
C ILE A 543 -18.24 7.49 22.44
N ALA A 544 -18.65 7.54 21.18
CA ALA A 544 -18.98 6.34 20.39
C ALA A 544 -17.72 5.93 19.59
N TYR A 545 -17.54 4.63 19.35
CA TYR A 545 -16.63 4.19 18.31
C TYR A 545 -17.28 3.09 17.45
N LEU A 546 -17.08 3.26 16.15
CA LEU A 546 -17.56 2.38 15.12
C LEU A 546 -16.33 1.72 14.50
N THR A 547 -16.44 0.44 14.20
CA THR A 547 -15.33 -0.32 13.64
C THR A 547 -15.61 -0.72 12.21
N SER A 548 -14.59 -0.58 11.37
CA SER A 548 -14.57 -1.13 10.00
C SER A 548 -13.41 -2.08 9.85
N LYS A 549 -13.68 -3.23 9.24
CA LYS A 549 -12.65 -4.22 8.99
C LYS A 549 -12.36 -4.27 7.49
N ASP A 550 -12.86 -3.33 6.72
CA ASP A 550 -12.58 -3.33 5.30
C ASP A 550 -12.16 -1.93 4.88
N ALA A 551 -11.30 -1.33 5.68
CA ALA A 551 -10.70 -0.04 5.36
C ALA A 551 -11.70 1.10 5.15
N GLY A 552 -12.84 1.01 5.81
CA GLY A 552 -13.86 2.04 5.83
C GLY A 552 -15.03 1.87 4.89
N THR A 553 -15.11 0.78 4.15
CA THR A 553 -16.23 0.55 3.24
C THR A 553 -17.56 0.25 3.97
N THR A 554 -17.49 -0.55 5.04
CA THR A 554 -18.64 -0.86 5.90
C THR A 554 -18.23 -0.73 7.36
N TRP A 555 -19.23 -0.41 8.20
CA TRP A 555 -19.02 0.03 9.59
C TRP A 555 -19.93 -0.71 10.51
N SER A 556 -19.40 -1.14 11.65
CA SER A 556 -20.19 -1.83 12.66
C SER A 556 -21.20 -0.86 13.31
N ALA A 557 -22.14 -1.43 14.06
CA ALA A 557 -23.00 -0.63 14.95
C ALA A 557 -22.10 0.06 16.01
N PRO A 558 -22.48 1.25 16.48
CA PRO A 558 -21.65 1.92 17.48
C PRO A 558 -21.51 1.21 18.81
N GLU A 559 -20.35 1.32 19.43
CA GLU A 559 -20.13 0.88 20.82
C GLU A 559 -19.72 2.16 21.54
N TYR A 560 -19.63 2.13 22.87
CA TYR A 560 -19.43 3.35 23.64
C TYR A 560 -18.35 3.10 24.66
N LEU A 561 -17.46 4.05 24.84
CA LEU A 561 -16.45 3.95 25.88
C LEU A 561 -17.13 4.00 27.25
N LYS A 562 -16.70 3.15 28.15
CA LYS A 562 -17.39 3.06 29.44
C LYS A 562 -16.83 4.00 30.51
N PHE A 563 -15.73 4.66 30.22
CA PHE A 563 -14.99 5.37 31.27
C PHE A 563 -15.01 6.90 31.04
N VAL A 564 -15.67 7.39 29.99
CA VAL A 564 -15.89 8.80 29.82
C VAL A 564 -17.40 9.12 29.94
N SER A 565 -17.73 10.14 30.71
CA SER A 565 -19.11 10.55 30.93
C SER A 565 -19.22 12.08 30.91
N ASN A 566 -19.85 12.56 29.84
CA ASN A 566 -19.88 13.96 29.45
C ASN A 566 -21.32 14.49 29.38
N PRO A 567 -21.47 15.84 29.23
CA PRO A 567 -22.82 16.32 29.07
C PRO A 567 -23.34 15.84 27.73
N SER A 568 -24.65 15.88 27.61
CA SER A 568 -25.38 15.37 26.45
C SER A 568 -24.95 16.00 25.13
N TYR A 569 -24.59 17.29 25.15
CA TYR A 569 -24.11 18.01 23.96
C TYR A 569 -22.75 17.54 23.37
N GLY A 570 -21.85 17.05 24.22
CA GLY A 570 -20.58 16.53 23.86
C GLY A 570 -19.56 17.62 23.48
N THR A 571 -18.40 17.13 23.17
CA THR A 571 -17.31 17.88 22.75
C THR A 571 -16.48 17.08 21.78
N GLN A 572 -15.78 17.79 20.91
CA GLN A 572 -14.80 17.13 19.99
C GLN A 572 -13.72 16.41 20.82
N LEU A 573 -13.14 15.37 20.24
CA LEU A 573 -12.04 14.67 20.90
C LEU A 573 -10.79 14.60 19.95
N SER A 574 -9.65 14.19 20.49
CA SER A 574 -8.50 13.81 19.62
C SER A 574 -8.04 12.40 19.91
N ILE A 575 -7.84 11.57 18.88
CA ILE A 575 -7.24 10.32 19.10
C ILE A 575 -6.21 10.10 17.98
N ILE A 576 -5.04 9.55 18.36
CA ILE A 576 -3.99 9.25 17.37
C ILE A 576 -3.39 7.88 17.57
N ASN A 577 -2.83 7.35 16.49
CA ASN A 577 -1.89 6.22 16.56
C ASN A 577 -0.56 6.75 17.06
N TYR A 578 0.14 5.96 17.87
CA TYR A 578 1.46 6.28 18.40
C TYR A 578 2.40 5.24 17.82
N SER A 579 3.59 5.67 17.35
CA SER A 579 4.51 4.77 16.62
C SER A 579 5.32 3.80 17.49
N GLN A 580 5.41 4.04 18.78
CA GLN A 580 6.31 3.22 19.63
C GLN A 580 5.50 2.28 20.50
N LEU A 581 6.06 1.11 20.78
CA LEU A 581 5.40 0.18 21.68
C LEU A 581 5.33 0.76 23.08
N ILE A 582 4.21 0.54 23.74
CA ILE A 582 4.05 0.86 25.16
C ILE A 582 3.71 -0.45 25.84
N ASP A 583 4.49 -0.82 26.87
CA ASP A 583 4.42 -2.13 27.55
C ASP A 583 4.42 -3.26 26.55
N GLY A 584 5.24 -3.13 25.50
CA GLY A 584 5.34 -4.17 24.47
C GLY A 584 4.21 -4.21 23.47
N LYS A 585 3.31 -3.21 23.52
CA LYS A 585 2.09 -3.23 22.68
C LYS A 585 1.91 -1.97 21.84
N LYS A 586 1.18 -2.13 20.75
CA LYS A 586 0.81 -1.03 19.86
C LYS A 586 -0.16 -0.16 20.64
N ALA A 587 -0.01 1.14 20.55
CA ALA A 587 -0.81 2.07 21.34
C ALA A 587 -1.56 3.13 20.53
N VAL A 588 -2.70 3.53 21.09
CA VAL A 588 -3.37 4.74 20.73
C VAL A 588 -3.44 5.68 21.93
N ILE A 589 -3.60 6.99 21.62
CA ILE A 589 -3.64 8.05 22.65
C ILE A 589 -4.84 8.90 22.41
N LEU A 590 -5.64 9.07 23.45
CA LEU A 590 -6.93 9.83 23.35
C LEU A 590 -6.94 11.04 24.29
N SER A 591 -7.40 12.19 23.78
CA SER A 591 -7.64 13.42 24.56
C SER A 591 -9.13 13.81 24.48
N THR A 592 -9.74 14.07 25.66
CA THR A 592 -11.15 14.46 25.80
C THR A 592 -11.38 15.14 27.13
N PRO A 593 -12.30 16.08 27.20
CA PRO A 593 -12.84 16.26 28.56
C PRO A 593 -13.60 15.01 29.08
N ASN A 594 -13.80 14.98 30.41
CA ASN A 594 -14.50 13.87 31.09
C ASN A 594 -15.17 14.44 32.35
N SER A 595 -16.38 14.96 32.17
CA SER A 595 -17.17 15.61 33.21
C SER A 595 -18.56 15.83 32.69
N THR A 596 -19.55 15.53 33.54
CA THR A 596 -20.92 15.89 33.28
C THR A 596 -21.30 17.30 33.70
N ASN A 597 -20.38 18.03 34.32
CA ASN A 597 -20.59 19.44 34.73
C ASN A 597 -20.35 20.52 33.70
N GLY A 598 -19.73 20.15 32.58
CA GLY A 598 -19.31 21.09 31.59
C GLY A 598 -18.19 20.52 30.74
N ARG A 599 -17.57 21.40 29.95
CA ARG A 599 -16.37 21.02 29.19
C ARG A 599 -15.21 21.24 30.10
N LYS A 600 -14.92 20.17 30.81
CA LYS A 600 -13.97 20.22 31.96
C LYS A 600 -13.28 18.88 32.14
N HIS A 601 -12.25 18.89 33.00
CA HIS A 601 -11.59 17.68 33.47
C HIS A 601 -10.97 16.92 32.28
N GLY A 602 -10.07 17.61 31.55
CA GLY A 602 -9.28 17.04 30.52
C GLY A 602 -8.52 15.85 30.94
N GLN A 603 -8.60 14.82 30.13
CA GLN A 603 -7.82 13.63 30.36
C GLN A 603 -7.14 13.15 29.07
N ILE A 604 -5.96 12.56 29.27
CA ILE A 604 -5.28 11.85 28.21
C ILE A 604 -5.24 10.39 28.62
N TRP A 605 -5.74 9.55 27.72
CA TRP A 605 -5.81 8.08 27.90
C TRP A 605 -4.91 7.34 26.92
N ILE A 606 -4.18 6.37 27.45
CA ILE A 606 -3.40 5.42 26.64
C ILE A 606 -4.15 4.10 26.52
N GLY A 607 -4.36 3.68 25.27
CA GLY A 607 -5.01 2.43 24.98
C GLY A 607 -4.05 1.51 24.26
N LEU A 608 -3.89 0.32 24.77
CA LEU A 608 -3.00 -0.64 24.20
C LEU A 608 -3.83 -1.65 23.42
N ILE A 609 -3.41 -1.90 22.21
CA ILE A 609 -4.14 -2.76 21.29
C ILE A 609 -3.77 -4.20 21.54
N ASN A 610 -4.78 -5.04 21.68
CA ASN A 610 -4.60 -6.49 21.90
C ASN A 610 -4.60 -7.24 20.59
N ASP A 611 -4.06 -8.48 20.62
CA ASP A 611 -4.03 -9.35 19.47
C ASP A 611 -5.35 -9.46 18.74
N ASP A 612 -6.45 -9.46 19.49
CA ASP A 612 -7.79 -9.60 18.93
C ASP A 612 -8.43 -8.22 18.55
N ASN A 613 -7.61 -7.17 18.49
CA ASN A 613 -8.07 -5.80 18.22
C ASN A 613 -8.98 -5.10 19.24
N THR A 614 -9.29 -5.71 20.40
CA THR A 614 -9.83 -4.94 21.52
C THR A 614 -8.69 -4.08 22.07
N ILE A 615 -9.04 -3.03 22.80
CA ILE A 615 -8.11 -2.08 23.37
C ILE A 615 -8.21 -2.18 24.89
N ASP A 616 -7.04 -2.35 25.53
CA ASP A 616 -6.86 -2.24 26.98
C ASP A 616 -6.56 -0.76 27.30
N TRP A 617 -7.55 -0.07 27.86
CA TRP A 617 -7.38 1.35 28.20
C TRP A 617 -6.69 1.46 29.56
N ARG A 618 -5.37 1.34 29.49
CA ARG A 618 -4.60 0.96 30.66
C ARG A 618 -4.23 2.16 31.53
N TYR A 619 -4.03 3.33 30.93
CA TYR A 619 -3.52 4.49 31.68
C TYR A 619 -4.33 5.73 31.38
N HIS A 620 -4.42 6.63 32.36
CA HIS A 620 -4.96 7.97 32.10
C HIS A 620 -4.19 9.01 32.94
N HIS A 621 -4.15 10.23 32.41
CA HIS A 621 -3.53 11.37 33.00
C HIS A 621 -4.53 12.57 32.99
N ASP A 622 -4.81 13.10 34.17
CA ASP A 622 -5.58 14.34 34.35
C ASP A 622 -4.74 15.53 34.03
N VAL A 623 -5.15 16.33 33.06
CA VAL A 623 -4.34 17.44 32.58
C VAL A 623 -4.19 18.56 33.66
N ASP A 624 -5.28 18.92 34.30
CA ASP A 624 -5.24 19.94 35.38
C ASP A 624 -6.31 19.43 36.35
N TYR A 625 -6.69 20.21 37.36
CA TYR A 625 -7.74 19.77 38.29
C TYR A 625 -9.08 19.57 37.59
N SER A 626 -9.94 18.81 38.23
CA SER A 626 -11.22 18.43 37.61
C SER A 626 -12.24 19.54 37.24
N ASN A 627 -12.29 20.67 38.00
CA ASN A 627 -13.19 21.67 37.68
C ASN A 627 -12.66 22.71 36.63
N TYR A 628 -11.43 22.53 36.15
CA TYR A 628 -10.80 23.46 35.24
C TYR A 628 -11.33 23.14 33.82
N GLY A 629 -11.37 24.16 32.98
CA GLY A 629 -11.95 24.08 31.67
C GLY A 629 -11.04 23.32 30.71
N TYR A 630 -11.69 22.59 29.79
CA TYR A 630 -11.03 21.73 28.81
C TYR A 630 -12.01 21.36 27.73
N SER A 631 -11.84 22.00 26.57
CA SER A 631 -12.80 21.84 25.48
C SER A 631 -12.13 21.15 24.30
N TYR A 632 -12.16 21.72 23.11
CA TYR A 632 -11.52 21.09 21.91
C TYR A 632 -9.99 20.89 22.08
N SER A 633 -9.46 19.80 21.56
CA SER A 633 -8.05 19.41 21.78
C SER A 633 -7.49 18.70 20.59
N THR A 634 -6.17 18.61 20.56
CA THR A 634 -5.46 17.99 19.48
C THR A 634 -4.10 17.47 19.98
N LEU A 635 -3.84 16.22 19.62
CA LEU A 635 -2.67 15.51 19.93
C LEU A 635 -1.81 15.29 18.65
N THR A 636 -0.51 15.27 18.84
CA THR A 636 0.40 14.79 17.81
C THR A 636 1.63 14.12 18.50
N GLU A 637 2.15 13.09 17.85
CA GLU A 637 3.45 12.54 18.22
C GLU A 637 4.60 13.40 17.67
N LEU A 638 5.47 13.84 18.56
CA LEU A 638 6.57 14.63 18.12
C LEU A 638 7.61 13.69 17.55
N PRO A 639 8.55 14.20 16.72
CA PRO A 639 9.66 13.41 16.19
C PRO A 639 10.50 12.63 17.22
N ASN A 640 10.67 13.22 18.39
CA ASN A 640 11.35 12.56 19.48
C ASN A 640 10.48 11.59 20.30
N HIS A 641 9.21 11.37 19.90
CA HIS A 641 8.29 10.36 20.50
C HIS A 641 7.64 10.80 21.80
N GLU A 642 7.83 12.07 22.17
CA GLU A 642 6.98 12.72 23.14
C GLU A 642 5.65 13.12 22.46
N ILE A 643 4.74 13.62 23.26
CA ILE A 643 3.38 13.96 22.78
C ILE A 643 3.15 15.41 22.94
N GLY A 644 2.71 16.02 21.86
CA GLY A 644 2.30 17.42 21.90
C GLY A 644 0.78 17.54 21.99
N LEU A 645 0.33 18.47 22.81
CA LEU A 645 -1.06 18.71 23.05
C LEU A 645 -1.32 20.20 22.97
N MET A 646 -2.32 20.57 22.15
CA MET A 646 -2.88 21.92 22.23
C MET A 646 -4.35 21.78 22.52
N PHE A 647 -4.87 22.66 23.33
CA PHE A 647 -6.25 22.56 23.72
C PHE A 647 -6.85 23.87 24.18
N GLU A 648 -8.17 23.90 24.19
CA GLU A 648 -8.91 25.04 24.60
C GLU A 648 -9.02 24.91 26.10
N LYS A 649 -8.29 25.74 26.86
CA LYS A 649 -8.29 25.66 28.32
C LYS A 649 -9.35 26.58 28.90
N PHE A 650 -10.58 26.25 28.56
CA PHE A 650 -11.78 27.03 28.98
C PHE A 650 -12.93 26.15 28.55
N ASP A 651 -14.14 26.53 28.95
CA ASP A 651 -15.33 25.80 28.56
C ASP A 651 -15.90 26.60 27.37
N SER A 652 -15.77 26.01 26.17
CA SER A 652 -16.21 26.69 24.91
C SER A 652 -17.72 26.60 24.58
N TRP A 653 -18.45 25.87 25.41
CA TRP A 653 -19.92 25.76 25.35
C TRP A 653 -20.55 26.83 26.18
N SER A 654 -19.97 27.10 27.36
CA SER A 654 -20.57 28.03 28.32
C SER A 654 -20.70 29.41 27.77
N ARG A 655 -21.85 30.03 28.02
CA ARG A 655 -22.12 31.43 27.69
C ARG A 655 -21.41 32.43 28.58
N ASN A 656 -20.88 31.98 29.70
CA ASN A 656 -20.10 32.77 30.63
C ASN A 656 -18.61 32.83 30.28
N GLU A 657 -18.16 31.95 29.36
CA GLU A 657 -16.74 31.88 29.01
C GLU A 657 -16.45 32.26 27.55
N LEU A 658 -17.35 33.01 26.96
CA LEU A 658 -17.20 33.52 25.60
C LEU A 658 -16.18 34.62 25.51
N HIS A 659 -15.51 34.71 24.35
CA HIS A 659 -14.75 35.93 23.95
C HIS A 659 -13.58 36.24 24.93
N MET A 660 -12.88 35.15 25.29
CA MET A 660 -11.69 35.24 26.17
C MET A 660 -10.37 35.10 25.38
N LYS A 661 -9.41 35.95 25.75
CA LYS A 661 -8.12 35.98 25.06
C LYS A 661 -7.08 35.04 25.68
N ASN A 662 -6.18 34.53 24.82
CA ASN A 662 -4.99 33.77 25.31
C ASN A 662 -5.30 32.57 26.24
N VAL A 663 -6.13 31.68 25.72
CA VAL A 663 -6.66 30.58 26.42
C VAL A 663 -6.50 29.24 25.69
N VAL A 664 -5.59 29.14 24.72
CA VAL A 664 -5.38 27.87 23.96
C VAL A 664 -3.90 27.55 24.01
N PRO A 665 -3.44 26.95 25.12
CA PRO A 665 -2.02 26.65 25.24
C PRO A 665 -1.61 25.37 24.57
N TYR A 666 -0.31 25.27 24.40
CA TYR A 666 0.35 24.04 23.90
C TYR A 666 1.15 23.49 25.07
N ILE A 667 1.08 22.19 25.32
CA ILE A 667 1.90 21.47 26.32
C ILE A 667 2.40 20.15 25.78
N THR A 668 3.38 19.59 26.48
CA THR A 668 4.01 18.31 26.06
C THR A 668 4.15 17.33 27.21
N PHE A 669 4.10 16.07 26.84
CA PHE A 669 4.18 14.98 27.79
C PHE A 669 5.13 13.95 27.25
N LYS A 670 5.85 13.32 28.16
CA LYS A 670 6.54 12.08 27.87
C LYS A 670 5.53 10.99 28.17
N ILE A 671 5.76 9.81 27.61
CA ILE A 671 4.87 8.68 27.92
C ILE A 671 4.89 8.41 29.42
N GLU A 672 6.04 8.55 30.05
CA GLU A 672 6.08 8.33 31.52
C GLU A 672 5.20 9.32 32.30
N ASP A 673 5.01 10.52 31.76
CA ASP A 673 4.09 11.50 32.37
C ASP A 673 2.66 11.03 32.25
N LEU A 674 2.30 10.54 31.07
CA LEU A 674 0.94 10.07 30.81
C LEU A 674 0.53 8.79 31.55
N LYS A 675 1.48 8.00 32.00
CA LYS A 675 1.15 6.85 32.83
C LYS A 675 0.63 7.20 34.22
N LYS A 676 0.89 8.41 34.67
CA LYS A 676 0.55 8.83 36.03
C LYS A 676 -0.76 9.58 36.07
N ASN A 677 -1.69 8.95 36.81
CA ASN A 677 -3.02 9.36 37.36
C ASN A 677 -4.11 8.24 37.40
N ASN B 20 21.76 -41.45 -54.12
CA ASN B 20 20.34 -41.74 -53.70
C ASN B 20 19.35 -40.73 -54.32
N THR B 21 18.68 -41.02 -55.44
CA THR B 21 17.72 -40.01 -55.99
C THR B 21 16.27 -40.50 -55.94
N PRO B 22 15.29 -39.56 -55.96
CA PRO B 22 13.89 -39.98 -55.78
C PRO B 22 13.36 -40.79 -56.95
N VAL B 23 12.49 -41.75 -56.66
CA VAL B 23 11.77 -42.45 -57.73
C VAL B 23 10.53 -41.68 -58.16
N LEU B 24 10.05 -40.80 -57.29
CA LEU B 24 8.99 -39.87 -57.64
C LEU B 24 9.18 -38.64 -56.82
N GLU B 25 9.02 -37.48 -57.48
CA GLU B 25 8.96 -36.18 -56.77
C GLU B 25 7.82 -35.35 -57.36
N LYS B 26 6.91 -34.89 -56.50
CA LYS B 26 5.81 -34.05 -56.91
C LYS B 26 5.86 -32.74 -56.12
N ASN B 27 5.20 -31.70 -56.64
CA ASN B 27 5.16 -30.40 -55.96
C ASN B 27 3.87 -29.61 -56.12
N ASN B 28 3.65 -28.72 -55.16
N ASN B 28 3.64 -28.73 -55.15
CA ASN B 28 2.47 -27.86 -55.09
CA ASN B 28 2.48 -27.85 -55.11
C ASN B 28 1.17 -28.61 -55.35
C ASN B 28 1.20 -28.64 -55.41
N VAL B 29 0.95 -29.66 -54.56
CA VAL B 29 -0.26 -30.50 -54.66
C VAL B 29 -1.19 -29.94 -53.62
N THR B 30 -2.19 -29.20 -54.04
CA THR B 30 -3.15 -28.61 -53.12
C THR B 30 -4.40 -29.51 -53.03
N LEU B 31 -4.83 -29.77 -51.80
CA LEU B 31 -5.84 -30.78 -51.61
C LEU B 31 -6.76 -30.36 -50.50
N THR B 32 -8.01 -30.81 -50.64
CA THR B 32 -9.00 -30.62 -49.63
C THR B 32 -9.70 -31.95 -49.46
N GLY B 33 -8.94 -32.86 -48.86
CA GLY B 33 -9.47 -34.17 -48.52
C GLY B 33 -9.64 -35.17 -49.63
N GLY B 34 -9.47 -34.79 -50.91
CA GLY B 34 -9.75 -35.71 -52.01
C GLY B 34 -8.60 -36.61 -52.50
N GLY B 35 -7.36 -36.23 -52.22
CA GLY B 35 -6.20 -37.07 -52.52
C GLY B 35 -5.76 -37.00 -53.96
N GLU B 36 -4.61 -37.58 -54.27
CA GLU B 36 -4.17 -37.68 -55.66
C GLU B 36 -3.51 -39.05 -55.94
N ASN B 37 -3.99 -39.68 -56.98
CA ASN B 37 -3.54 -40.99 -57.36
C ASN B 37 -2.16 -40.92 -58.04
N VAL B 38 -1.18 -41.58 -57.46
CA VAL B 38 0.12 -41.72 -58.10
C VAL B 38 0.53 -43.21 -58.36
N THR B 39 -0.45 -44.08 -58.55
CA THR B 39 -0.21 -45.50 -58.71
C THR B 39 0.70 -45.80 -59.91
N LYS B 40 0.30 -45.29 -61.06
CA LYS B 40 1.14 -45.44 -62.28
C LYS B 40 2.61 -45.10 -62.04
N GLU B 41 2.86 -44.04 -61.26
CA GLU B 41 4.20 -43.49 -61.04
C GLU B 41 5.07 -44.32 -60.10
N LEU B 42 4.43 -45.01 -59.17
CA LEU B 42 5.15 -45.76 -58.12
C LEU B 42 5.04 -47.33 -58.11
N LYS B 43 4.01 -47.86 -58.76
CA LYS B 43 3.72 -49.27 -58.89
C LYS B 43 4.97 -50.16 -59.01
N ASP B 44 5.88 -49.88 -59.91
CA ASP B 44 6.99 -50.80 -60.05
C ASP B 44 8.29 -50.33 -59.45
N LYS B 45 8.22 -49.39 -58.50
CA LYS B 45 9.43 -48.72 -58.09
C LYS B 45 10.11 -49.33 -56.87
N PHE B 46 9.38 -50.06 -56.02
CA PHE B 46 9.91 -50.44 -54.69
C PHE B 46 10.41 -51.89 -54.64
N THR B 47 11.58 -52.11 -55.22
CA THR B 47 12.06 -53.46 -55.44
C THR B 47 12.45 -54.20 -54.13
N SER B 48 13.27 -53.61 -53.26
CA SER B 48 13.47 -54.20 -51.91
C SER B 48 12.24 -54.14 -50.98
N GLY B 49 11.41 -53.12 -51.14
CA GLY B 49 10.31 -52.85 -50.23
C GLY B 49 10.63 -51.82 -49.15
N ASP B 50 11.91 -51.55 -48.89
CA ASP B 50 12.27 -50.45 -48.03
C ASP B 50 11.93 -49.08 -48.68
N PHE B 51 11.80 -48.06 -47.83
CA PHE B 51 11.41 -46.75 -48.36
C PHE B 51 11.77 -45.61 -47.43
N THR B 52 11.93 -44.45 -48.05
CA THR B 52 12.00 -43.17 -47.35
C THR B 52 11.04 -42.26 -48.06
N VAL B 53 10.25 -41.51 -47.29
CA VAL B 53 9.40 -40.49 -47.90
C VAL B 53 9.62 -39.20 -47.15
N VAL B 54 9.89 -38.12 -47.87
CA VAL B 54 10.16 -36.76 -47.31
C VAL B 54 9.05 -35.83 -47.81
N ILE B 55 8.34 -35.23 -46.87
CA ILE B 55 7.19 -34.40 -47.15
C ILE B 55 7.30 -32.99 -46.53
N LYS B 56 7.32 -32.01 -47.44
CA LYS B 56 7.22 -30.58 -47.05
C LYS B 56 5.79 -30.18 -47.36
N TYR B 57 5.12 -29.74 -46.33
CA TYR B 57 3.65 -29.51 -46.40
C TYR B 57 3.27 -28.34 -45.49
N ASN B 58 2.07 -27.82 -45.71
CA ASN B 58 1.40 -27.00 -44.73
C ASN B 58 -0.07 -27.38 -44.74
N GLN B 59 -0.69 -27.44 -43.56
CA GLN B 59 -2.11 -27.79 -43.49
C GLN B 59 -3.00 -26.58 -43.59
N SER B 60 -4.10 -26.69 -44.33
CA SER B 60 -5.10 -25.61 -44.43
C SER B 60 -6.12 -25.75 -43.31
N SER B 61 -6.26 -26.97 -42.82
CA SER B 61 -7.13 -27.29 -41.70
C SER B 61 -6.49 -28.46 -40.98
N GLU B 62 -6.45 -28.39 -39.66
CA GLU B 62 -5.79 -29.44 -38.85
C GLU B 62 -6.74 -30.54 -38.31
N LYS B 63 -8.05 -30.40 -38.52
CA LYS B 63 -9.02 -31.28 -37.87
C LYS B 63 -8.94 -32.70 -38.44
N GLY B 64 -9.00 -33.66 -37.55
CA GLY B 64 -9.09 -35.07 -37.93
C GLY B 64 -7.73 -35.68 -38.18
N LEU B 65 -7.74 -36.97 -38.42
CA LEU B 65 -6.55 -37.70 -38.72
C LEU B 65 -6.27 -37.56 -40.24
N GLN B 66 -5.09 -37.08 -40.60
CA GLN B 66 -4.76 -36.87 -42.02
C GLN B 66 -3.44 -37.55 -42.45
N ALA B 67 -3.54 -38.35 -43.52
CA ALA B 67 -2.43 -39.02 -44.16
C ALA B 67 -1.76 -38.17 -45.22
N LEU B 68 -0.43 -38.04 -45.12
CA LEU B 68 0.35 -37.29 -46.16
C LEU B 68 0.48 -38.08 -47.45
N PHE B 69 0.51 -39.39 -47.31
CA PHE B 69 0.47 -40.31 -48.43
C PHE B 69 0.02 -41.69 -47.89
N GLY B 70 -0.35 -42.57 -48.81
CA GLY B 70 -0.85 -43.88 -48.44
C GLY B 70 -0.54 -44.88 -49.51
N ILE B 71 0.02 -46.02 -49.08
CA ILE B 71 0.35 -47.12 -49.99
C ILE B 71 -0.48 -48.29 -49.46
N SER B 72 -1.39 -48.78 -50.29
CA SER B 72 -2.41 -49.71 -49.83
C SER B 72 -2.76 -50.79 -50.84
N ASN B 73 -3.36 -51.83 -50.29
CA ASN B 73 -4.19 -52.77 -51.06
C ASN B 73 -5.62 -52.24 -50.94
N SER B 74 -6.16 -51.77 -52.05
CA SER B 74 -7.40 -51.02 -52.05
C SER B 74 -8.67 -51.87 -52.24
N LYS B 75 -8.51 -53.17 -52.40
CA LYS B 75 -9.65 -54.04 -52.72
C LYS B 75 -10.53 -54.31 -51.49
N PRO B 76 -11.80 -54.72 -51.74
CA PRO B 76 -12.69 -55.09 -50.60
C PRO B 76 -12.04 -56.16 -49.71
N GLY B 77 -12.24 -56.08 -48.41
CA GLY B 77 -11.62 -57.01 -47.44
C GLY B 77 -10.18 -56.72 -47.01
N GLN B 78 -9.48 -55.85 -47.76
CA GLN B 78 -8.05 -55.51 -47.50
C GLN B 78 -7.79 -54.12 -46.90
N GLN B 79 -8.78 -53.60 -46.18
CA GLN B 79 -8.70 -52.26 -45.57
C GLN B 79 -7.61 -52.09 -44.55
N ASN B 80 -7.17 -53.20 -43.95
CA ASN B 80 -6.08 -53.12 -42.99
C ASN B 80 -4.72 -53.50 -43.60
N SER B 81 -4.56 -53.26 -44.91
CA SER B 81 -3.31 -53.51 -45.62
C SER B 81 -2.80 -52.20 -46.24
N TYR B 82 -2.06 -51.46 -45.43
CA TYR B 82 -1.50 -50.21 -45.90
C TYR B 82 -0.31 -49.72 -45.08
N VAL B 83 0.38 -48.75 -45.69
CA VAL B 83 1.40 -47.93 -45.07
C VAL B 83 1.00 -46.46 -45.24
N ASP B 84 1.20 -45.69 -44.19
CA ASP B 84 1.00 -44.25 -44.27
C ASP B 84 1.86 -43.47 -43.30
N VAL B 85 1.95 -42.17 -43.53
CA VAL B 85 2.38 -41.24 -42.53
C VAL B 85 1.22 -40.28 -42.28
N PHE B 86 0.92 -40.04 -41.00
CA PHE B 86 -0.23 -39.23 -40.62
C PHE B 86 0.08 -38.12 -39.62
N LEU B 87 -0.83 -37.14 -39.61
CA LEU B 87 -0.83 -36.01 -38.68
C LEU B 87 -2.14 -36.01 -37.92
N ARG B 88 -2.06 -35.64 -36.65
CA ARG B 88 -3.23 -35.46 -35.81
C ARG B 88 -3.42 -33.99 -35.52
N ASP B 89 -4.62 -33.62 -35.08
CA ASP B 89 -4.93 -32.24 -34.69
C ASP B 89 -4.25 -31.73 -33.40
N ASN B 90 -3.42 -32.55 -32.76
CA ASN B 90 -2.56 -32.15 -31.64
C ASN B 90 -1.08 -32.04 -31.97
N GLY B 91 -0.70 -32.17 -33.22
CA GLY B 91 0.66 -31.99 -33.66
C GLY B 91 1.44 -33.27 -33.66
N GLU B 92 0.79 -34.39 -33.32
CA GLU B 92 1.46 -35.68 -33.34
C GLU B 92 1.77 -36.09 -34.78
N LEU B 93 2.98 -36.58 -35.02
CA LEU B 93 3.33 -37.20 -36.31
C LEU B 93 3.51 -38.71 -36.05
N GLY B 94 2.90 -39.54 -36.88
CA GLY B 94 2.99 -40.99 -36.77
C GLY B 94 3.01 -41.67 -38.14
N MET B 95 3.19 -42.99 -38.10
CA MET B 95 3.09 -43.82 -39.28
C MET B 95 2.45 -45.12 -38.92
N GLU B 96 1.70 -45.66 -39.84
CA GLU B 96 1.21 -47.05 -39.73
C GLU B 96 1.76 -47.93 -40.83
N ALA B 97 1.97 -49.19 -40.50
CA ALA B 97 2.25 -50.22 -41.49
C ALA B 97 1.50 -51.46 -41.06
N ARG B 98 0.53 -51.86 -41.87
CA ARG B 98 -0.42 -52.91 -41.51
C ARG B 98 -0.66 -53.91 -42.63
N ASP B 99 -0.90 -55.16 -42.24
CA ASP B 99 -1.26 -56.24 -43.18
C ASP B 99 -2.43 -57.04 -42.64
N THR B 100 -3.46 -57.16 -43.48
CA THR B 100 -4.75 -57.70 -43.09
C THR B 100 -4.65 -59.18 -42.72
N SER B 101 -4.18 -60.02 -43.67
CA SER B 101 -4.30 -61.47 -43.47
C SER B 101 -3.41 -61.99 -42.35
N SER B 102 -2.30 -61.32 -42.06
CA SER B 102 -1.45 -61.74 -40.94
C SER B 102 -1.80 -61.00 -39.65
N ASN B 103 -2.83 -60.17 -39.65
CA ASN B 103 -3.16 -59.32 -38.49
C ASN B 103 -1.95 -58.63 -37.83
N LYS B 104 -1.07 -58.09 -38.67
CA LYS B 104 0.08 -57.29 -38.20
C LYS B 104 -0.19 -55.77 -38.33
N ASN B 105 -0.06 -55.07 -37.20
CA ASN B 105 -0.44 -53.65 -37.06
C ASN B 105 0.64 -52.87 -36.38
N ASN B 106 1.53 -52.29 -37.15
CA ASN B 106 2.59 -51.42 -36.59
C ASN B 106 2.15 -49.93 -36.54
N LEU B 107 2.43 -49.28 -35.41
CA LEU B 107 2.19 -47.85 -35.23
C LEU B 107 3.39 -47.26 -34.53
N VAL B 108 3.98 -46.23 -35.12
CA VAL B 108 5.12 -45.54 -34.51
C VAL B 108 4.78 -44.04 -34.60
N SER B 109 5.00 -43.30 -33.52
CA SER B 109 4.64 -41.88 -33.50
C SER B 109 5.38 -41.14 -32.45
N ARG B 110 5.39 -39.79 -32.55
CA ARG B 110 5.71 -39.00 -31.41
C ARG B 110 4.78 -37.82 -31.34
N PRO B 111 4.24 -37.57 -30.14
CA PRO B 111 3.50 -36.37 -29.91
C PRO B 111 4.29 -35.08 -30.21
N ALA B 112 3.56 -34.00 -30.49
CA ALA B 112 4.10 -32.65 -30.47
C ALA B 112 5.27 -32.51 -31.47
N SER B 113 5.06 -33.09 -32.65
CA SER B 113 6.10 -33.19 -33.66
C SER B 113 6.07 -32.06 -34.68
N VAL B 114 4.91 -31.54 -35.00
CA VAL B 114 4.80 -30.46 -35.99
C VAL B 114 4.17 -29.17 -35.41
N TRP B 115 4.22 -28.10 -36.21
CA TRP B 115 3.54 -26.86 -35.91
C TRP B 115 2.29 -26.77 -36.80
N GLY B 116 1.30 -26.02 -36.36
CA GLY B 116 0.05 -25.83 -37.11
C GLY B 116 0.03 -24.50 -37.81
N LYS B 117 -0.17 -23.45 -37.03
CA LYS B 117 -0.17 -22.08 -37.52
C LYS B 117 0.71 -21.21 -36.64
N TYR B 118 0.98 -20.03 -37.21
CA TYR B 118 1.87 -19.04 -36.66
C TYR B 118 1.48 -17.69 -37.23
N LYS B 119 1.01 -16.78 -36.38
CA LYS B 119 0.67 -15.41 -36.83
C LYS B 119 -0.20 -15.43 -38.03
N GLN B 120 -1.28 -16.20 -37.95
CA GLN B 120 -2.35 -16.24 -38.98
C GLN B 120 -2.05 -17.05 -40.27
N GLU B 121 -0.87 -17.64 -40.39
CA GLU B 121 -0.48 -18.45 -41.59
C GLU B 121 -0.26 -19.93 -41.22
N ALA B 122 -0.65 -20.82 -42.11
CA ALA B 122 -0.27 -22.24 -42.02
C ALA B 122 1.25 -22.38 -41.98
N VAL B 123 1.80 -23.18 -41.05
CA VAL B 123 3.25 -23.37 -41.00
C VAL B 123 3.69 -24.48 -41.94
N THR B 124 4.74 -24.19 -42.69
CA THR B 124 5.43 -25.18 -43.47
C THR B 124 6.24 -26.08 -42.54
N ASN B 125 5.96 -27.39 -42.56
CA ASN B 125 6.82 -28.35 -41.90
C ASN B 125 7.49 -29.27 -42.90
N THR B 126 8.56 -29.96 -42.47
CA THR B 126 9.16 -31.02 -43.26
C THR B 126 9.28 -32.20 -42.39
N VAL B 127 8.63 -33.28 -42.83
CA VAL B 127 8.66 -34.55 -42.04
C VAL B 127 9.13 -35.69 -42.93
N ALA B 128 9.58 -36.78 -42.32
CA ALA B 128 10.05 -37.93 -43.09
C ALA B 128 9.85 -39.20 -42.30
N VAL B 129 9.65 -40.28 -43.04
CA VAL B 129 9.65 -41.65 -42.51
C VAL B 129 10.76 -42.44 -43.23
N VAL B 130 11.45 -43.29 -42.47
CA VAL B 130 12.38 -44.26 -42.98
C VAL B 130 12.03 -45.68 -42.47
N ALA B 131 11.76 -46.59 -43.38
CA ALA B 131 11.57 -48.02 -43.08
C ALA B 131 12.79 -48.81 -43.55
N ASP B 132 13.44 -49.48 -42.58
CA ASP B 132 14.72 -50.21 -42.79
C ASP B 132 14.54 -51.66 -42.35
N SER B 133 14.27 -52.56 -43.29
CA SER B 133 14.13 -53.98 -43.00
C SER B 133 15.29 -54.68 -42.38
N VAL B 134 16.50 -54.24 -42.68
CA VAL B 134 17.69 -54.86 -42.11
C VAL B 134 17.70 -54.63 -40.60
N LYS B 135 17.52 -53.38 -40.18
CA LYS B 135 17.38 -53.05 -38.76
C LYS B 135 15.99 -53.33 -38.17
N LYS B 136 15.00 -53.68 -39.00
CA LYS B 136 13.57 -53.81 -38.60
C LYS B 136 13.04 -52.57 -37.85
N THR B 137 13.43 -51.38 -38.30
CA THR B 137 13.01 -50.12 -37.66
C THR B 137 12.26 -49.18 -38.60
N TYR B 138 11.34 -48.46 -37.97
CA TYR B 138 10.71 -47.27 -38.57
C TYR B 138 11.20 -46.07 -37.81
N SER B 139 11.60 -45.04 -38.55
CA SER B 139 12.02 -43.77 -37.97
C SER B 139 11.23 -42.63 -38.56
N LEU B 140 10.92 -41.65 -37.70
CA LEU B 140 10.21 -40.44 -38.13
C LEU B 140 11.05 -39.18 -37.81
N TYR B 141 11.02 -38.26 -38.72
CA TYR B 141 11.72 -36.96 -38.56
C TYR B 141 10.72 -35.83 -38.75
N ALA B 142 10.97 -34.74 -38.08
CA ALA B 142 10.17 -33.53 -38.21
C ALA B 142 11.07 -32.34 -37.96
N ASN B 143 11.17 -31.51 -38.98
CA ASN B 143 11.79 -30.19 -38.82
C ASN B 143 13.22 -30.26 -38.27
N GLY B 144 13.97 -31.30 -38.70
CA GLY B 144 15.39 -31.47 -38.36
C GLY B 144 15.69 -32.36 -37.18
N THR B 145 14.67 -32.87 -36.51
CA THR B 145 14.86 -33.79 -35.39
C THR B 145 14.32 -35.18 -35.74
N LYS B 146 15.03 -36.22 -35.31
CA LYS B 146 14.51 -37.57 -35.40
C LYS B 146 13.60 -37.69 -34.17
N VAL B 147 12.32 -37.54 -34.38
CA VAL B 147 11.40 -37.56 -33.27
C VAL B 147 11.18 -38.98 -32.76
N VAL B 148 11.32 -40.00 -33.60
CA VAL B 148 11.22 -41.36 -33.08
C VAL B 148 11.91 -42.36 -33.98
N GLU B 149 12.50 -43.38 -33.33
CA GLU B 149 13.03 -44.57 -33.97
C GLU B 149 12.68 -45.82 -33.16
N LYS B 150 12.00 -46.77 -33.79
CA LYS B 150 11.37 -47.89 -33.12
C LYS B 150 11.68 -49.18 -33.88
N LYS B 151 12.39 -50.09 -33.23
CA LYS B 151 12.54 -51.47 -33.69
C LYS B 151 11.28 -52.24 -33.40
N VAL B 152 10.76 -52.94 -34.38
CA VAL B 152 9.53 -53.70 -34.23
C VAL B 152 9.70 -55.18 -34.68
N ASP B 153 9.22 -56.12 -33.89
CA ASP B 153 9.32 -57.55 -34.23
C ASP B 153 8.43 -57.90 -35.42
N ASN B 154 7.22 -57.37 -35.44
CA ASN B 154 6.32 -57.54 -36.61
C ASN B 154 6.55 -56.59 -37.81
N PHE B 155 7.80 -56.38 -38.20
CA PHE B 155 8.16 -55.41 -39.22
C PHE B 155 7.49 -55.70 -40.55
N LEU B 156 7.04 -54.64 -41.19
CA LEU B 156 6.46 -54.74 -42.51
C LEU B 156 7.05 -53.66 -43.39
N ASN B 157 7.49 -54.05 -44.57
CA ASN B 157 7.78 -53.08 -45.60
C ASN B 157 6.74 -53.24 -46.70
N ILE B 158 6.89 -52.50 -47.79
CA ILE B 158 5.83 -52.44 -48.81
C ILE B 158 5.61 -53.82 -49.42
N LYS B 159 6.70 -54.54 -49.63
CA LYS B 159 6.67 -55.88 -50.20
C LYS B 159 6.10 -56.96 -49.26
N ASP B 160 6.17 -56.74 -47.96
CA ASP B 160 5.58 -57.70 -46.99
C ASP B 160 4.04 -57.65 -46.91
N ILE B 161 3.42 -56.60 -47.41
CA ILE B 161 1.98 -56.42 -47.30
C ILE B 161 1.39 -56.96 -48.57
N LYS B 162 0.36 -57.77 -48.43
CA LYS B 162 -0.13 -58.57 -49.54
C LYS B 162 -1.02 -57.73 -50.47
N GLY B 163 -0.74 -57.81 -51.76
CA GLY B 163 -1.58 -57.22 -52.79
C GLY B 163 -1.59 -55.70 -52.84
N ILE B 164 -0.50 -55.05 -52.50
CA ILE B 164 -0.40 -53.58 -52.63
C ILE B 164 -0.65 -53.26 -54.11
N ASP B 165 -1.61 -52.39 -54.38
CA ASP B 165 -1.94 -52.00 -55.74
C ASP B 165 -2.37 -50.50 -55.87
N TYR B 166 -2.18 -49.67 -54.83
CA TYR B 166 -2.62 -48.33 -54.86
C TYR B 166 -1.68 -47.44 -54.04
N TYR B 167 -1.33 -46.31 -54.65
CA TYR B 167 -0.34 -45.37 -54.15
C TYR B 167 -0.95 -44.02 -54.34
N MET B 168 -1.11 -43.33 -53.22
CA MET B 168 -1.86 -42.14 -53.14
C MET B 168 -1.13 -41.00 -52.41
N LEU B 169 -1.29 -39.77 -52.87
CA LEU B 169 -0.90 -38.60 -52.03
C LEU B 169 -2.13 -38.04 -51.31
N GLY B 170 -1.96 -37.77 -50.03
CA GLY B 170 -2.96 -37.06 -49.26
C GLY B 170 -4.14 -37.89 -48.80
N GLY B 171 -3.92 -39.22 -48.64
CA GLY B 171 -4.96 -40.15 -48.24
C GLY B 171 -4.49 -41.59 -48.29
N VAL B 172 -5.36 -42.50 -47.86
CA VAL B 172 -5.10 -43.94 -47.96
C VAL B 172 -6.34 -44.53 -48.61
N LYS B 173 -6.16 -45.26 -49.69
CA LYS B 173 -7.28 -45.93 -50.37
C LYS B 173 -7.58 -47.29 -49.69
N ARG B 174 -8.74 -47.33 -49.03
CA ARG B 174 -9.20 -48.46 -48.24
C ARG B 174 -10.56 -48.87 -48.74
N ALA B 175 -10.68 -50.10 -49.20
CA ALA B 175 -11.91 -50.65 -49.81
C ALA B 175 -12.54 -49.75 -50.90
N GLY B 176 -11.73 -49.25 -51.81
CA GLY B 176 -12.21 -48.36 -52.89
C GLY B 176 -12.52 -46.91 -52.45
N LYS B 177 -12.19 -46.53 -51.21
CA LYS B 177 -12.60 -45.22 -50.68
C LYS B 177 -11.42 -44.49 -50.03
N THR B 178 -11.44 -43.15 -50.11
CA THR B 178 -10.35 -42.36 -49.60
C THR B 178 -10.51 -42.16 -48.14
N ALA B 179 -9.53 -42.62 -47.39
CA ALA B 179 -9.54 -42.41 -45.92
C ALA B 179 -8.46 -41.42 -45.54
N PHE B 180 -8.63 -40.77 -44.38
CA PHE B 180 -7.63 -39.89 -43.79
C PHE B 180 -7.21 -38.77 -44.72
N GLY B 181 -8.19 -38.22 -45.42
CA GLY B 181 -7.96 -37.20 -46.43
C GLY B 181 -7.23 -35.97 -45.88
N PHE B 182 -6.11 -35.61 -46.51
CA PHE B 182 -5.28 -34.45 -46.13
C PHE B 182 -5.85 -33.13 -46.69
N ASN B 183 -5.77 -32.08 -45.85
CA ASN B 183 -6.19 -30.72 -46.21
C ASN B 183 -5.05 -29.75 -46.12
N GLY B 184 -4.59 -29.29 -47.26
CA GLY B 184 -3.39 -28.47 -47.32
C GLY B 184 -2.68 -28.58 -48.66
N THR B 185 -1.45 -28.14 -48.65
CA THR B 185 -0.56 -28.25 -49.78
C THR B 185 0.59 -29.10 -49.42
N LEU B 186 0.77 -30.14 -50.20
CA LEU B 186 2.05 -30.82 -50.25
C LEU B 186 2.94 -29.98 -51.15
N GLU B 187 3.84 -29.24 -50.52
CA GLU B 187 4.76 -28.34 -51.24
C GLU B 187 5.79 -29.09 -52.09
N ASN B 188 6.37 -30.11 -51.47
CA ASN B 188 7.22 -31.05 -52.16
C ASN B 188 7.14 -32.41 -51.47
N ILE B 189 7.04 -33.50 -52.24
CA ILE B 189 7.12 -34.84 -51.67
C ILE B 189 8.04 -35.71 -52.52
N LYS B 190 8.98 -36.36 -51.86
CA LYS B 190 9.93 -37.27 -52.52
C LYS B 190 9.85 -38.67 -51.93
N PHE B 191 9.75 -39.65 -52.82
CA PHE B 191 9.73 -41.06 -52.49
C PHE B 191 11.06 -41.65 -52.92
N PHE B 192 11.70 -42.38 -52.01
CA PHE B 192 12.92 -43.15 -52.33
C PHE B 192 12.62 -44.62 -52.04
N ASN B 193 13.18 -45.49 -52.88
CA ASN B 193 13.04 -46.95 -52.71
C ASN B 193 14.16 -47.59 -51.87
N SER B 194 14.76 -46.82 -50.97
CA SER B 194 15.68 -47.35 -49.98
C SER B 194 15.54 -46.52 -48.68
N ALA B 195 16.23 -46.98 -47.64
CA ALA B 195 16.26 -46.34 -46.32
C ALA B 195 17.39 -45.36 -46.28
N LEU B 196 17.14 -44.07 -46.22
CA LEU B 196 18.25 -43.10 -46.24
C LEU B 196 18.79 -42.98 -44.84
N ASP B 197 20.04 -42.56 -44.70
CA ASP B 197 20.69 -42.51 -43.37
C ASP B 197 20.21 -41.30 -42.53
N GLU B 198 20.40 -41.45 -41.23
CA GLU B 198 19.96 -40.48 -40.25
C GLU B 198 20.33 -39.04 -40.57
N GLU B 199 21.60 -38.80 -40.88
CA GLU B 199 22.09 -37.41 -41.05
C GLU B 199 21.57 -36.73 -42.27
N THR B 200 21.44 -37.50 -43.36
CA THR B 200 20.81 -36.98 -44.56
C THR B 200 19.35 -36.50 -44.32
N VAL B 201 18.55 -37.32 -43.63
CA VAL B 201 17.13 -37.02 -43.49
C VAL B 201 16.93 -35.87 -42.50
N LYS B 202 17.67 -35.88 -41.38
CA LYS B 202 17.70 -34.71 -40.54
C LYS B 202 17.93 -33.44 -41.32
N LYS B 203 18.98 -33.44 -42.14
CA LYS B 203 19.29 -32.29 -42.98
C LYS B 203 18.18 -31.94 -43.99
N MET B 204 17.62 -32.92 -44.69
CA MET B 204 16.48 -32.67 -45.63
C MET B 204 15.24 -32.07 -44.93
N THR B 205 15.05 -32.38 -43.66
CA THR B 205 13.86 -31.86 -42.91
C THR B 205 14.08 -30.53 -42.16
N THR B 206 15.33 -30.06 -42.10
CA THR B 206 15.68 -28.74 -41.55
C THR B 206 14.94 -27.60 -42.29
N ASN B 207 14.33 -26.67 -41.55
CA ASN B 207 13.62 -25.55 -42.20
C ASN B 207 13.52 -24.37 -41.20
N ALA B 208 12.70 -23.37 -41.47
CA ALA B 208 12.51 -22.27 -40.52
C ALA B 208 12.14 -22.69 -39.08
N VAL B 209 11.33 -23.74 -38.91
CA VAL B 209 10.88 -24.13 -37.58
C VAL B 209 12.12 -24.51 -36.77
N THR B 210 13.04 -25.24 -37.39
CA THR B 210 14.34 -25.64 -36.75
C THR B 210 15.07 -24.48 -36.05
N GLY B 211 15.06 -23.31 -36.67
CA GLY B 211 15.73 -22.13 -36.16
C GLY B 211 15.09 -21.44 -34.94
N HIS B 212 13.99 -21.95 -34.41
CA HIS B 212 13.33 -21.34 -33.25
C HIS B 212 13.78 -21.90 -31.89
N LEU B 213 14.80 -22.72 -31.90
CA LEU B 213 15.31 -23.29 -30.66
C LEU B 213 16.49 -22.46 -30.18
N ILE B 214 16.48 -22.07 -28.92
CA ILE B 214 17.64 -21.53 -28.25
C ILE B 214 18.49 -22.67 -27.61
N TYR B 215 17.81 -23.57 -26.94
CA TYR B 215 18.42 -24.75 -26.34
C TYR B 215 18.05 -25.98 -27.18
N THR B 216 19.03 -26.79 -27.59
CA THR B 216 18.80 -27.97 -28.38
C THR B 216 19.43 -29.22 -27.73
N ALA B 217 18.79 -30.35 -27.90
CA ALA B 217 19.30 -31.61 -27.43
C ALA B 217 20.80 -31.77 -27.76
N ASN B 218 21.55 -32.18 -26.76
CA ASN B 218 22.97 -32.49 -26.89
C ASN B 218 23.74 -31.32 -27.45
N ASP B 219 23.30 -30.09 -27.15
CA ASP B 219 24.10 -28.90 -27.35
C ASP B 219 25.27 -28.80 -26.29
N THR B 220 25.79 -27.57 -26.16
CA THR B 220 26.90 -27.29 -25.24
CA THR B 220 26.88 -27.26 -25.22
C THR B 220 26.58 -27.63 -23.78
N THR B 221 25.29 -27.67 -23.39
CA THR B 221 24.94 -28.08 -22.03
C THR B 221 25.17 -29.57 -21.77
N GLY B 222 25.23 -30.37 -22.83
CA GLY B 222 25.22 -31.80 -22.74
C GLY B 222 23.90 -32.48 -22.44
N SER B 223 22.84 -31.70 -22.23
CA SER B 223 21.51 -32.28 -21.90
C SER B 223 20.71 -32.56 -23.15
N ASN B 224 19.98 -33.69 -23.15
CA ASN B 224 19.00 -33.97 -24.20
C ASN B 224 17.67 -33.31 -24.03
N TYR B 225 17.36 -32.82 -22.80
CA TYR B 225 16.03 -32.34 -22.48
C TYR B 225 16.09 -31.01 -21.69
N PHE B 226 15.04 -30.22 -21.87
CA PHE B 226 14.86 -28.96 -21.22
C PHE B 226 13.44 -28.78 -20.83
N ARG B 227 13.24 -28.03 -19.76
CA ARG B 227 11.94 -27.55 -19.31
C ARG B 227 12.11 -26.20 -18.57
N ILE B 228 10.98 -25.56 -18.30
CA ILE B 228 10.98 -24.31 -17.49
C ILE B 228 11.83 -23.15 -18.04
N PRO B 229 11.47 -22.62 -19.20
CA PRO B 229 12.11 -21.45 -19.79
C PRO B 229 11.82 -20.16 -19.07
N VAL B 230 12.80 -19.28 -19.01
CA VAL B 230 12.64 -17.94 -18.50
C VAL B 230 13.33 -16.94 -19.42
N LEU B 231 12.60 -15.86 -19.74
CA LEU B 231 13.11 -14.76 -20.54
C LEU B 231 13.09 -13.49 -19.69
N TYR B 232 14.12 -12.65 -19.82
CA TYR B 232 14.19 -11.34 -19.13
C TYR B 232 15.00 -10.32 -19.97
N THR B 233 14.55 -9.06 -20.08
CA THR B 233 15.35 -8.04 -20.85
C THR B 233 16.06 -7.10 -19.86
N PHE B 234 17.36 -6.97 -19.98
CA PHE B 234 18.10 -6.14 -19.09
C PHE B 234 18.07 -4.74 -19.58
N SER B 235 18.45 -3.81 -18.70
CA SER B 235 18.32 -2.39 -18.98
C SER B 235 19.26 -1.96 -20.08
N ASN B 236 20.35 -2.71 -20.31
CA ASN B 236 21.27 -2.43 -21.41
C ASN B 236 20.77 -2.91 -22.79
N GLY B 237 19.61 -3.57 -22.88
CA GLY B 237 19.11 -4.13 -24.14
C GLY B 237 19.47 -5.59 -24.42
N ARG B 238 20.30 -6.19 -23.60
CA ARG B 238 20.42 -7.63 -23.61
C ARG B 238 19.14 -8.40 -23.20
N VAL B 239 18.84 -9.41 -24.00
CA VAL B 239 17.71 -10.33 -23.75
C VAL B 239 18.35 -11.61 -23.24
N PHE B 240 17.96 -11.99 -22.02
CA PHE B 240 18.58 -13.08 -21.29
C PHE B 240 17.58 -14.22 -21.11
N SER B 241 18.06 -15.47 -21.30
CA SER B 241 17.26 -16.68 -20.97
C SER B 241 17.97 -17.58 -19.99
N SER B 242 17.19 -18.24 -19.15
CA SER B 242 17.58 -19.40 -18.40
C SER B 242 16.58 -20.51 -18.62
N ILE B 243 17.01 -21.73 -18.21
CA ILE B 243 16.21 -22.90 -18.36
C ILE B 243 16.72 -24.05 -17.53
N ASP B 244 15.81 -24.97 -17.23
CA ASP B 244 16.16 -26.21 -16.60
C ASP B 244 16.74 -27.16 -17.74
N ALA B 245 18.06 -27.45 -17.71
CA ALA B 245 18.70 -28.56 -18.40
C ALA B 245 18.50 -29.83 -17.56
N ARG B 246 17.56 -30.65 -18.03
CA ARG B 246 17.14 -31.86 -17.36
C ARG B 246 17.72 -33.07 -18.09
N TYR B 247 18.65 -33.75 -17.42
CA TYR B 247 19.46 -34.77 -18.05
C TYR B 247 18.80 -36.14 -18.11
N GLY B 248 18.08 -36.55 -17.07
CA GLY B 248 17.42 -37.86 -16.98
C GLY B 248 15.99 -37.80 -17.39
N GLY B 249 15.79 -37.45 -18.63
CA GLY B 249 14.46 -37.16 -19.13
C GLY B 249 13.92 -35.87 -18.60
N THR B 250 12.62 -35.63 -18.82
CA THR B 250 11.90 -34.43 -18.36
C THR B 250 11.25 -34.46 -16.99
N HIS B 251 11.36 -35.58 -16.26
CA HIS B 251 10.86 -35.65 -14.87
C HIS B 251 11.19 -34.40 -14.03
N ASP B 252 10.15 -33.87 -13.39
CA ASP B 252 10.37 -32.84 -12.34
C ASP B 252 11.23 -33.43 -11.19
N PHE B 253 11.00 -34.72 -10.90
CA PHE B 253 11.75 -35.42 -9.89
C PHE B 253 11.54 -36.86 -10.01
N LEU B 254 12.44 -37.70 -9.52
CA LEU B 254 13.81 -37.35 -9.19
C LEU B 254 14.53 -37.14 -10.50
N ASN B 255 15.56 -36.33 -10.50
CA ASN B 255 16.29 -36.01 -11.77
C ASN B 255 17.64 -35.35 -11.43
N LYS B 256 18.47 -35.21 -12.46
CA LYS B 256 19.70 -34.46 -12.42
C LYS B 256 19.41 -33.21 -13.29
N ILE B 257 19.44 -32.04 -12.67
CA ILE B 257 19.06 -30.80 -13.30
C ILE B 257 20.12 -29.74 -12.96
N ASN B 258 20.55 -29.06 -14.04
CA ASN B 258 21.38 -27.84 -14.05
C ASN B 258 20.59 -26.67 -14.58
N ILE B 259 20.96 -25.47 -14.21
CA ILE B 259 20.36 -24.33 -14.87
C ILE B 259 21.37 -23.85 -15.89
N ALA B 260 20.86 -23.69 -17.13
CA ALA B 260 21.62 -23.20 -18.26
C ALA B 260 21.09 -21.85 -18.61
N THR B 261 21.94 -21.06 -19.29
CA THR B 261 21.59 -19.73 -19.72
C THR B 261 22.11 -19.46 -21.16
N SER B 262 21.51 -18.46 -21.80
CA SER B 262 21.85 -18.03 -23.15
C SER B 262 21.27 -16.64 -23.39
N TYR B 263 21.93 -15.82 -24.18
CA TYR B 263 21.53 -14.41 -24.31
C TYR B 263 21.67 -13.91 -25.73
N SER B 264 20.92 -12.83 -26.02
CA SER B 264 20.89 -12.25 -27.34
C SER B 264 21.17 -10.79 -27.19
N ASP B 265 22.10 -10.28 -27.99
CA ASP B 265 22.45 -8.86 -27.98
C ASP B 265 21.88 -8.18 -29.17
N ASP B 266 20.95 -8.82 -29.88
CA ASP B 266 20.34 -8.19 -31.04
C ASP B 266 18.83 -8.40 -31.09
N ASN B 267 18.12 -8.07 -30.01
CA ASN B 267 16.67 -8.14 -29.99
C ASN B 267 16.14 -9.56 -30.23
N GLY B 268 16.92 -10.60 -29.88
CA GLY B 268 16.47 -11.97 -30.03
C GLY B 268 16.70 -12.68 -31.34
N LYS B 269 17.36 -12.01 -32.30
CA LYS B 269 17.61 -12.64 -33.62
C LYS B 269 18.61 -13.77 -33.47
N THR B 270 19.67 -13.55 -32.67
CA THR B 270 20.66 -14.61 -32.47
C THR B 270 21.03 -14.72 -31.02
N TRP B 271 21.46 -15.94 -30.66
CA TRP B 271 21.59 -16.35 -29.27
C TRP B 271 22.91 -16.99 -29.07
N THR B 272 23.49 -16.77 -27.91
CA THR B 272 24.72 -17.45 -27.57
C THR B 272 24.55 -18.97 -27.37
N LYS B 273 25.58 -19.76 -27.65
CA LYS B 273 25.55 -21.19 -27.24
C LYS B 273 25.37 -21.31 -25.71
N PRO B 274 24.44 -22.14 -25.27
CA PRO B 274 24.18 -22.19 -23.83
C PRO B 274 25.40 -22.54 -22.99
N LYS B 275 25.42 -21.92 -21.83
CA LYS B 275 26.42 -22.14 -20.76
C LYS B 275 25.71 -22.74 -19.53
N LEU B 276 26.45 -23.52 -18.74
CA LEU B 276 25.91 -23.97 -17.46
C LEU B 276 26.18 -22.90 -16.39
N THR B 277 25.12 -22.50 -15.69
CA THR B 277 25.16 -21.41 -14.71
C THR B 277 25.00 -21.93 -13.32
N LEU B 278 24.18 -22.95 -13.12
CA LEU B 278 24.13 -23.60 -11.81
C LEU B 278 24.14 -25.11 -12.01
N ALA B 279 25.08 -25.77 -11.37
CA ALA B 279 25.24 -27.21 -11.63
C ALA B 279 26.05 -27.86 -10.52
N PHE B 280 25.73 -29.13 -10.26
CA PHE B 280 26.48 -29.97 -9.34
C PHE B 280 27.16 -30.99 -10.29
N ASP B 281 28.35 -31.51 -9.93
CA ASP B 281 29.08 -32.43 -10.78
C ASP B 281 29.16 -33.86 -10.16
N ASP B 282 28.28 -34.17 -9.20
CA ASP B 282 28.12 -35.58 -8.71
C ASP B 282 27.73 -36.55 -9.85
N PHE B 283 27.06 -36.02 -10.86
CA PHE B 283 26.88 -36.59 -12.18
C PHE B 283 27.38 -35.56 -13.16
N ALA B 284 27.99 -36.01 -14.26
CA ALA B 284 28.45 -35.18 -15.41
C ALA B 284 27.30 -34.70 -16.31
N PRO B 285 27.50 -33.56 -16.96
CA PRO B 285 26.50 -33.02 -17.83
C PRO B 285 26.62 -33.69 -19.21
N VAL B 286 26.02 -34.90 -19.33
CA VAL B 286 26.14 -35.79 -20.50
C VAL B 286 24.77 -36.22 -21.00
N PRO B 287 24.69 -36.50 -22.29
CA PRO B 287 23.41 -36.77 -22.92
C PRO B 287 22.99 -38.21 -22.61
N LEU B 288 21.72 -38.39 -22.19
CA LEU B 288 21.17 -39.75 -21.94
C LEU B 288 19.95 -39.96 -22.79
N GLU B 289 19.79 -41.16 -23.33
CA GLU B 289 18.65 -41.45 -24.22
C GLU B 289 17.54 -42.03 -23.30
N TRP B 290 16.68 -41.16 -22.76
CA TRP B 290 15.74 -41.61 -21.74
C TRP B 290 14.64 -42.35 -22.42
N PRO B 291 14.30 -43.54 -21.94
CA PRO B 291 13.24 -44.37 -22.60
C PRO B 291 11.84 -43.77 -22.55
N ARG B 292 11.12 -43.79 -23.65
CA ARG B 292 9.80 -43.25 -23.74
C ARG B 292 8.75 -44.37 -23.69
N GLU B 293 9.14 -45.65 -23.78
CA GLU B 293 8.16 -46.74 -23.68
C GLU B 293 7.59 -46.80 -22.23
N VAL B 294 6.40 -47.34 -22.10
CA VAL B 294 5.69 -47.36 -20.82
C VAL B 294 6.56 -48.05 -19.79
N GLY B 295 7.23 -49.12 -20.24
CA GLY B 295 8.15 -49.88 -19.41
C GLY B 295 9.41 -49.23 -18.84
N GLY B 296 9.82 -48.08 -19.38
CA GLY B 296 11.03 -47.39 -18.99
C GLY B 296 10.86 -45.92 -18.63
N ARG B 297 9.77 -45.28 -19.08
CA ARG B 297 9.58 -43.84 -18.91
C ARG B 297 9.45 -43.37 -17.44
N ASP B 298 9.07 -44.27 -16.53
CA ASP B 298 8.98 -43.89 -15.15
C ASP B 298 10.34 -43.89 -14.45
N LEU B 299 11.33 -44.56 -15.03
CA LEU B 299 12.66 -44.51 -14.51
C LEU B 299 13.16 -43.05 -14.32
N GLN B 300 13.92 -42.90 -13.25
CA GLN B 300 14.48 -41.63 -12.85
C GLN B 300 15.94 -41.79 -12.45
N ILE B 301 16.71 -40.72 -12.64
CA ILE B 301 18.03 -40.54 -11.97
C ILE B 301 17.75 -40.13 -10.50
N SER B 302 18.19 -40.93 -9.55
CA SER B 302 17.78 -40.78 -8.19
C SER B 302 18.88 -40.38 -7.24
N GLY B 303 20.15 -40.43 -7.67
CA GLY B 303 21.27 -40.19 -6.72
C GLY B 303 22.00 -38.87 -6.78
N GLY B 304 21.42 -37.91 -7.48
CA GLY B 304 22.14 -36.70 -7.92
C GLY B 304 21.52 -35.40 -7.47
N ALA B 305 22.33 -34.48 -6.95
CA ALA B 305 21.84 -33.08 -6.50
C ALA B 305 21.41 -32.24 -7.69
N THR B 306 20.48 -31.31 -7.46
CA THR B 306 19.89 -30.54 -8.52
C THR B 306 19.54 -29.10 -8.20
N TYR B 307 19.55 -28.27 -9.26
CA TYR B 307 18.96 -26.93 -9.21
C TYR B 307 17.77 -26.98 -10.11
N ILE B 308 16.66 -26.37 -9.70
CA ILE B 308 15.40 -26.45 -10.41
C ILE B 308 14.58 -25.16 -10.19
N ASP B 309 13.92 -24.68 -11.25
CA ASP B 309 12.91 -23.60 -11.25
C ASP B 309 13.58 -22.24 -10.94
N SER B 310 14.01 -21.56 -11.99
CA SER B 310 14.76 -20.32 -11.85
C SER B 310 13.84 -19.07 -11.89
N VAL B 311 14.33 -18.03 -11.20
CA VAL B 311 13.74 -16.73 -11.16
C VAL B 311 14.85 -15.70 -11.35
N ILE B 312 14.61 -14.76 -12.27
CA ILE B 312 15.53 -13.68 -12.63
C ILE B 312 14.92 -12.31 -12.22
N VAL B 313 15.72 -11.44 -11.61
CA VAL B 313 15.36 -10.06 -11.52
C VAL B 313 16.60 -9.19 -11.63
N GLU B 314 16.42 -8.01 -12.24
CA GLU B 314 17.46 -6.99 -12.29
C GLU B 314 17.20 -5.92 -11.25
N LYS B 315 18.18 -5.67 -10.40
CA LYS B 315 18.10 -4.57 -9.40
C LYS B 315 18.25 -3.17 -10.02
N LYS B 316 17.96 -2.14 -9.22
CA LYS B 316 18.07 -0.77 -9.72
C LYS B 316 19.48 -0.36 -10.02
N ASN B 317 20.44 -0.89 -9.26
CA ASN B 317 21.84 -0.63 -9.58
C ASN B 317 22.37 -1.49 -10.76
N LYS B 318 21.50 -2.20 -11.49
CA LYS B 318 21.84 -2.97 -12.68
C LYS B 318 22.53 -4.30 -12.40
N GLN B 319 22.73 -4.64 -11.13
CA GLN B 319 23.11 -6.00 -10.77
C GLN B 319 21.93 -6.98 -11.08
N VAL B 320 22.22 -8.20 -11.55
CA VAL B 320 21.18 -9.17 -11.87
C VAL B 320 21.22 -10.23 -10.82
N LEU B 321 20.03 -10.64 -10.37
CA LEU B 321 19.88 -11.75 -9.44
C LEU B 321 19.18 -12.88 -10.11
N MET B 322 19.70 -14.11 -9.81
CA MET B 322 19.06 -15.38 -10.17
C MET B 322 18.94 -16.27 -8.93
N PHE B 323 17.69 -16.63 -8.66
CA PHE B 323 17.30 -17.62 -7.63
C PHE B 323 17.03 -19.01 -8.27
N ALA B 324 17.20 -20.04 -7.49
CA ALA B 324 16.79 -21.35 -7.90
C ALA B 324 16.60 -22.20 -6.66
N ASP B 325 15.78 -23.26 -6.82
CA ASP B 325 15.57 -24.20 -5.76
C ASP B 325 16.80 -25.16 -5.77
N VAL B 326 17.19 -25.58 -4.61
CA VAL B 326 18.33 -26.50 -4.47
C VAL B 326 17.81 -27.78 -3.85
N MET B 327 18.04 -28.90 -4.52
CA MET B 327 17.64 -30.22 -4.01
C MET B 327 18.86 -31.13 -3.80
N PRO B 328 19.04 -31.61 -2.59
CA PRO B 328 20.07 -32.61 -2.36
C PRO B 328 19.66 -33.89 -3.03
N ALA B 329 20.64 -34.75 -3.25
CA ALA B 329 20.42 -36.03 -3.90
C ALA B 329 19.37 -36.78 -3.11
N GLY B 330 18.39 -37.32 -3.85
CA GLY B 330 17.27 -38.06 -3.25
C GLY B 330 16.10 -37.22 -2.75
N VAL B 331 16.20 -35.88 -2.92
CA VAL B 331 15.19 -34.98 -2.42
C VAL B 331 14.46 -34.32 -3.58
N SER B 332 13.17 -34.06 -3.37
CA SER B 332 12.38 -33.27 -4.30
C SER B 332 11.17 -32.71 -3.59
N PHE B 333 10.28 -32.10 -4.35
CA PHE B 333 9.02 -31.62 -3.81
C PHE B 333 8.23 -32.76 -3.12
N ARG B 334 8.38 -33.97 -3.63
CA ARG B 334 7.68 -35.12 -3.10
C ARG B 334 8.24 -35.61 -1.77
N GLU B 335 9.56 -35.61 -1.63
CA GLU B 335 10.26 -36.36 -0.57
C GLU B 335 10.73 -35.37 0.57
N ALA B 336 10.87 -34.09 0.28
CA ALA B 336 11.47 -33.11 1.27
C ALA B 336 10.73 -32.99 2.60
N THR B 337 11.42 -33.10 3.72
CA THR B 337 10.76 -32.88 5.01
C THR B 337 10.25 -31.44 5.12
N ARG B 338 8.98 -31.34 5.49
CA ARG B 338 8.31 -30.06 5.72
C ARG B 338 8.58 -29.53 7.11
N LYS B 339 9.16 -30.31 8.02
CA LYS B 339 9.21 -29.86 9.43
C LYS B 339 10.63 -29.60 9.94
N ASP B 340 11.56 -29.35 9.01
CA ASP B 340 12.90 -28.90 9.36
C ASP B 340 13.44 -27.96 8.24
N SER B 341 13.95 -26.78 8.63
CA SER B 341 14.55 -25.86 7.70
C SER B 341 15.93 -26.28 7.24
N GLY B 342 16.63 -27.08 8.06
CA GLY B 342 18.00 -27.44 7.79
C GLY B 342 18.95 -26.49 8.46
N TYR B 343 18.40 -25.58 9.28
CA TYR B 343 19.18 -24.56 10.00
C TYR B 343 19.02 -24.68 11.51
N LYS B 344 19.98 -24.14 12.26
CA LYS B 344 19.93 -24.11 13.70
C LYS B 344 20.18 -22.64 14.10
N GLN B 345 19.63 -22.18 15.23
CA GLN B 345 19.93 -20.82 15.69
C GLN B 345 20.84 -20.88 16.89
N ILE B 346 21.94 -20.17 16.84
CA ILE B 346 22.92 -20.23 17.92
C ILE B 346 23.34 -18.76 18.15
N ASP B 347 23.12 -18.28 19.38
CA ASP B 347 23.44 -16.88 19.74
C ASP B 347 22.85 -15.92 18.69
N GLY B 348 21.59 -16.08 18.33
CA GLY B 348 20.94 -15.20 17.32
C GLY B 348 21.37 -15.29 15.85
N ASN B 349 22.38 -16.08 15.52
CA ASN B 349 22.72 -16.37 14.15
C ASN B 349 22.14 -17.71 13.63
N TYR B 350 21.87 -17.77 12.33
CA TYR B 350 21.34 -18.97 11.72
C TYR B 350 22.44 -19.67 10.96
N TYR B 351 22.65 -20.95 11.27
CA TYR B 351 23.72 -21.71 10.63
C TYR B 351 23.17 -23.01 10.10
N LEU B 352 23.59 -23.34 8.90
CA LEU B 352 23.18 -24.59 8.20
C LEU B 352 23.69 -25.78 8.97
N LYS B 353 22.84 -26.74 9.24
CA LYS B 353 23.30 -27.84 10.08
C LYS B 353 23.77 -29.04 9.24
N LEU B 354 24.55 -29.91 9.88
CA LEU B 354 25.12 -31.06 9.17
C LEU B 354 25.08 -32.32 9.98
N ARG B 355 24.81 -33.43 9.32
CA ARG B 355 24.93 -34.74 9.96
C ARG B 355 26.13 -35.50 9.40
N LYS B 356 26.97 -36.00 10.29
CA LYS B 356 28.16 -36.75 9.92
C LYS B 356 27.83 -38.24 9.78
N GLN B 357 28.40 -38.90 8.78
CA GLN B 357 28.20 -40.33 8.57
C GLN B 357 28.37 -41.11 9.87
N GLY B 358 27.42 -41.99 10.18
CA GLY B 358 27.45 -42.80 11.40
C GLY B 358 26.74 -42.17 12.59
N ASP B 359 26.42 -40.88 12.52
CA ASP B 359 25.62 -40.24 13.57
C ASP B 359 24.13 -40.33 13.21
N THR B 360 23.31 -40.37 14.24
CA THR B 360 21.86 -40.21 14.03
C THR B 360 21.47 -38.73 14.12
N ASP B 361 22.09 -37.95 15.00
CA ASP B 361 21.73 -36.50 15.11
C ASP B 361 22.60 -35.60 14.24
N TYR B 362 22.13 -34.37 14.07
CA TYR B 362 22.82 -33.36 13.31
C TYR B 362 23.63 -32.60 14.33
N ASN B 363 24.91 -32.98 14.47
CA ASN B 363 25.77 -32.48 15.54
C ASN B 363 26.68 -31.35 15.15
N TYR B 364 26.54 -30.85 13.93
CA TYR B 364 27.48 -29.94 13.37
C TYR B 364 26.79 -28.80 12.68
N THR B 365 27.47 -27.65 12.64
CA THR B 365 27.05 -26.43 11.95
C THR B 365 28.16 -25.85 11.12
N ILE B 366 27.75 -25.23 10.01
CA ILE B 366 28.65 -24.40 9.21
C ILE B 366 28.60 -22.98 9.73
N ARG B 367 29.71 -22.46 10.25
CA ARG B 367 29.72 -21.09 10.80
C ARG B 367 30.65 -20.19 9.99
N GLU B 368 31.26 -19.19 10.64
CA GLU B 368 32.09 -18.19 9.95
C GLU B 368 33.19 -18.87 9.09
N ASN B 369 33.47 -18.26 7.94
CA ASN B 369 34.52 -18.71 7.03
C ASN B 369 34.24 -20.11 6.46
N GLY B 370 33.02 -20.61 6.64
CA GLY B 370 32.69 -21.97 6.29
C GLY B 370 33.23 -23.05 7.21
N THR B 371 33.78 -22.67 8.36
CA THR B 371 34.34 -23.60 9.36
C THR B 371 33.19 -24.45 9.94
N VAL B 372 33.40 -25.76 9.94
CA VAL B 372 32.46 -26.70 10.48
C VAL B 372 32.74 -26.89 11.95
N TYR B 373 31.71 -26.63 12.75
CA TYR B 373 31.76 -26.64 14.23
C TYR B 373 31.04 -27.84 14.74
N ASP B 374 31.64 -28.51 15.70
CA ASP B 374 30.95 -29.53 16.46
C ASP B 374 30.12 -28.77 17.51
N ASP B 375 28.80 -28.86 17.38
CA ASP B 375 27.88 -28.18 18.27
C ASP B 375 27.96 -28.68 19.71
N ARG B 376 28.36 -29.94 19.91
CA ARG B 376 28.44 -30.54 21.24
C ARG B 376 29.53 -29.92 22.12
N THR B 377 30.65 -29.57 21.53
CA THR B 377 31.75 -28.99 22.28
C THR B 377 31.79 -27.48 21.98
N ASN B 378 30.99 -27.03 21.05
CA ASN B 378 31.07 -25.65 20.57
C ASN B 378 32.51 -25.28 20.14
N ARG B 379 33.16 -26.20 19.45
CA ARG B 379 34.50 -25.91 18.90
C ARG B 379 34.63 -26.18 17.39
N PRO B 380 35.49 -25.44 16.67
CA PRO B 380 35.69 -25.71 15.25
C PRO B 380 36.37 -27.06 15.06
N THR B 381 35.97 -27.79 14.04
CA THR B 381 36.65 -29.00 13.64
C THR B 381 37.73 -28.60 12.60
N GLU B 382 38.42 -29.61 12.07
CA GLU B 382 39.35 -29.44 10.97
C GLU B 382 38.64 -29.36 9.56
N PHE B 383 37.32 -29.55 9.52
CA PHE B 383 36.54 -29.52 8.26
C PHE B 383 36.02 -28.13 7.97
N SER B 384 35.90 -27.79 6.68
CA SER B 384 35.27 -26.57 6.28
C SER B 384 34.50 -26.80 4.99
N VAL B 385 33.57 -25.89 4.71
CA VAL B 385 32.70 -25.95 3.51
C VAL B 385 32.96 -24.65 2.71
N ASP B 386 33.26 -24.84 1.42
CA ASP B 386 33.62 -23.75 0.52
C ASP B 386 32.33 -23.10 -0.04
N LYS B 387 32.51 -22.05 -0.81
CA LYS B 387 31.44 -21.25 -1.34
C LYS B 387 30.48 -21.97 -2.27
N ASN B 388 30.91 -23.09 -2.87
CA ASN B 388 30.05 -24.00 -3.68
C ASN B 388 29.57 -25.26 -2.99
N PHE B 389 29.66 -25.24 -1.66
CA PHE B 389 29.19 -26.28 -0.78
C PHE B 389 30.08 -27.53 -0.78
N GLY B 390 31.32 -27.38 -1.31
CA GLY B 390 32.33 -28.43 -1.29
C GLY B 390 33.00 -28.57 0.03
N ILE B 391 33.37 -29.78 0.41
CA ILE B 391 33.93 -30.12 1.76
C ILE B 391 35.47 -30.30 1.69
N LYS B 392 36.17 -29.63 2.60
CA LYS B 392 37.61 -29.73 2.81
C LYS B 392 37.95 -30.27 4.21
N GLN B 393 39.12 -30.86 4.31
CA GLN B 393 39.68 -31.30 5.58
C GLN B 393 41.08 -30.74 5.62
N ASN B 394 41.39 -29.95 6.65
CA ASN B 394 42.67 -29.27 6.79
C ASN B 394 43.08 -28.51 5.55
N GLY B 395 42.12 -27.84 4.92
CA GLY B 395 42.38 -27.02 3.74
C GLY B 395 42.39 -27.74 2.40
N ASN B 396 42.34 -29.08 2.38
CA ASN B 396 42.32 -29.87 1.16
C ASN B 396 40.98 -30.48 0.89
N TYR B 397 40.53 -30.45 -0.36
CA TYR B 397 39.21 -31.04 -0.71
C TYR B 397 39.12 -32.52 -0.41
N LEU B 398 37.99 -32.93 0.15
CA LEU B 398 37.63 -34.33 0.12
C LEU B 398 37.00 -34.57 -1.25
N THR B 399 37.10 -35.81 -1.72
CA THR B 399 36.53 -36.19 -3.01
C THR B 399 35.63 -37.41 -2.87
N VAL B 400 34.76 -37.58 -3.86
CA VAL B 400 34.03 -38.76 -4.10
C VAL B 400 34.08 -39.07 -5.58
N GLU B 401 33.63 -40.28 -5.91
CA GLU B 401 33.51 -40.71 -7.29
C GLU B 401 32.22 -40.19 -7.89
N GLN B 402 32.33 -39.65 -9.09
CA GLN B 402 31.19 -39.25 -9.92
C GLN B 402 30.41 -40.46 -10.42
N TYR B 403 29.11 -40.31 -10.61
CA TYR B 403 28.23 -41.34 -11.16
C TYR B 403 27.99 -41.09 -12.64
N SER B 404 27.82 -42.18 -13.37
CA SER B 404 27.27 -42.23 -14.71
C SER B 404 26.03 -43.13 -14.73
N VAL B 405 25.28 -43.02 -15.83
CA VAL B 405 24.08 -43.82 -16.01
C VAL B 405 24.21 -44.71 -17.23
N SER B 406 23.87 -45.97 -17.06
CA SER B 406 23.88 -46.95 -18.12
C SER B 406 22.51 -47.62 -18.24
N PHE B 407 22.08 -47.90 -19.48
CA PHE B 407 20.85 -48.66 -19.75
C PHE B 407 21.27 -49.95 -20.38
N GLU B 408 20.48 -51.00 -20.27
CA GLU B 408 20.89 -52.32 -20.82
C GLU B 408 19.72 -53.30 -20.95
N LYS B 411 15.91 -50.95 -17.83
CA LYS B 411 17.09 -51.57 -17.25
C LYS B 411 18.25 -50.55 -16.91
N LYS B 412 18.06 -49.74 -15.87
CA LYS B 412 19.00 -48.62 -15.61
C LYS B 412 19.95 -48.88 -14.42
N THR B 413 21.21 -48.51 -14.57
CA THR B 413 22.15 -48.53 -13.46
C THR B 413 22.85 -47.16 -13.26
N GLU B 414 23.00 -46.71 -12.02
CA GLU B 414 23.77 -45.53 -11.67
C GLU B 414 25.04 -46.03 -11.06
N TYR B 415 26.18 -45.78 -11.68
CA TYR B 415 27.42 -46.41 -11.21
C TYR B 415 28.57 -45.38 -11.08
N ARG B 416 29.46 -45.68 -10.16
CA ARG B 416 30.67 -44.91 -10.00
C ARG B 416 31.59 -45.09 -11.18
N ASN B 417 31.95 -43.97 -11.82
CA ASN B 417 32.74 -44.00 -13.08
C ASN B 417 34.26 -43.79 -12.97
N GLY B 418 34.81 -43.69 -11.77
CA GLY B 418 36.27 -43.50 -11.61
C GLY B 418 36.80 -42.07 -11.60
N THR B 419 36.03 -41.10 -12.03
CA THR B 419 36.42 -39.69 -11.97
C THR B 419 36.17 -39.14 -10.56
N LYS B 420 37.08 -38.32 -10.04
CA LYS B 420 36.94 -37.71 -8.73
C LYS B 420 36.44 -36.25 -8.83
N VAL B 421 35.41 -35.90 -8.06
CA VAL B 421 34.87 -34.55 -7.97
C VAL B 421 34.89 -34.17 -6.48
N HIS B 422 34.70 -32.90 -6.14
CA HIS B 422 34.71 -32.56 -4.75
C HIS B 422 33.52 -33.17 -4.02
N MET B 423 33.78 -33.70 -2.84
CA MET B 423 32.72 -34.09 -1.91
C MET B 423 31.91 -32.82 -1.55
N ASN B 424 30.59 -32.93 -1.55
CA ASN B 424 29.70 -31.79 -1.39
C ASN B 424 28.60 -32.21 -0.41
N ILE B 425 28.17 -31.27 0.44
CA ILE B 425 27.14 -31.51 1.43
C ILE B 425 25.77 -31.85 0.84
N PHE B 426 25.58 -31.57 -0.46
CA PHE B 426 24.33 -31.93 -1.14
C PHE B 426 24.31 -33.33 -1.79
N TYR B 427 25.42 -34.06 -1.64
CA TYR B 427 25.61 -35.32 -2.39
C TYR B 427 25.24 -36.55 -1.59
N LYS B 428 24.99 -37.61 -2.35
CA LYS B 428 24.64 -38.89 -1.77
C LYS B 428 25.75 -39.42 -0.93
N ASP B 429 26.97 -39.25 -1.40
CA ASP B 429 28.12 -39.92 -0.78
C ASP B 429 28.99 -39.04 0.10
N ALA B 430 28.43 -37.97 0.59
CA ALA B 430 29.16 -37.07 1.48
C ALA B 430 29.37 -37.58 2.91
N LEU B 431 30.48 -37.12 3.50
CA LEU B 431 30.82 -37.36 4.90
C LEU B 431 29.96 -36.55 5.83
N PHE B 432 29.61 -35.33 5.40
CA PHE B 432 28.65 -34.48 6.10
C PHE B 432 27.49 -34.13 5.14
N LYS B 433 26.26 -34.23 5.64
CA LYS B 433 25.09 -33.96 4.82
C LYS B 433 24.10 -32.99 5.44
N VAL B 434 23.47 -32.19 4.59
CA VAL B 434 22.36 -31.33 4.95
C VAL B 434 21.11 -32.15 5.16
N VAL B 435 20.17 -31.50 5.85
CA VAL B 435 18.86 -32.05 6.12
C VAL B 435 18.22 -32.33 4.79
N PRO B 436 17.59 -33.52 4.60
CA PRO B 436 17.01 -33.88 3.30
C PRO B 436 15.70 -33.11 3.01
N THR B 437 15.90 -31.82 2.68
CA THR B 437 14.84 -30.95 2.37
C THR B 437 15.30 -30.02 1.28
N ASN B 438 14.38 -29.17 0.82
CA ASN B 438 14.66 -28.23 -0.29
C ASN B 438 15.11 -26.89 0.28
N TYR B 439 16.00 -26.24 -0.48
CA TYR B 439 16.51 -24.91 -0.18
C TYR B 439 16.30 -23.97 -1.40
N ILE B 440 16.56 -22.70 -1.17
CA ILE B 440 16.68 -21.69 -2.22
C ILE B 440 18.07 -21.07 -2.15
N ALA B 441 18.68 -20.85 -3.32
CA ALA B 441 19.99 -20.18 -3.49
C ALA B 441 19.83 -19.08 -4.49
N TYR B 442 20.65 -18.06 -4.32
CA TYR B 442 20.71 -16.97 -5.28
C TYR B 442 22.14 -16.63 -5.60
N ILE B 443 22.31 -16.20 -6.82
CA ILE B 443 23.61 -15.79 -7.37
C ILE B 443 23.41 -14.39 -8.00
N SER B 444 24.49 -13.62 -8.11
CA SER B 444 24.40 -12.28 -8.64
C SER B 444 25.44 -12.09 -9.70
N SER B 445 25.14 -11.20 -10.63
CA SER B 445 26.00 -10.86 -11.75
C SER B 445 26.15 -9.32 -11.87
N ASN B 446 27.38 -8.85 -11.99
CA ASN B 446 27.63 -7.44 -12.26
C ASN B 446 27.92 -7.15 -13.73
N ASP B 447 27.86 -8.16 -14.60
CA ASP B 447 28.13 -7.95 -16.04
C ASP B 447 27.00 -8.51 -16.92
N HIS B 448 25.76 -8.30 -16.46
CA HIS B 448 24.54 -8.77 -17.19
C HIS B 448 24.66 -10.21 -17.68
N GLY B 449 25.15 -11.01 -16.76
CA GLY B 449 25.01 -12.45 -16.89
C GLY B 449 26.12 -13.10 -17.64
N GLU B 450 27.25 -12.43 -17.86
CA GLU B 450 28.43 -13.14 -18.35
C GLU B 450 29.13 -13.93 -17.24
N SER B 451 29.06 -13.44 -16.02
CA SER B 451 29.68 -14.12 -14.88
C SER B 451 28.79 -13.98 -13.66
N TRP B 452 28.89 -14.94 -12.74
CA TRP B 452 28.02 -14.99 -11.57
C TRP B 452 28.81 -15.23 -10.31
N SER B 453 28.35 -14.67 -9.17
CA SER B 453 28.88 -15.02 -7.87
C SER B 453 28.65 -16.49 -7.54
N ALA B 454 29.35 -16.99 -6.53
CA ALA B 454 28.98 -18.26 -5.88
C ALA B 454 27.56 -18.17 -5.30
N PRO B 455 26.89 -19.29 -5.15
CA PRO B 455 25.51 -19.26 -4.61
C PRO B 455 25.41 -18.94 -3.16
N THR B 456 24.38 -18.19 -2.77
CA THR B 456 24.13 -17.96 -1.35
C THR B 456 22.86 -18.71 -1.02
N LEU B 457 22.87 -19.57 0.01
CA LEU B 457 21.61 -20.16 0.45
C LEU B 457 20.80 -19.17 1.23
N LEU B 458 19.52 -19.12 0.92
CA LEU B 458 18.59 -18.27 1.67
C LEU B 458 18.53 -18.75 3.13
N PRO B 459 18.52 -17.81 4.06
CA PRO B 459 18.28 -18.16 5.46
C PRO B 459 16.84 -18.66 5.70
N PRO B 460 16.55 -19.27 6.89
CA PRO B 460 15.31 -19.97 7.18
C PRO B 460 14.16 -18.99 7.46
N ILE B 461 13.77 -18.29 6.41
CA ILE B 461 12.78 -17.22 6.46
C ILE B 461 11.36 -17.69 6.78
N MET B 462 11.06 -18.93 6.43
CA MET B 462 9.79 -19.58 6.83
C MET B 462 9.78 -20.05 8.30
N GLY B 463 10.89 -19.91 9.02
CA GLY B 463 11.03 -20.43 10.37
C GLY B 463 12.02 -21.60 10.42
N LEU B 464 12.50 -21.88 11.60
CA LEU B 464 13.40 -22.94 11.79
C LEU B 464 12.81 -24.33 11.59
N ASN B 465 11.51 -24.48 11.82
CA ASN B 465 10.91 -25.78 11.75
C ASN B 465 10.01 -25.97 10.54
N ARG B 466 10.32 -25.26 9.46
CA ARG B 466 9.63 -25.39 8.19
C ARG B 466 10.66 -25.36 7.10
N ASN B 467 10.36 -26.05 6.01
CA ASN B 467 11.24 -26.04 4.85
C ASN B 467 11.13 -24.72 4.08
N ALA B 468 12.11 -24.45 3.22
CA ALA B 468 12.07 -23.31 2.37
C ALA B 468 10.88 -23.42 1.41
N PRO B 469 10.41 -22.28 0.88
CA PRO B 469 9.41 -22.38 -0.17
C PRO B 469 10.02 -22.84 -1.49
N TYR B 470 9.12 -23.01 -2.44
CA TYR B 470 9.45 -23.42 -3.78
C TYR B 470 9.21 -22.23 -4.67
N LEU B 471 10.15 -21.96 -5.58
CA LEU B 471 10.09 -20.75 -6.37
C LEU B 471 9.01 -20.83 -7.42
N GLY B 472 8.34 -19.71 -7.68
CA GLY B 472 7.50 -19.61 -8.89
C GLY B 472 8.30 -19.17 -10.12
N PRO B 473 8.66 -20.08 -11.05
CA PRO B 473 9.53 -19.81 -12.20
C PRO B 473 9.07 -18.66 -13.08
N GLY B 474 10.03 -17.75 -13.36
CA GLY B 474 9.82 -16.59 -14.21
C GLY B 474 10.73 -15.46 -13.75
N ARG B 475 10.12 -14.34 -13.45
CA ARG B 475 10.83 -13.16 -12.97
C ARG B 475 10.32 -12.71 -11.60
N GLY B 476 11.16 -11.96 -10.90
CA GLY B 476 10.72 -11.09 -9.82
C GLY B 476 10.48 -9.68 -10.34
N ILE B 477 10.11 -8.76 -9.44
CA ILE B 477 9.96 -7.36 -9.82
C ILE B 477 10.53 -6.44 -8.75
N ILE B 478 10.73 -5.18 -9.14
CA ILE B 478 11.07 -4.09 -8.19
C ILE B 478 9.82 -3.21 -8.14
N GLU B 479 9.17 -3.11 -6.99
CA GLU B 479 8.01 -2.23 -6.85
C GLU B 479 8.48 -0.76 -6.89
N SER B 480 7.86 0.05 -7.75
CA SER B 480 8.46 1.32 -8.15
C SER B 480 8.40 2.38 -7.06
N SER B 481 7.34 2.41 -6.24
CA SER B 481 7.24 3.41 -5.16
C SER B 481 8.21 3.18 -3.95
N THR B 482 8.48 1.93 -3.60
CA THR B 482 9.29 1.61 -2.41
C THR B 482 10.70 1.11 -2.77
N GLY B 483 10.89 0.66 -3.99
CA GLY B 483 12.13 -0.06 -4.34
C GLY B 483 12.17 -1.52 -3.84
N ARG B 484 11.09 -2.03 -3.28
CA ARG B 484 11.07 -3.35 -2.72
C ARG B 484 11.27 -4.39 -3.83
N ILE B 485 12.15 -5.37 -3.56
CA ILE B 485 12.36 -6.52 -4.47
C ILE B 485 11.45 -7.68 -4.04
N LEU B 486 10.62 -8.16 -4.94
CA LEU B 486 9.68 -9.23 -4.67
C LEU B 486 9.97 -10.44 -5.57
N ILE B 487 10.04 -11.59 -4.93
CA ILE B 487 10.38 -12.87 -5.58
C ILE B 487 9.21 -13.79 -5.23
N PRO B 488 8.55 -14.38 -6.24
CA PRO B 488 7.41 -15.27 -5.98
C PRO B 488 7.79 -16.68 -5.60
N SER B 489 7.06 -17.23 -4.64
CA SER B 489 7.22 -18.63 -4.21
C SER B 489 5.91 -19.15 -3.56
N TYR B 490 5.94 -20.43 -3.17
CA TYR B 490 4.78 -21.14 -2.65
C TYR B 490 5.19 -22.35 -1.86
N THR B 491 4.31 -22.82 -1.00
CA THR B 491 4.58 -23.96 -0.09
C THR B 491 3.78 -25.18 -0.41
N GLY B 492 2.78 -25.06 -1.28
CA GLY B 492 1.73 -26.07 -1.49
C GLY B 492 0.42 -25.78 -0.77
N LYS B 493 0.50 -24.91 0.25
CA LYS B 493 -0.64 -24.39 1.06
C LYS B 493 -0.76 -22.89 1.17
N GLU B 494 0.33 -22.17 0.87
CA GLU B 494 0.36 -20.73 0.98
C GLU B 494 1.16 -20.16 -0.14
N SER B 495 0.94 -18.89 -0.47
CA SER B 495 1.91 -18.11 -1.18
C SER B 495 3.00 -17.61 -0.21
N ALA B 496 4.21 -17.51 -0.73
CA ALA B 496 5.32 -16.99 0.02
C ALA B 496 6.01 -15.97 -0.91
N PHE B 497 5.81 -14.71 -0.56
CA PHE B 497 6.32 -13.58 -1.28
C PHE B 497 7.58 -13.14 -0.55
N ILE B 498 8.70 -13.54 -1.14
CA ILE B 498 10.04 -13.26 -0.58
C ILE B 498 10.38 -11.87 -1.04
N TYR B 499 10.83 -11.04 -0.10
CA TYR B 499 11.15 -9.67 -0.43
C TYR B 499 12.37 -9.12 0.28
N SER B 500 12.94 -8.06 -0.30
CA SER B 500 13.99 -7.26 0.34
C SER B 500 13.67 -5.78 0.28
N ASP B 501 13.86 -5.13 1.42
CA ASP B 501 13.68 -3.69 1.53
C ASP B 501 15.05 -2.96 1.63
N ASP B 502 16.16 -3.68 1.46
CA ASP B 502 17.47 -3.06 1.53
C ASP B 502 18.27 -3.40 0.31
N ASN B 503 17.60 -3.33 -0.84
CA ASN B 503 18.22 -3.56 -2.16
CA ASN B 503 18.23 -3.54 -2.14
C ASN B 503 18.92 -4.90 -2.30
N GLY B 504 18.35 -5.92 -1.65
CA GLY B 504 18.86 -7.30 -1.79
C GLY B 504 19.91 -7.76 -0.77
N ALA B 505 20.25 -6.95 0.21
CA ALA B 505 21.20 -7.38 1.18
C ALA B 505 20.55 -8.40 2.13
N SER B 506 19.28 -8.20 2.44
CA SER B 506 18.58 -9.08 3.37
C SER B 506 17.17 -9.40 2.84
N TRP B 507 16.65 -10.56 3.28
CA TRP B 507 15.39 -11.12 2.78
C TRP B 507 14.45 -11.47 3.90
N LYS B 508 13.18 -11.15 3.68
CA LYS B 508 12.07 -11.54 4.52
C LYS B 508 11.00 -12.19 3.65
N VAL B 509 9.90 -12.63 4.26
CA VAL B 509 8.80 -13.25 3.54
C VAL B 509 7.42 -12.85 4.10
N LYS B 510 6.46 -12.60 3.21
CA LYS B 510 5.04 -12.57 3.55
C LYS B 510 4.39 -13.87 3.14
N VAL B 511 3.94 -14.64 4.13
CA VAL B 511 3.31 -15.93 3.96
C VAL B 511 1.79 -15.69 3.96
N VAL B 512 1.11 -16.09 2.90
CA VAL B 512 -0.34 -15.82 2.73
C VAL B 512 -1.07 -17.14 2.58
N PRO B 513 -1.86 -17.53 3.60
CA PRO B 513 -2.61 -18.77 3.44
C PRO B 513 -3.61 -18.73 2.23
N LEU B 514 -3.72 -19.82 1.46
CA LEU B 514 -4.52 -19.85 0.27
C LEU B 514 -5.78 -20.65 0.55
N PRO B 515 -6.80 -20.52 -0.31
CA PRO B 515 -8.06 -21.23 -0.13
C PRO B 515 -7.93 -22.77 -0.12
N SER B 516 -6.93 -23.30 -0.78
CA SER B 516 -6.75 -24.78 -0.85
C SER B 516 -5.27 -25.11 -1.10
N SER B 517 -4.95 -26.36 -1.32
CA SER B 517 -3.58 -26.75 -1.57
C SER B 517 -3.12 -26.44 -3.03
N TRP B 518 -2.96 -25.17 -3.35
CA TRP B 518 -2.51 -24.71 -4.67
C TRP B 518 -1.00 -24.87 -4.86
N SER B 519 -0.60 -25.33 -6.02
CA SER B 519 0.78 -25.17 -6.45
C SER B 519 0.98 -23.75 -6.99
N ALA B 520 1.09 -22.79 -6.08
CA ALA B 520 0.87 -21.34 -6.36
C ALA B 520 2.08 -20.64 -6.99
N GLU B 521 2.56 -21.26 -8.04
CA GLU B 521 3.48 -20.60 -9.00
C GLU B 521 2.88 -19.26 -9.43
N ALA B 522 3.55 -18.18 -9.09
CA ALA B 522 3.06 -16.83 -9.29
C ALA B 522 4.01 -15.93 -10.02
N GLN B 523 3.43 -14.90 -10.61
CA GLN B 523 4.18 -13.80 -11.22
C GLN B 523 3.44 -12.51 -10.87
N PHE B 524 4.21 -11.42 -10.72
CA PHE B 524 3.68 -10.10 -10.33
C PHE B 524 3.49 -9.09 -11.48
N VAL B 525 2.49 -8.23 -11.38
CA VAL B 525 2.52 -6.99 -12.11
C VAL B 525 2.27 -5.84 -11.18
N GLU B 526 2.77 -4.67 -11.55
CA GLU B 526 2.44 -3.42 -10.87
C GLU B 526 1.37 -2.68 -11.67
N LEU B 527 0.24 -2.31 -11.06
CA LEU B 527 -0.83 -1.57 -11.76
C LEU B 527 -0.66 -0.07 -11.70
N SER B 528 -0.19 0.43 -10.55
CA SER B 528 0.09 1.84 -10.25
C SER B 528 1.00 1.84 -9.03
N PRO B 529 1.62 2.99 -8.72
CA PRO B 529 2.59 2.98 -7.63
C PRO B 529 2.01 2.40 -6.32
N GLY B 530 2.70 1.42 -5.75
CA GLY B 530 2.26 0.82 -4.49
C GLY B 530 1.26 -0.32 -4.68
N VAL B 531 0.73 -0.50 -5.90
CA VAL B 531 -0.35 -1.47 -6.15
C VAL B 531 0.16 -2.59 -7.03
N ILE B 532 0.26 -3.77 -6.43
CA ILE B 532 0.76 -4.95 -7.14
C ILE B 532 -0.29 -6.10 -7.17
N GLN B 533 -0.24 -6.90 -8.23
CA GLN B 533 -1.05 -8.11 -8.33
C GLN B 533 -0.20 -9.35 -8.55
N ALA B 534 -0.56 -10.42 -7.87
CA ALA B 534 0.09 -11.70 -8.02
C ALA B 534 -0.89 -12.63 -8.71
N TYR B 535 -0.55 -13.07 -9.93
CA TYR B 535 -1.35 -13.97 -10.74
C TYR B 535 -0.78 -15.35 -10.55
N MET B 536 -1.60 -16.35 -10.24
CA MET B 536 -1.00 -17.65 -9.90
C MET B 536 -1.87 -18.87 -10.28
N ARG B 537 -1.17 -19.99 -10.41
CA ARG B 537 -1.76 -21.31 -10.53
C ARG B 537 -2.54 -21.74 -9.27
N THR B 538 -3.63 -22.47 -9.50
CA THR B 538 -4.45 -23.07 -8.47
C THR B 538 -4.65 -24.55 -8.63
N ASN B 539 -5.35 -25.16 -7.69
CA ASN B 539 -5.85 -26.56 -7.82
C ASN B 539 -7.39 -26.64 -8.18
N ASN B 540 -7.99 -25.55 -8.68
CA ASN B 540 -9.42 -25.52 -8.97
C ASN B 540 -9.81 -25.28 -10.42
N GLY B 541 -8.82 -25.13 -11.30
CA GLY B 541 -9.03 -24.96 -12.72
C GLY B 541 -8.86 -23.53 -13.24
N LYS B 542 -8.85 -22.55 -12.33
CA LYS B 542 -8.77 -21.13 -12.64
C LYS B 542 -7.36 -20.55 -12.32
N ILE B 543 -7.05 -19.41 -12.93
CA ILE B 543 -5.90 -18.54 -12.51
C ILE B 543 -6.46 -17.55 -11.46
N ALA B 544 -5.83 -17.50 -10.30
CA ALA B 544 -6.18 -16.59 -9.22
C ALA B 544 -5.31 -15.31 -9.34
N TYR B 545 -5.83 -14.18 -8.92
CA TYR B 545 -5.00 -13.01 -8.67
C TYR B 545 -5.40 -12.33 -7.36
N LEU B 546 -4.36 -12.01 -6.60
CA LEU B 546 -4.43 -11.37 -5.31
C LEU B 546 -3.82 -9.99 -5.47
N THR B 547 -4.44 -9.01 -4.83
CA THR B 547 -4.03 -7.61 -4.94
C THR B 547 -3.47 -7.10 -3.61
N SER B 548 -2.36 -6.38 -3.71
CA SER B 548 -1.81 -5.61 -2.58
C SER B 548 -1.75 -4.16 -2.98
N LYS B 549 -2.17 -3.30 -2.05
CA LYS B 549 -2.12 -1.87 -2.28
C LYS B 549 -1.09 -1.23 -1.35
N ASP B 550 -0.25 -2.03 -0.72
CA ASP B 550 0.83 -1.49 0.12
C ASP B 550 2.15 -2.17 -0.25
N ALA B 551 2.40 -2.32 -1.54
CA ALA B 551 3.68 -2.81 -2.04
C ALA B 551 4.04 -4.22 -1.52
N GLY B 552 3.00 -5.02 -1.27
CA GLY B 552 3.14 -6.42 -0.94
C GLY B 552 3.10 -6.77 0.52
N THR B 553 2.88 -5.80 1.40
CA THR B 553 2.82 -6.07 2.84
C THR B 553 1.53 -6.88 3.23
N THR B 554 0.38 -6.53 2.66
CA THR B 554 -0.88 -7.24 2.88
C THR B 554 -1.54 -7.48 1.53
N TRP B 555 -2.32 -8.57 1.47
CA TRP B 555 -2.88 -9.11 0.25
C TRP B 555 -4.37 -9.36 0.38
N SER B 556 -5.11 -9.00 -0.65
CA SER B 556 -6.58 -9.21 -0.68
C SER B 556 -6.90 -10.71 -0.75
N ALA B 557 -8.17 -11.04 -0.54
CA ALA B 557 -8.69 -12.38 -0.84
C ALA B 557 -8.56 -12.63 -2.37
N PRO B 558 -8.39 -13.88 -2.80
CA PRO B 558 -8.19 -14.11 -4.21
C PRO B 558 -9.41 -13.83 -5.07
N GLU B 559 -9.19 -13.37 -6.30
CA GLU B 559 -10.23 -13.26 -7.31
C GLU B 559 -9.74 -14.17 -8.45
N TYR B 560 -10.57 -14.43 -9.44
CA TYR B 560 -10.27 -15.43 -10.47
C TYR B 560 -10.58 -14.87 -11.84
N LEU B 561 -9.71 -15.13 -12.83
CA LEU B 561 -9.97 -14.72 -14.17
C LEU B 561 -11.15 -15.50 -14.75
N LYS B 562 -12.04 -14.85 -15.44
CA LYS B 562 -13.24 -15.52 -15.86
C LYS B 562 -13.14 -16.18 -17.24
N PHE B 563 -12.04 -15.95 -17.94
CA PHE B 563 -11.97 -16.30 -19.36
C PHE B 563 -10.90 -17.40 -19.59
N VAL B 564 -10.23 -17.89 -18.55
CA VAL B 564 -9.37 -19.02 -18.66
C VAL B 564 -9.96 -20.22 -17.83
N SER B 565 -9.97 -21.39 -18.44
CA SER B 565 -10.52 -22.59 -17.83
C SER B 565 -9.65 -23.80 -18.14
N ASN B 566 -8.93 -24.26 -17.09
CA ASN B 566 -7.85 -25.22 -17.16
C ASN B 566 -8.17 -26.47 -16.34
N PRO B 567 -7.36 -27.56 -16.50
CA PRO B 567 -7.60 -28.70 -15.64
C PRO B 567 -7.24 -28.32 -14.20
N SER B 568 -7.72 -29.10 -13.29
CA SER B 568 -7.63 -28.83 -11.85
C SER B 568 -6.21 -28.67 -11.33
N TYR B 569 -5.29 -29.46 -11.91
CA TYR B 569 -3.85 -29.38 -11.58
C TYR B 569 -3.11 -28.07 -11.92
N GLY B 570 -3.55 -27.39 -12.97
CA GLY B 570 -3.03 -26.12 -13.39
C GLY B 570 -1.67 -26.21 -14.07
N THR B 571 -1.26 -25.05 -14.49
CA THR B 571 0.02 -24.81 -15.10
C THR B 571 0.56 -23.43 -14.71
N GLN B 572 1.88 -23.31 -14.69
CA GLN B 572 2.53 -22.03 -14.51
C GLN B 572 2.07 -21.07 -15.64
N LEU B 573 2.12 -19.78 -15.34
CA LEU B 573 1.77 -18.76 -16.32
C LEU B 573 2.92 -17.71 -16.41
N SER B 574 2.86 -16.83 -17.41
CA SER B 574 3.73 -15.65 -17.44
C SER B 574 2.91 -14.39 -17.59
N ILE B 575 3.20 -13.36 -16.76
CA ILE B 575 2.56 -12.09 -16.95
C ILE B 575 3.62 -11.02 -16.72
N ILE B 576 3.62 -10.03 -17.59
CA ILE B 576 4.58 -8.92 -17.48
C ILE B 576 3.89 -7.59 -17.64
N ASN B 577 4.53 -6.56 -17.09
CA ASN B 577 4.22 -5.15 -17.46
C ASN B 577 4.84 -4.88 -18.82
N TYR B 578 4.16 -4.10 -19.65
CA TYR B 578 4.65 -3.67 -20.95
C TYR B 578 4.83 -2.15 -20.88
N SER B 579 5.94 -1.65 -21.43
CA SER B 579 6.34 -0.20 -21.21
C SER B 579 5.59 0.79 -22.10
N GLN B 580 4.93 0.34 -23.14
CA GLN B 580 4.29 1.25 -24.08
C GLN B 580 2.78 1.24 -23.90
N LEU B 581 2.15 2.39 -24.15
CA LEU B 581 0.69 2.46 -24.09
C LEU B 581 0.09 1.66 -25.22
N ILE B 582 -1.00 0.98 -24.94
CA ILE B 582 -1.80 0.28 -25.94
C ILE B 582 -3.17 0.88 -25.82
N ASP B 583 -3.70 1.37 -26.97
CA ASP B 583 -4.97 2.11 -27.03
C ASP B 583 -5.01 3.23 -26.00
N GLY B 584 -3.88 3.91 -25.79
CA GLY B 584 -3.78 5.00 -24.82
C GLY B 584 -3.68 4.57 -23.36
N LYS B 585 -3.52 3.26 -23.10
CA LYS B 585 -3.58 2.74 -21.73
C LYS B 585 -2.35 1.92 -21.37
N LYS B 586 -2.07 1.90 -20.07
CA LYS B 586 -1.02 1.07 -19.50
C LYS B 586 -1.44 -0.40 -19.69
N ALA B 587 -0.52 -1.24 -20.13
CA ALA B 587 -0.84 -2.65 -20.43
C ALA B 587 -0.03 -3.69 -19.69
N VAL B 588 -0.68 -4.84 -19.48
CA VAL B 588 -0.03 -6.03 -19.10
C VAL B 588 -0.25 -7.09 -20.18
N ILE B 589 0.65 -8.06 -20.22
CA ILE B 589 0.58 -9.16 -21.20
C ILE B 589 0.70 -10.49 -20.48
N LEU B 590 -0.24 -11.38 -20.75
CA LEU B 590 -0.34 -12.68 -20.05
C LEU B 590 -0.21 -13.85 -21.02
N SER B 591 0.56 -14.88 -20.64
CA SER B 591 0.69 -16.16 -21.39
C SER B 591 0.29 -17.32 -20.52
N THR B 592 -0.57 -18.21 -21.05
CA THR B 592 -1.10 -19.37 -20.33
C THR B 592 -1.72 -20.38 -21.29
N PRO B 593 -1.67 -21.66 -20.96
CA PRO B 593 -2.65 -22.49 -21.69
C PRO B 593 -4.07 -22.17 -21.24
N ASN B 594 -5.05 -22.63 -22.02
CA ASN B 594 -6.47 -22.37 -21.79
C ASN B 594 -7.28 -23.49 -22.38
N SER B 595 -7.46 -24.54 -21.59
CA SER B 595 -8.06 -25.81 -22.04
C SER B 595 -8.24 -26.69 -20.84
N THR B 596 -9.45 -27.26 -20.74
CA THR B 596 -9.71 -28.30 -19.73
C THR B 596 -9.28 -29.68 -20.21
N ASN B 597 -8.83 -29.82 -21.45
CA ASN B 597 -8.37 -31.13 -21.97
C ASN B 597 -6.92 -31.51 -21.66
N GLY B 598 -6.13 -30.57 -21.15
CA GLY B 598 -4.69 -30.79 -20.95
C GLY B 598 -3.96 -29.46 -20.94
N ARG B 599 -2.64 -29.54 -21.00
CA ARG B 599 -1.81 -28.33 -21.13
C ARG B 599 -1.74 -28.04 -22.58
N LYS B 600 -2.75 -27.26 -23.00
CA LYS B 600 -3.01 -27.00 -24.43
C LYS B 600 -3.55 -25.59 -24.66
N HIS B 601 -3.62 -25.23 -25.94
CA HIS B 601 -4.34 -24.06 -26.42
C HIS B 601 -3.75 -22.78 -25.75
N GLY B 602 -2.45 -22.57 -25.97
CA GLY B 602 -1.74 -21.40 -25.56
C GLY B 602 -2.39 -20.15 -26.05
N GLN B 603 -2.52 -19.20 -25.14
CA GLN B 603 -2.99 -17.89 -25.50
C GLN B 603 -2.17 -16.80 -24.89
N ILE B 604 -2.07 -15.70 -25.62
CA ILE B 604 -1.47 -14.49 -25.15
C ILE B 604 -2.60 -13.44 -25.06
N TRP B 605 -2.75 -12.88 -23.88
CA TRP B 605 -3.79 -11.89 -23.56
C TRP B 605 -3.19 -10.55 -23.23
N ILE B 606 -3.80 -9.51 -23.81
CA ILE B 606 -3.47 -8.09 -23.47
C ILE B 606 -4.53 -7.55 -22.55
N GLY B 607 -4.07 -7.03 -21.41
CA GLY B 607 -4.94 -6.42 -20.46
C GLY B 607 -4.57 -4.96 -20.30
N LEU B 608 -5.57 -4.10 -20.42
CA LEU B 608 -5.35 -2.68 -20.32
C LEU B 608 -5.88 -2.22 -18.95
N ILE B 609 -5.05 -1.48 -18.27
CA ILE B 609 -5.33 -1.06 -16.90
C ILE B 609 -6.20 0.17 -16.92
N ASN B 610 -7.29 0.11 -16.15
CA ASN B 610 -8.23 1.24 -16.00
C ASN B 610 -7.87 2.14 -14.85
N ASP B 611 -8.46 3.34 -14.87
CA ASP B 611 -8.26 4.33 -13.82
C ASP B 611 -8.44 3.81 -12.42
N ASP B 612 -9.41 2.91 -12.24
CA ASP B 612 -9.70 2.34 -10.94
C ASP B 612 -8.85 1.06 -10.64
N ASN B 613 -7.80 0.82 -11.42
CA ASN B 613 -6.99 -0.40 -11.34
C ASN B 613 -7.63 -1.78 -11.64
N THR B 614 -8.89 -1.84 -12.09
CA THR B 614 -9.36 -3.05 -12.78
C THR B 614 -8.67 -3.11 -14.16
N ILE B 615 -8.68 -4.30 -14.75
CA ILE B 615 -8.06 -4.57 -16.04
C ILE B 615 -9.15 -4.92 -17.07
N ASP B 616 -9.13 -4.24 -18.22
CA ASP B 616 -9.92 -4.59 -19.41
C ASP B 616 -9.09 -5.59 -20.26
N TRP B 617 -9.49 -6.85 -20.21
CA TRP B 617 -8.76 -7.90 -20.95
C TRP B 617 -9.25 -7.90 -22.40
N ARG B 618 -8.70 -6.97 -23.15
CA ARG B 618 -9.33 -6.51 -24.38
C ARG B 618 -8.97 -7.40 -25.59
N TYR B 619 -7.77 -7.99 -25.59
CA TYR B 619 -7.32 -8.77 -26.76
C TYR B 619 -6.77 -10.12 -26.36
N HIS B 620 -6.94 -11.10 -27.23
CA HIS B 620 -6.18 -12.37 -27.07
C HIS B 620 -5.73 -12.88 -28.44
N HIS B 621 -4.62 -13.63 -28.40
CA HIS B 621 -4.04 -14.30 -29.54
C HIS B 621 -3.83 -15.80 -29.21
N ASP B 622 -4.42 -16.68 -30.04
CA ASP B 622 -4.13 -18.11 -30.01
C ASP B 622 -2.80 -18.45 -30.66
N VAL B 623 -1.89 -19.07 -29.89
CA VAL B 623 -0.53 -19.30 -30.37
C VAL B 623 -0.48 -20.33 -31.52
N ASP B 624 -1.20 -21.42 -31.39
CA ASP B 624 -1.29 -22.44 -32.46
C ASP B 624 -2.72 -22.98 -32.31
N TYR B 625 -3.07 -24.09 -32.98
CA TYR B 625 -4.42 -24.67 -32.85
C TYR B 625 -4.73 -25.15 -31.44
N SER B 626 -6.01 -25.24 -31.14
CA SER B 626 -6.47 -25.49 -29.77
C SER B 626 -6.04 -26.82 -29.15
N ASN B 627 -5.85 -27.86 -29.97
CA ASN B 627 -5.43 -29.14 -29.40
C ASN B 627 -3.89 -29.34 -29.30
N TYR B 628 -3.13 -28.33 -29.70
CA TYR B 628 -1.67 -28.40 -29.69
C TYR B 628 -1.22 -28.10 -28.25
N GLY B 629 -0.08 -28.66 -27.90
CA GLY B 629 0.46 -28.61 -26.55
C GLY B 629 1.04 -27.24 -26.27
N TYR B 630 0.90 -26.84 -25.00
CA TYR B 630 1.35 -25.57 -24.52
C TYR B 630 1.37 -25.63 -22.99
N SER B 631 2.57 -25.66 -22.43
CA SER B 631 2.74 -25.81 -20.99
C SER B 631 3.40 -24.59 -20.35
N TYR B 632 4.52 -24.74 -19.65
CA TYR B 632 5.22 -23.56 -19.09
C TYR B 632 5.71 -22.54 -20.14
N SER B 633 5.64 -21.24 -19.80
CA SER B 633 5.92 -20.16 -20.75
C SER B 633 6.49 -18.96 -20.08
N THR B 634 7.05 -18.08 -20.89
CA THR B 634 7.76 -16.92 -20.41
C THR B 634 7.75 -15.84 -21.48
N LEU B 635 7.34 -14.67 -21.04
CA LEU B 635 7.27 -13.46 -21.84
C LEU B 635 8.37 -12.44 -21.42
N THR B 636 8.86 -11.71 -22.38
CA THR B 636 9.67 -10.52 -22.14
C THR B 636 9.37 -9.47 -23.24
N GLU B 637 9.44 -8.20 -22.84
CA GLU B 637 9.49 -7.10 -23.79
C GLU B 637 10.91 -6.88 -24.36
N LEU B 638 11.00 -6.94 -25.67
CA LEU B 638 12.28 -6.77 -26.31
C LEU B 638 12.56 -5.28 -26.34
N PRO B 639 13.85 -4.86 -26.49
CA PRO B 639 14.21 -3.48 -26.61
C PRO B 639 13.46 -2.66 -27.65
N ASN B 640 13.10 -3.28 -28.73
CA ASN B 640 12.32 -2.64 -29.79
C ASN B 640 10.82 -2.62 -29.54
N HIS B 641 10.37 -3.11 -28.38
CA HIS B 641 8.96 -3.11 -27.95
C HIS B 641 8.08 -4.19 -28.56
N GLU B 642 8.69 -5.12 -29.28
CA GLU B 642 8.06 -6.38 -29.62
C GLU B 642 8.15 -7.32 -28.41
N ILE B 643 7.50 -8.45 -28.53
CA ILE B 643 7.36 -9.39 -27.40
C ILE B 643 8.03 -10.69 -27.76
N GLY B 644 8.89 -11.16 -26.85
CA GLY B 644 9.47 -12.44 -26.99
C GLY B 644 8.73 -13.46 -26.11
N LEU B 645 8.56 -14.66 -26.64
CA LEU B 645 7.92 -15.74 -25.97
C LEU B 645 8.75 -16.99 -26.16
N MET B 646 9.03 -17.64 -25.05
CA MET B 646 9.54 -19.03 -25.08
C MET B 646 8.60 -19.90 -24.29
N PHE B 647 8.34 -21.10 -24.79
CA PHE B 647 7.36 -21.97 -24.16
C PHE B 647 7.57 -23.44 -24.47
N GLU B 648 6.98 -24.28 -23.63
CA GLU B 648 7.04 -25.72 -23.76
C GLU B 648 5.95 -26.08 -24.70
N LYS B 649 6.28 -26.45 -25.94
CA LYS B 649 5.32 -26.73 -26.96
C LYS B 649 4.99 -28.24 -26.95
N PHE B 650 4.43 -28.65 -25.82
CA PHE B 650 4.07 -30.02 -25.54
C PHE B 650 3.29 -29.94 -24.25
N ASP B 651 2.70 -31.06 -23.84
CA ASP B 651 1.96 -31.14 -22.60
C ASP B 651 2.93 -31.77 -21.60
N SER B 652 3.40 -30.94 -20.68
CA SER B 652 4.44 -31.37 -19.71
C SER B 652 3.86 -32.09 -18.48
N TRP B 653 2.54 -32.21 -18.41
CA TRP B 653 1.84 -33.03 -17.39
C TRP B 653 1.67 -34.44 -17.85
N SER B 654 1.35 -34.59 -19.13
CA SER B 654 0.99 -35.91 -19.69
C SER B 654 2.10 -36.90 -19.59
N ARG B 655 1.76 -38.14 -19.16
CA ARG B 655 2.70 -39.25 -19.08
C ARG B 655 3.06 -39.81 -20.48
N ASN B 656 2.31 -39.42 -21.50
CA ASN B 656 2.54 -39.80 -22.86
C ASN B 656 3.53 -38.87 -23.59
N GLU B 657 3.82 -37.68 -23.03
CA GLU B 657 4.65 -36.69 -23.68
C GLU B 657 6.00 -36.43 -22.94
N LEU B 658 6.39 -37.40 -22.11
CA LEU B 658 7.63 -37.37 -21.36
C LEU B 658 8.83 -37.54 -22.26
N HIS B 659 9.95 -36.89 -21.91
CA HIS B 659 11.30 -37.21 -22.43
C HIS B 659 11.39 -37.00 -23.95
N MET B 660 10.84 -35.84 -24.36
CA MET B 660 10.88 -35.41 -25.78
C MET B 660 11.92 -34.32 -26.01
N LYS B 661 12.64 -34.50 -27.11
CA LYS B 661 13.70 -33.55 -27.51
C LYS B 661 13.21 -32.36 -28.36
N ASN B 662 13.92 -31.24 -28.22
CA ASN B 662 13.68 -30.09 -29.15
C ASN B 662 12.22 -29.62 -29.29
N VAL B 663 11.65 -29.34 -28.13
CA VAL B 663 10.28 -28.97 -27.98
C VAL B 663 10.01 -27.66 -27.19
N VAL B 664 11.01 -26.76 -27.05
CA VAL B 664 10.82 -25.49 -26.31
C VAL B 664 11.27 -24.35 -27.22
N PRO B 665 10.42 -23.94 -28.15
CA PRO B 665 10.83 -22.89 -29.06
C PRO B 665 10.71 -21.52 -28.50
N TYR B 666 11.38 -20.60 -29.21
CA TYR B 666 11.23 -19.14 -28.96
C TYR B 666 10.53 -18.53 -30.14
N ILE B 667 9.55 -17.66 -29.93
CA ILE B 667 8.87 -16.87 -30.99
C ILE B 667 8.69 -15.43 -30.59
N THR B 668 8.36 -14.60 -31.56
CA THR B 668 8.15 -13.15 -31.35
C THR B 668 6.90 -12.62 -32.01
N PHE B 669 6.33 -11.63 -31.36
CA PHE B 669 5.10 -11.00 -31.79
C PHE B 669 5.27 -9.51 -31.73
N LYS B 670 4.63 -8.84 -32.67
CA LYS B 670 4.40 -7.41 -32.58
C LYS B 670 3.08 -7.27 -31.84
N ILE B 671 2.84 -6.10 -31.24
CA ILE B 671 1.56 -5.87 -30.61
C ILE B 671 0.40 -6.06 -31.62
N GLU B 672 0.61 -5.64 -32.86
CA GLU B 672 -0.44 -5.82 -33.87
C GLU B 672 -0.74 -7.32 -34.15
N ASP B 673 0.23 -8.17 -34.00
CA ASP B 673 -0.01 -9.64 -34.08
C ASP B 673 -0.87 -10.11 -32.92
N LEU B 674 -0.59 -9.61 -31.70
CA LEU B 674 -1.32 -10.04 -30.51
C LEU B 674 -2.76 -9.54 -30.44
N LYS B 675 -3.09 -8.49 -31.16
CA LYS B 675 -4.47 -8.03 -31.21
C LYS B 675 -5.41 -8.97 -31.97
N LYS B 676 -4.85 -9.86 -32.78
CA LYS B 676 -5.63 -10.75 -33.63
C LYS B 676 -5.76 -12.12 -33.02
N ASN B 677 -6.98 -12.62 -32.86
CA ASN B 677 -7.20 -13.97 -32.31
C ASN B 677 -6.36 -15.05 -33.01
C1 DAN C . -18.67 23.38 19.49
C2 DAN C . -18.60 23.60 18.03
C3 DAN C . -17.53 24.10 17.40
C4 DAN C . -17.38 23.97 15.91
C5 DAN C . -18.75 24.05 15.27
C6 DAN C . -19.62 22.95 15.91
C7 DAN C . -21.06 22.91 15.38
C8 DAN C . -21.88 21.86 16.12
C9 DAN C . -23.32 21.76 15.60
C10 DAN C . -19.40 24.65 12.95
C11 DAN C . -19.03 24.38 11.51
N5 DAN C . -18.62 23.97 13.82
O1A DAN C . -19.59 22.64 19.95
O1B DAN C . -17.82 23.89 20.24
O4 DAN C . -16.49 24.96 15.36
O6 DAN C . -19.73 23.10 17.30
O7 DAN C . -21.71 24.21 15.39
O8 DAN C . -21.26 20.56 15.99
O9 DAN C . -24.01 20.81 16.42
O10 DAN C . -20.36 25.39 13.25
S SO4 D . -25.02 35.13 33.12
O1 SO4 D . -25.97 35.04 31.99
O2 SO4 D . -23.79 35.82 32.65
O3 SO4 D . -24.68 33.76 33.59
O4 SO4 D . -25.62 35.97 34.18
S SO4 E . 7.55 22.01 29.93
O1 SO4 E . 6.44 22.22 28.96
O2 SO4 E . 8.83 21.84 29.19
O3 SO4 E . 7.30 20.76 30.69
O4 SO4 E . 7.62 23.17 30.86
S SO4 F . -15.26 14.71 38.35
O1 SO4 F . -15.26 15.49 37.08
O2 SO4 F . -16.12 13.51 38.22
O3 SO4 F . -13.86 14.28 38.69
O4 SO4 F . -15.76 15.57 39.44
S SO4 G . -35.69 35.27 -12.74
O1 SO4 G . -36.43 34.96 -13.99
O2 SO4 G . -34.76 36.34 -13.09
O3 SO4 G . -34.96 34.09 -12.22
O4 SO4 G . -36.60 35.79 -11.69
S SO4 H . -14.37 29.85 54.97
O1 SO4 H . -14.33 30.98 54.02
O2 SO4 H . -15.69 29.21 54.88
O3 SO4 H . -13.31 28.87 54.63
O4 SO4 H . -14.14 30.35 56.36
C1 DAN I . 4.86 -28.96 -13.35
C2 DAN I . 5.97 -28.63 -12.43
C3 DAN I . 7.15 -28.09 -12.81
C4 DAN I . 8.16 -27.61 -11.79
C5 DAN I . 7.95 -28.36 -10.48
C6 DAN I . 6.48 -28.22 -10.07
C7 DAN I . 6.10 -28.89 -8.74
C8 DAN I . 4.59 -28.86 -8.50
C9 DAN I . 4.27 -29.48 -7.13
C10 DAN I . 9.43 -28.69 -8.52
C11 DAN I . 10.37 -27.98 -7.60
N5 DAN I . 8.87 -27.89 -9.47
O1A DAN I . 5.06 -29.16 -14.55
O1B DAN I . 3.71 -29.01 -12.86
O4 DAN I . 9.51 -27.78 -12.27
O6 DAN I . 5.67 -28.85 -11.04
O7 DAN I . 6.55 -30.26 -8.70
O8 DAN I . 4.11 -27.50 -8.60
O9 DAN I . 2.86 -29.41 -6.85
O10 DAN I . 9.20 -29.88 -8.34
S SO4 J . -0.05 -45.37 -22.41
O1 SO4 J . 0.90 -44.41 -23.04
O2 SO4 J . -1.44 -44.96 -22.78
O3 SO4 J . 0.19 -46.77 -22.89
O4 SO4 J . 0.11 -45.30 -20.94
S SO4 K . 9.40 -14.98 -37.37
O1 SO4 K . 9.60 -16.21 -38.17
O2 SO4 K . 8.01 -14.47 -37.58
O3 SO4 K . 10.36 -13.93 -37.78
O4 SO4 K . 9.57 -15.31 -35.93
S SO4 L . -10.87 -25.64 -26.38
O1 SO4 L . -10.98 -25.55 -27.85
O2 SO4 L . -11.78 -24.64 -25.76
O3 SO4 L . -9.49 -25.34 -25.95
O4 SO4 L . -11.22 -27.00 -25.93
S SO4 M . 24.53 -39.77 17.74
O1 SO4 M . 24.84 -40.77 16.71
O2 SO4 M . 24.25 -38.49 17.01
O3 SO4 M . 25.63 -39.67 18.73
O4 SO4 M . 23.29 -40.20 18.45
S SO4 N . -12.21 -41.00 -43.26
O1 SO4 N . -12.61 -41.45 -44.61
O2 SO4 N . -11.93 -39.53 -43.28
O3 SO4 N . -10.98 -41.71 -42.78
O4 SO4 N . -13.33 -41.28 -42.33
#